data_5C0Q
#
_entry.id   5C0Q
#
_cell.length_a   158.843
_cell.length_b   158.843
_cell.length_c   520.569
_cell.angle_alpha   90.00
_cell.angle_beta   90.00
_cell.angle_gamma   120.00
#
_symmetry.space_group_name_H-M   'H 3 2'
#
loop_
_entity.id
_entity.type
_entity.pdbx_description
1 polymer Beta-N-acetylhexosaminidase
2 non-polymer 'ZINC ION'
#
_entity_poly.entity_id   1
_entity_poly.type   'polypeptide(L)'
_entity_poly.pdbx_seq_one_letter_code
;MDVDLGKLFFCGFDDFNEEAREVIQKYRPAGVLIYPGVLSKEYLFLDFMNFLSRNGRFIVSSDHEGGQLEVLKYVPSFPG
NLAAGKVDPVFTGRYCEMAGRIMNTLGFNMVFAPVLDLLSEKGSAVVDLRSFGSDPEVVASHGMEACMGYFKGGVIPCIK
HFPGHGKTADDSHYLLPTVNASFEELWREDLLPFRRIFQSRVKTAVMTAHVKYPAVDDLPATLSKKLITEVLREKLNFKG
LVLSDAMEMKAISENFSVEEAVRFFIEAGGNMILLDNFRDLPVYYESLKKLIEDGSIERGKVERSIKIVDEYLSALENRF
NSGLIAEVAERAIECTRMRKELLGREVVLLVPSNKNLSPADTTGDDYDLIPEVAKRFFKVRDVIRYDIEAGPDDVDGELI
FDFVVNASKNEQVLQAHLSLPSDRTIYFIIRNPFDAKFFPGRSVVITHSTKPISVYKSFQHLLGRCS
;
_entity_poly.pdbx_strand_id   A,B,C,D
#
loop_
_chem_comp.id
_chem_comp.type
_chem_comp.name
_chem_comp.formula
ZN non-polymer 'ZINC ION' 'Zn 2'
#
# COMPACT_ATOMS: atom_id res chain seq x y z
N ASP A 4 24.84 -23.46 -1.12
CA ASP A 4 24.52 -22.26 -1.88
C ASP A 4 25.16 -21.00 -1.25
N LEU A 5 26.46 -20.91 -1.42
CA LEU A 5 27.25 -19.84 -0.86
C LEU A 5 26.99 -18.50 -1.52
N GLY A 6 26.23 -18.51 -2.60
CA GLY A 6 26.07 -17.29 -3.36
C GLY A 6 25.32 -16.28 -2.53
N LYS A 7 24.56 -16.80 -1.58
CA LYS A 7 23.80 -15.95 -0.68
C LYS A 7 24.67 -15.03 0.17
N LEU A 8 25.97 -15.28 0.19
CA LEU A 8 26.92 -14.43 0.90
C LEU A 8 27.55 -13.38 -0.01
N PHE A 9 27.02 -13.25 -1.23
CA PHE A 9 27.58 -12.27 -2.16
C PHE A 9 26.61 -11.26 -2.69
N PHE A 10 27.11 -10.05 -2.84
CA PHE A 10 26.35 -8.94 -3.34
C PHE A 10 27.23 -8.37 -4.45
N CYS A 11 26.77 -8.42 -5.69
CA CYS A 11 27.60 -8.09 -6.84
C CYS A 11 27.16 -6.83 -7.57
N GLY A 12 28.12 -6.02 -7.97
CA GLY A 12 27.88 -4.82 -8.73
C GLY A 12 27.94 -5.20 -10.20
N PHE A 13 27.09 -4.58 -11.02
CA PHE A 13 27.02 -4.83 -12.45
C PHE A 13 27.14 -3.50 -13.18
N ASP A 14 28.20 -3.34 -13.97
CA ASP A 14 28.40 -2.16 -14.78
C ASP A 14 27.94 -2.48 -16.22
N ASP A 15 27.54 -3.73 -16.42
CA ASP A 15 27.10 -4.17 -17.71
C ASP A 15 26.15 -5.36 -17.55
N PHE A 16 25.36 -5.61 -18.58
CA PHE A 16 24.49 -6.78 -18.62
C PHE A 16 24.69 -7.51 -19.93
N ASN A 17 25.08 -8.77 -19.86
CA ASN A 17 25.51 -9.53 -21.03
C ASN A 17 25.46 -11.01 -20.70
N GLU A 18 26.07 -11.87 -21.49
CA GLU A 18 25.90 -13.30 -21.24
C GLU A 18 26.84 -13.73 -20.11
N GLU A 19 27.92 -13.00 -19.89
CA GLU A 19 28.79 -13.36 -18.78
C GLU A 19 28.04 -13.12 -17.47
N ALA A 20 27.42 -11.94 -17.37
CA ALA A 20 26.58 -11.60 -16.24
C ALA A 20 25.54 -12.67 -16.06
N ARG A 21 24.88 -13.07 -17.14
CA ARG A 21 23.90 -14.11 -17.04
C ARG A 21 24.53 -15.42 -16.63
N GLU A 22 25.72 -15.73 -17.15
CA GLU A 22 26.43 -16.95 -16.77
C GLU A 22 26.77 -16.93 -15.29
N VAL A 23 27.36 -15.84 -14.85
CA VAL A 23 27.79 -15.69 -13.46
C VAL A 23 26.61 -15.78 -12.50
N ILE A 24 25.49 -15.14 -12.83
CA ILE A 24 24.33 -15.15 -11.97
C ILE A 24 23.73 -16.56 -11.88
N GLN A 25 23.73 -17.27 -12.99
CA GLN A 25 23.07 -18.56 -13.01
C GLN A 25 23.92 -19.64 -12.38
N LYS A 26 25.22 -19.50 -12.48
CA LYS A 26 26.09 -20.49 -11.91
C LYS A 26 26.25 -20.33 -10.40
N TYR A 27 26.46 -19.10 -9.93
CA TYR A 27 26.76 -18.84 -8.52
C TYR A 27 25.60 -18.42 -7.63
N ARG A 28 24.51 -17.98 -8.25
CA ARG A 28 23.35 -17.45 -7.56
C ARG A 28 23.62 -16.48 -6.43
N PRO A 29 24.23 -15.32 -6.72
CA PRO A 29 24.37 -14.30 -5.68
C PRO A 29 23.01 -13.83 -5.26
N ALA A 30 22.87 -13.51 -3.97
CA ALA A 30 21.60 -13.07 -3.45
C ALA A 30 21.35 -11.61 -3.75
N GLY A 31 22.44 -10.87 -3.91
CA GLY A 31 22.42 -9.43 -4.07
C GLY A 31 22.92 -8.93 -5.41
N VAL A 32 22.17 -8.01 -5.99
CA VAL A 32 22.49 -7.38 -7.25
C VAL A 32 22.48 -5.89 -7.05
N LEU A 33 23.61 -5.27 -7.32
CA LEU A 33 23.77 -3.83 -7.28
C LEU A 33 23.99 -3.35 -8.70
N ILE A 34 23.16 -2.39 -9.10
CA ILE A 34 23.15 -1.95 -10.47
C ILE A 34 23.84 -0.63 -10.61
N TYR A 35 24.87 -0.59 -11.42
CA TYR A 35 25.67 0.60 -11.57
C TYR A 35 25.23 1.43 -12.80
N PRO A 36 25.65 2.69 -12.88
CA PRO A 36 25.37 3.59 -14.00
C PRO A 36 25.66 3.00 -15.40
N GLY A 37 26.64 2.13 -15.49
CA GLY A 37 26.94 1.36 -16.68
C GLY A 37 25.71 0.64 -17.24
N VAL A 38 24.83 0.20 -16.36
CA VAL A 38 23.55 -0.34 -16.79
C VAL A 38 22.44 0.73 -16.81
N LEU A 39 22.36 1.55 -15.78
CA LEU A 39 21.27 2.51 -15.64
C LEU A 39 21.24 3.55 -16.76
N SER A 40 22.41 3.94 -17.23
CA SER A 40 22.49 4.96 -18.24
C SER A 40 22.01 4.45 -19.59
N LYS A 41 21.85 3.14 -19.69
CA LYS A 41 21.25 2.55 -20.88
C LYS A 41 19.97 1.86 -20.52
N GLU A 42 18.88 2.60 -20.61
CA GLU A 42 17.60 2.12 -20.18
C GLU A 42 17.22 0.75 -20.81
N TYR A 43 17.56 0.53 -22.07
CA TYR A 43 17.29 -0.78 -22.65
C TYR A 43 17.98 -1.91 -21.86
N LEU A 44 19.23 -1.70 -21.42
CA LEU A 44 19.93 -2.72 -20.64
C LEU A 44 19.34 -2.83 -19.26
N PHE A 45 19.02 -1.71 -18.64
CA PHE A 45 18.40 -1.74 -17.34
C PHE A 45 17.12 -2.57 -17.33
N LEU A 46 16.23 -2.31 -18.29
CA LEU A 46 14.99 -3.02 -18.45
C LEU A 46 15.21 -4.48 -18.76
N ASP A 47 16.13 -4.79 -19.64
CA ASP A 47 16.35 -6.18 -19.94
C ASP A 47 16.92 -6.92 -18.72
N PHE A 48 17.86 -6.30 -18.01
CA PHE A 48 18.40 -6.88 -16.80
C PHE A 48 17.28 -7.16 -15.77
N MET A 49 16.39 -6.21 -15.54
CA MET A 49 15.32 -6.46 -14.60
C MET A 49 14.45 -7.63 -14.97
N ASN A 50 14.12 -7.74 -16.25
CA ASN A 50 13.36 -8.86 -16.76
C ASN A 50 14.10 -10.18 -16.51
N PHE A 51 15.40 -10.20 -16.76
CA PHE A 51 16.19 -11.38 -16.48
C PHE A 51 16.11 -11.77 -14.98
N LEU A 52 16.23 -10.80 -14.10
CA LEU A 52 16.23 -11.08 -12.69
C LEU A 52 14.88 -11.67 -12.22
N SER A 53 13.79 -11.20 -12.76
CA SER A 53 12.48 -11.72 -12.35
C SER A 53 12.28 -13.19 -12.70
N ARG A 54 13.09 -13.72 -13.61
CA ARG A 54 13.01 -15.12 -14.04
C ARG A 54 14.07 -16.06 -13.44
N ASN A 55 14.93 -15.55 -12.59
CA ASN A 55 16.00 -16.35 -12.08
C ASN A 55 16.09 -16.35 -10.58
N GLY A 56 14.95 -16.36 -9.92
CA GLY A 56 14.94 -16.48 -8.49
C GLY A 56 14.75 -15.16 -7.82
N ARG A 57 15.09 -15.11 -6.55
CA ARG A 57 14.87 -13.95 -5.74
C ARG A 57 16.15 -13.27 -5.52
N PHE A 58 16.13 -11.95 -5.57
CA PHE A 58 17.32 -11.16 -5.40
C PHE A 58 17.10 -10.02 -4.47
N ILE A 59 18.15 -9.58 -3.80
CA ILE A 59 18.09 -8.26 -3.22
C ILE A 59 18.65 -7.32 -4.29
N VAL A 60 17.85 -6.36 -4.71
CA VAL A 60 18.26 -5.44 -5.75
C VAL A 60 18.37 -4.02 -5.23
N SER A 61 19.54 -3.45 -5.41
CA SER A 61 19.88 -2.19 -4.80
C SER A 61 20.57 -1.25 -5.77
N SER A 62 20.64 0.01 -5.39
CA SER A 62 21.42 1.04 -6.04
C SER A 62 22.09 1.96 -5.01
N ASP A 63 23.01 2.81 -5.47
CA ASP A 63 23.59 3.89 -4.66
C ASP A 63 22.89 5.24 -4.71
N HIS A 64 21.60 5.26 -5.01
CA HIS A 64 20.92 6.51 -5.12
C HIS A 64 20.65 7.13 -3.76
N GLU A 65 21.57 7.97 -3.30
CA GLU A 65 21.51 8.61 -1.98
C GLU A 65 20.69 9.86 -2.01
N GLY A 66 20.54 10.40 -3.21
CA GLY A 66 20.07 11.75 -3.37
C GLY A 66 21.25 12.70 -3.27
N GLY A 67 21.09 13.91 -3.77
CA GLY A 67 22.13 14.90 -3.71
C GLY A 67 23.30 14.59 -4.59
N GLN A 68 24.48 14.54 -4.01
CA GLN A 68 25.68 14.45 -4.79
C GLN A 68 25.75 13.13 -5.53
N LEU A 69 25.29 12.06 -4.92
CA LEU A 69 25.28 10.78 -5.57
C LEU A 69 23.89 10.37 -6.07
N GLU A 70 23.63 10.61 -7.36
CA GLU A 70 22.35 10.24 -7.95
C GLU A 70 22.52 9.41 -9.20
N VAL A 71 21.82 8.28 -9.26
CA VAL A 71 22.02 7.35 -10.33
C VAL A 71 20.74 6.92 -11.00
N LEU A 72 19.59 7.22 -10.40
CA LEU A 72 18.33 6.87 -11.00
C LEU A 72 17.65 8.11 -11.55
N LYS A 73 17.52 8.20 -12.86
CA LYS A 73 16.87 9.37 -13.44
C LYS A 73 15.37 9.42 -13.08
N TYR A 74 14.81 8.28 -12.68
CA TYR A 74 13.42 8.12 -12.28
C TYR A 74 13.06 8.77 -10.95
N VAL A 75 14.06 9.08 -10.15
CA VAL A 75 13.82 9.76 -8.88
C VAL A 75 14.15 11.22 -8.98
N PRO A 76 13.21 12.09 -8.64
CA PRO A 76 13.55 13.50 -8.72
C PRO A 76 14.77 13.84 -7.87
N SER A 77 15.58 14.75 -8.36
CA SER A 77 16.83 15.15 -7.77
C SER A 77 16.62 15.93 -6.45
N PHE A 78 17.49 15.68 -5.49
CA PHE A 78 17.37 16.15 -4.12
C PHE A 78 18.60 16.98 -3.78
N PRO A 79 18.44 18.09 -3.08
CA PRO A 79 19.61 18.88 -2.68
C PRO A 79 20.66 18.04 -1.94
N GLY A 80 20.23 17.07 -1.16
CA GLY A 80 21.17 16.20 -0.51
C GLY A 80 21.08 16.31 1.00
N ASN A 81 21.85 15.48 1.67
CA ASN A 81 21.82 15.40 3.14
C ASN A 81 22.24 16.69 3.86
N LEU A 82 23.24 17.39 3.36
CA LEU A 82 23.68 18.58 4.05
C LEU A 82 22.54 19.60 4.10
N ALA A 83 21.83 19.77 2.99
CA ALA A 83 20.68 20.63 2.99
C ALA A 83 19.54 20.07 3.85
N ALA A 84 19.31 18.77 3.79
CA ALA A 84 18.27 18.16 4.61
C ALA A 84 18.45 18.37 6.11
N GLY A 85 19.70 18.25 6.58
CA GLY A 85 20.09 18.50 7.97
C GLY A 85 19.66 19.85 8.49
N LYS A 86 19.58 20.85 7.62
CA LYS A 86 19.15 22.16 8.04
C LYS A 86 17.67 22.21 8.29
N VAL A 87 16.96 21.14 7.94
CA VAL A 87 15.53 21.24 7.86
C VAL A 87 14.84 20.26 8.78
N ASP A 88 13.62 20.56 9.19
CA ASP A 88 12.75 19.60 9.87
C ASP A 88 12.89 18.19 9.25
N PRO A 89 13.37 17.23 10.06
CA PRO A 89 13.69 15.87 9.58
C PRO A 89 12.49 15.15 8.94
N VAL A 90 11.28 15.61 9.20
CA VAL A 90 10.12 15.01 8.54
C VAL A 90 10.26 15.06 7.00
N PHE A 91 10.91 16.09 6.48
CA PHE A 91 11.15 16.24 5.07
C PHE A 91 12.11 15.22 4.53
N THR A 92 13.01 14.73 5.36
CA THR A 92 13.93 13.69 4.96
C THR A 92 13.16 12.39 4.82
N GLY A 93 12.23 12.18 5.74
CA GLY A 93 11.36 11.03 5.76
C GLY A 93 10.48 11.02 4.54
N ARG A 94 9.91 12.17 4.23
CA ARG A 94 9.07 12.26 3.03
C ARG A 94 9.87 12.02 1.75
N TYR A 95 11.07 12.58 1.67
CA TYR A 95 11.86 12.41 0.47
C TYR A 95 12.12 10.95 0.19
N CYS A 96 12.55 10.26 1.23
CA CYS A 96 12.96 8.87 1.16
C CYS A 96 11.76 7.92 0.92
N GLU A 97 10.59 8.31 1.37
CA GLU A 97 9.41 7.52 1.05
C GLU A 97 9.14 7.61 -0.44
N MET A 98 9.17 8.82 -0.96
CA MET A 98 8.97 9.12 -2.36
C MET A 98 9.97 8.38 -3.21
N ALA A 99 11.23 8.48 -2.83
CA ALA A 99 12.29 7.87 -3.60
C ALA A 99 12.13 6.35 -3.52
N GLY A 100 11.87 5.89 -2.31
CA GLY A 100 11.66 4.49 -2.03
C GLY A 100 10.50 3.87 -2.79
N ARG A 101 9.42 4.61 -2.90
CA ARG A 101 8.26 4.14 -3.66
C ARG A 101 8.54 4.02 -5.16
N ILE A 102 9.17 5.04 -5.73
CA ILE A 102 9.59 5.01 -7.12
C ILE A 102 10.56 3.86 -7.38
N MET A 103 11.52 3.68 -6.49
CA MET A 103 12.49 2.59 -6.59
C MET A 103 11.83 1.23 -6.55
N ASN A 104 10.86 1.10 -5.66
CA ASN A 104 10.19 -0.16 -5.47
C ASN A 104 9.31 -0.48 -6.69
N THR A 105 8.68 0.53 -7.28
CA THR A 105 7.93 0.37 -8.51
C THR A 105 8.84 -0.11 -9.64
N LEU A 106 10.06 0.38 -9.72
CA LEU A 106 10.96 -0.09 -10.76
C LEU A 106 11.47 -1.52 -10.57
N GLY A 107 11.46 -2.01 -9.33
CA GLY A 107 11.92 -3.33 -9.01
C GLY A 107 13.05 -3.42 -7.99
N PHE A 108 13.53 -2.29 -7.53
CA PHE A 108 14.48 -2.28 -6.44
C PHE A 108 13.82 -2.68 -5.12
N ASN A 109 14.56 -3.37 -4.27
CA ASN A 109 14.03 -3.67 -2.95
C ASN A 109 14.99 -3.23 -1.82
N MET A 110 16.12 -2.63 -2.19
CA MET A 110 17.07 -2.09 -1.20
C MET A 110 17.75 -0.83 -1.78
N VAL A 111 18.11 0.09 -0.93
CA VAL A 111 18.90 1.24 -1.29
C VAL A 111 20.13 1.28 -0.33
N PHE A 112 21.29 1.64 -0.85
CA PHE A 112 22.45 1.85 -0.04
C PHE A 112 22.47 3.30 0.46
N ALA A 113 21.57 3.61 1.39
CA ALA A 113 21.46 4.92 2.02
C ALA A 113 20.65 4.67 3.29
N PRO A 114 20.69 5.58 4.27
CA PRO A 114 21.41 6.84 4.38
C PRO A 114 22.85 6.70 4.86
N VAL A 115 23.62 7.73 4.52
CA VAL A 115 24.91 8.01 5.07
C VAL A 115 24.74 8.57 6.49
N LEU A 116 25.41 7.98 7.47
CA LEU A 116 25.31 8.49 8.82
C LEU A 116 26.60 9.13 9.29
N ASP A 117 27.56 9.23 8.40
CA ASP A 117 28.85 9.79 8.70
C ASP A 117 28.72 11.23 9.07
N LEU A 118 29.51 11.68 10.04
CA LEU A 118 29.47 13.06 10.49
C LEU A 118 30.28 13.98 9.60
N LEU A 119 29.85 15.21 9.46
CA LEU A 119 30.60 16.17 8.69
C LEU A 119 31.76 16.73 9.51
N SER A 120 33.00 16.58 9.04
CA SER A 120 34.13 17.30 9.64
C SER A 120 34.64 18.45 8.80
N GLU A 121 35.57 19.23 9.34
CA GLU A 121 36.18 20.32 8.60
C GLU A 121 37.41 19.89 7.82
N LEU A 129 28.91 17.03 1.19
CA LEU A 129 27.46 17.18 1.04
C LEU A 129 26.60 15.95 1.37
N ARG A 130 27.24 14.79 1.50
CA ARG A 130 26.53 13.54 1.65
C ARG A 130 26.13 13.25 3.11
N SER A 131 26.55 14.13 4.02
CA SER A 131 26.25 13.98 5.41
C SER A 131 25.20 14.97 5.87
N PHE A 132 24.36 14.56 6.81
CA PHE A 132 23.32 15.43 7.34
C PHE A 132 23.84 16.59 8.19
N GLY A 133 25.05 16.48 8.74
CA GLY A 133 25.62 17.52 9.56
C GLY A 133 26.75 17.11 10.53
N SER A 134 27.19 18.04 11.35
CA SER A 134 28.19 17.76 12.40
C SER A 134 27.58 17.27 13.70
N ASP A 135 26.39 17.78 14.02
CA ASP A 135 25.75 17.43 15.27
C ASP A 135 25.25 16.00 15.21
N PRO A 136 25.80 15.13 16.06
CA PRO A 136 25.44 13.72 16.05
C PRO A 136 23.96 13.52 16.26
N GLU A 137 23.32 14.44 16.97
CA GLU A 137 21.90 14.36 17.26
C GLU A 137 21.01 14.60 16.02
N VAL A 138 21.40 15.60 15.24
CA VAL A 138 20.78 15.96 13.97
C VAL A 138 20.88 14.83 12.96
N VAL A 139 22.02 14.16 12.92
CA VAL A 139 22.24 13.03 12.03
C VAL A 139 21.36 11.87 12.43
N ALA A 140 21.12 11.74 13.70
CA ALA A 140 20.37 10.62 14.18
C ALA A 140 18.89 10.76 13.81
N SER A 141 18.37 11.96 13.94
CA SER A 141 16.97 12.15 13.69
C SER A 141 16.64 12.10 12.19
N HIS A 142 17.56 12.58 11.36
CA HIS A 142 17.38 12.53 9.90
C HIS A 142 17.60 11.10 9.43
N GLY A 143 18.59 10.45 10.05
CA GLY A 143 18.89 9.09 9.75
C GLY A 143 17.76 8.15 10.04
N MET A 144 17.05 8.35 11.14
CA MET A 144 15.88 7.51 11.46
C MET A 144 14.73 7.75 10.48
N GLU A 145 14.45 9.01 10.18
CA GLU A 145 13.41 9.38 9.26
C GLU A 145 13.66 8.83 7.88
N ALA A 146 14.93 8.87 7.47
CA ALA A 146 15.32 8.34 6.19
C ALA A 146 15.11 6.82 6.12
N CYS A 147 15.58 6.09 7.12
CA CYS A 147 15.37 4.63 7.17
C CYS A 147 13.89 4.28 7.20
N MET A 148 13.11 5.05 7.92
CA MET A 148 11.70 4.78 8.04
C MET A 148 10.99 5.08 6.74
N GLY A 149 11.32 6.20 6.14
CA GLY A 149 10.75 6.60 4.88
C GLY A 149 11.07 5.61 3.78
N TYR A 150 12.34 5.23 3.66
CA TYR A 150 12.71 4.26 2.65
C TYR A 150 11.87 3.01 2.82
N PHE A 151 11.78 2.53 4.03
CA PHE A 151 11.04 1.32 4.29
C PHE A 151 9.54 1.43 3.98
N LYS A 152 8.98 2.58 4.31
CA LYS A 152 7.59 2.82 4.07
C LYS A 152 7.30 2.82 2.56
N GLY A 153 8.25 3.36 1.81
CA GLY A 153 8.23 3.44 0.38
C GLY A 153 8.39 2.11 -0.31
N GLY A 154 8.92 1.10 0.36
CA GLY A 154 9.02 -0.23 -0.20
C GLY A 154 10.44 -0.70 -0.40
N VAL A 155 11.38 -0.03 0.20
CA VAL A 155 12.75 -0.42 -0.01
C VAL A 155 13.52 -0.59 1.33
N ILE A 156 14.34 -1.63 1.50
CA ILE A 156 15.12 -1.79 2.74
C ILE A 156 16.35 -0.86 2.75
N PRO A 157 16.50 -0.04 3.80
CA PRO A 157 17.65 0.85 3.89
C PRO A 157 18.92 0.14 4.34
N CYS A 158 20.07 0.74 4.07
CA CYS A 158 21.35 0.24 4.50
C CYS A 158 22.21 1.38 5.00
N ILE A 159 22.34 1.53 6.31
CA ILE A 159 23.08 2.67 6.85
C ILE A 159 24.58 2.45 6.67
N LYS A 160 25.31 3.54 6.44
CA LYS A 160 26.71 3.45 6.11
C LYS A 160 27.44 4.70 6.59
N HIS A 161 28.77 4.63 6.80
CA HIS A 161 29.54 3.37 6.90
C HIS A 161 30.04 3.15 8.33
N PHE A 162 29.66 2.03 8.92
CA PHE A 162 29.99 1.76 10.29
C PHE A 162 31.50 1.57 10.45
N PRO A 163 32.08 2.17 11.47
CA PRO A 163 31.44 2.93 12.55
C PRO A 163 31.35 4.43 12.36
N GLY A 164 31.51 4.95 11.16
CA GLY A 164 31.40 6.36 10.91
C GLY A 164 32.80 6.83 10.66
N HIS A 165 33.01 7.58 9.57
CA HIS A 165 34.35 7.94 9.19
C HIS A 165 34.43 9.33 8.63
N GLY A 166 33.59 10.21 9.11
CA GLY A 166 33.67 11.60 8.74
C GLY A 166 34.88 12.31 9.31
N LYS A 167 35.60 11.66 10.22
CA LYS A 167 36.74 12.30 10.86
C LYS A 167 38.03 12.14 10.06
N THR A 168 37.98 11.52 8.90
CA THR A 168 39.19 11.37 8.08
C THR A 168 39.06 12.07 6.75
N ALA A 169 40.14 12.65 6.27
CA ALA A 169 40.08 13.35 4.99
C ALA A 169 40.29 12.40 3.83
N ASP A 170 40.89 11.25 4.14
CA ASP A 170 41.32 10.27 3.15
C ASP A 170 40.18 9.43 2.58
N ASP A 171 40.29 9.02 1.32
CA ASP A 171 39.26 8.24 0.64
C ASP A 171 39.68 6.78 0.43
N SER A 172 38.80 5.83 0.76
CA SER A 172 39.16 4.42 0.74
C SER A 172 39.30 3.87 -0.67
N HIS A 173 38.94 4.68 -1.65
CA HIS A 173 39.14 4.28 -3.03
C HIS A 173 40.60 4.46 -3.40
N TYR A 174 41.32 5.22 -2.58
CA TYR A 174 42.73 5.54 -2.83
C TYR A 174 43.74 4.83 -1.89
N LEU A 175 43.48 4.88 -0.60
CA LEU A 175 44.35 4.26 0.40
C LEU A 175 43.48 3.78 1.54
N LEU A 176 44.08 3.13 2.54
CA LEU A 176 43.32 2.82 3.73
C LEU A 176 43.37 4.03 4.66
N PRO A 177 42.24 4.72 4.84
CA PRO A 177 42.27 5.90 5.70
C PRO A 177 42.32 5.55 7.18
N THR A 178 42.62 6.56 7.98
CA THR A 178 42.77 6.45 9.43
C THR A 178 41.92 7.49 10.17
N VAL A 179 41.20 7.03 11.17
CA VAL A 179 40.53 7.91 12.13
C VAL A 179 41.14 7.69 13.52
N ASN A 180 41.66 8.72 14.14
CA ASN A 180 42.43 8.52 15.36
C ASN A 180 41.67 8.61 16.64
N ALA A 181 40.40 8.95 16.54
CA ALA A 181 39.56 9.12 17.70
C ALA A 181 39.55 7.86 18.55
N SER A 182 39.39 8.08 19.84
CA SER A 182 39.24 7.02 20.83
C SER A 182 37.86 6.44 20.78
N PHE A 183 37.73 5.25 21.36
CA PHE A 183 36.44 4.60 21.42
C PHE A 183 35.43 5.39 22.20
N GLU A 184 35.88 6.09 23.22
CA GLU A 184 34.95 6.85 24.03
C GLU A 184 34.34 7.93 23.18
N GLU A 185 35.15 8.54 22.34
CA GLU A 185 34.72 9.56 21.41
C GLU A 185 33.83 9.03 20.26
N LEU A 186 34.22 7.92 19.64
CA LEU A 186 33.40 7.29 18.63
C LEU A 186 32.01 6.99 19.15
N TRP A 187 31.95 6.40 20.34
CA TRP A 187 30.70 6.00 20.96
C TRP A 187 29.78 7.18 21.20
N ARG A 188 30.39 8.23 21.73
CA ARG A 188 29.70 9.45 22.06
C ARG A 188 29.23 10.22 20.81
N GLU A 189 29.99 10.09 19.72
CA GLU A 189 29.77 10.93 18.55
C GLU A 189 29.42 10.16 17.28
N ASP A 190 30.41 9.54 16.62
CA ASP A 190 30.16 8.90 15.32
C ASP A 190 29.18 7.76 15.42
N LEU A 191 29.20 7.05 16.53
CA LEU A 191 28.37 5.88 16.70
C LEU A 191 26.96 6.20 17.12
N LEU A 192 26.72 7.41 17.60
CA LEU A 192 25.42 7.78 18.13
C LEU A 192 24.25 7.61 17.13
N PRO A 193 24.42 8.07 15.88
CA PRO A 193 23.26 7.83 14.99
C PRO A 193 23.07 6.36 14.66
N PHE A 194 24.14 5.58 14.57
CA PHE A 194 23.96 4.15 14.40
C PHE A 194 23.20 3.56 15.57
N ARG A 195 23.56 3.97 16.79
CA ARG A 195 22.92 3.45 18.00
C ARG A 195 21.42 3.83 18.10
N ARG A 196 21.09 5.07 17.77
CA ARG A 196 19.72 5.53 17.84
C ARG A 196 18.79 4.72 16.93
N ILE A 197 19.33 4.31 15.79
CA ILE A 197 18.61 3.50 14.82
C ILE A 197 18.42 2.05 15.30
N PHE A 198 19.43 1.43 15.87
CA PHE A 198 19.25 0.07 16.38
C PHE A 198 18.29 0.05 17.56
N GLN A 199 18.35 1.09 18.38
CA GLN A 199 17.48 1.16 19.53
C GLN A 199 16.06 1.46 19.15
N SER A 200 15.86 2.11 18.01
CA SER A 200 14.50 2.44 17.55
C SER A 200 13.89 1.27 16.80
N ARG A 201 14.76 0.34 16.40
CA ARG A 201 14.44 -0.97 15.82
C ARG A 201 13.85 -0.90 14.42
N VAL A 202 14.17 0.15 13.68
CA VAL A 202 13.76 0.26 12.28
C VAL A 202 14.53 -0.78 11.45
N LYS A 203 13.87 -1.43 10.52
CA LYS A 203 14.55 -2.40 9.67
C LYS A 203 15.64 -1.76 8.83
N THR A 204 16.84 -2.30 8.93
CA THR A 204 17.94 -1.76 8.18
C THR A 204 19.03 -2.78 8.03
N ALA A 205 19.83 -2.58 7.00
CA ALA A 205 21.09 -3.27 6.88
C ALA A 205 22.16 -2.28 7.28
N VAL A 206 23.37 -2.78 7.47
CA VAL A 206 24.52 -1.98 7.84
C VAL A 206 25.67 -2.26 6.90
N MET A 207 26.29 -1.23 6.39
CA MET A 207 27.49 -1.40 5.58
C MET A 207 28.73 -0.93 6.35
N THR A 208 29.80 -1.71 6.32
CA THR A 208 31.02 -1.39 7.05
C THR A 208 31.94 -0.41 6.32
N ALA A 209 32.79 0.30 7.06
CA ALA A 209 33.80 1.18 6.46
C ALA A 209 35.16 0.50 6.34
N HIS A 210 35.81 0.68 5.20
CA HIS A 210 37.20 0.29 5.02
C HIS A 210 38.10 1.33 5.63
N VAL A 211 38.02 1.47 6.94
CA VAL A 211 38.73 2.51 7.64
C VAL A 211 39.29 1.92 8.89
N LYS A 212 40.52 2.34 9.20
CA LYS A 212 41.28 1.91 10.34
C LYS A 212 41.06 2.89 11.45
N TYR A 213 40.86 2.36 12.65
CA TYR A 213 40.73 3.16 13.86
C TYR A 213 41.82 2.76 14.88
N PRO A 214 43.05 3.26 14.72
CA PRO A 214 44.27 2.86 15.44
C PRO A 214 44.24 3.01 16.99
N ALA A 215 43.44 3.91 17.53
CA ALA A 215 43.23 3.98 18.97
C ALA A 215 42.32 2.87 19.46
N VAL A 216 41.80 2.06 18.56
CA VAL A 216 40.86 1.03 18.95
C VAL A 216 41.30 -0.33 18.50
N ASP A 217 41.79 -0.41 17.26
CA ASP A 217 42.16 -1.68 16.64
C ASP A 217 43.04 -1.53 15.39
N ASP A 218 43.72 -2.61 15.01
CA ASP A 218 44.63 -2.54 13.89
C ASP A 218 43.99 -2.69 12.54
N LEU A 219 42.89 -3.45 12.48
CA LEU A 219 42.21 -3.77 11.24
C LEU A 219 41.20 -2.72 10.81
N PRO A 220 40.94 -2.62 9.50
CA PRO A 220 39.85 -1.81 8.99
C PRO A 220 38.54 -2.36 9.50
N ALA A 221 37.55 -1.52 9.77
CA ALA A 221 36.32 -2.01 10.40
C ALA A 221 35.72 -3.21 9.65
N THR A 222 35.73 -3.17 8.31
CA THR A 222 35.22 -4.25 7.48
C THR A 222 35.80 -5.58 7.89
N LEU A 223 37.08 -5.57 8.24
CA LEU A 223 37.81 -6.78 8.58
C LEU A 223 38.04 -6.97 10.11
N SER A 224 37.37 -6.20 10.95
CA SER A 224 37.71 -6.12 12.39
C SER A 224 36.72 -6.81 13.31
N LYS A 225 37.13 -7.92 13.92
CA LYS A 225 36.22 -8.65 14.80
C LYS A 225 35.80 -7.81 16.01
N LYS A 226 36.72 -6.98 16.46
CA LYS A 226 36.43 -6.09 17.56
C LYS A 226 35.32 -5.10 17.20
N LEU A 227 35.44 -4.46 16.04
CA LEU A 227 34.46 -3.46 15.65
C LEU A 227 33.12 -4.10 15.29
N ILE A 228 33.13 -5.23 14.58
CA ILE A 228 31.88 -5.84 14.11
C ILE A 228 31.24 -6.75 15.12
N THR A 229 32.00 -7.60 15.79
CA THR A 229 31.41 -8.48 16.80
C THR A 229 31.23 -7.80 18.18
N GLU A 230 32.29 -7.23 18.71
CA GLU A 230 32.24 -6.82 20.10
C GLU A 230 31.49 -5.49 20.18
N VAL A 231 31.67 -4.63 19.17
CA VAL A 231 30.95 -3.36 19.16
C VAL A 231 29.57 -3.42 18.45
N LEU A 232 29.54 -3.83 17.19
CA LEU A 232 28.26 -3.78 16.45
C LEU A 232 27.27 -4.86 16.86
N ARG A 233 27.73 -6.10 16.95
CA ARG A 233 26.87 -7.21 17.36
C ARG A 233 26.59 -7.24 18.86
N GLU A 234 27.61 -7.10 19.70
CA GLU A 234 27.38 -7.27 21.13
C GLU A 234 26.94 -5.95 21.77
N LYS A 235 27.79 -4.94 21.77
CA LYS A 235 27.46 -3.76 22.52
C LYS A 235 26.32 -2.95 21.86
N LEU A 236 26.22 -2.89 20.52
CA LEU A 236 25.11 -2.17 19.85
C LEU A 236 23.92 -3.06 19.55
N ASN A 237 24.10 -4.36 19.70
CA ASN A 237 23.00 -5.32 19.59
C ASN A 237 22.32 -5.42 18.25
N PHE A 238 23.08 -5.28 17.18
CA PHE A 238 22.51 -5.37 15.85
C PHE A 238 22.57 -6.82 15.40
N LYS A 239 21.42 -7.37 15.10
CA LYS A 239 21.27 -8.77 14.74
C LYS A 239 21.03 -8.93 13.26
N GLY A 240 21.02 -7.81 12.54
CA GLY A 240 20.67 -7.78 11.15
C GLY A 240 21.76 -8.02 10.15
N LEU A 241 21.49 -7.63 8.91
CA LEU A 241 22.36 -7.93 7.77
C LEU A 241 23.56 -6.99 7.74
N VAL A 242 24.74 -7.58 7.67
CA VAL A 242 25.95 -6.78 7.64
C VAL A 242 26.68 -6.97 6.33
N LEU A 243 26.85 -5.87 5.61
CA LEU A 243 27.54 -5.82 4.34
C LEU A 243 28.88 -5.19 4.39
N SER A 244 29.79 -5.73 3.60
CA SER A 244 31.05 -5.06 3.44
C SER A 244 30.86 -3.91 2.50
N ASP A 245 31.74 -2.91 2.56
CA ASP A 245 31.90 -2.01 1.43
C ASP A 245 32.59 -2.84 0.35
N ALA A 246 32.79 -2.31 -0.84
CA ALA A 246 33.28 -3.16 -1.91
C ALA A 246 34.69 -3.71 -1.65
N MET A 247 34.86 -5.02 -1.66
CA MET A 247 36.14 -5.61 -1.28
C MET A 247 37.33 -5.31 -2.17
N GLU A 248 37.11 -5.00 -3.43
CA GLU A 248 38.18 -4.71 -4.36
C GLU A 248 38.78 -3.34 -4.16
N MET A 249 38.14 -2.54 -3.33
CA MET A 249 38.56 -1.17 -3.12
C MET A 249 39.99 -1.23 -2.56
N LYS A 250 40.83 -0.32 -3.02
CA LYS A 250 42.27 -0.37 -2.72
C LYS A 250 42.55 -0.45 -1.20
N ALA A 251 41.77 0.24 -0.39
CA ALA A 251 41.95 0.20 1.06
C ALA A 251 41.99 -1.23 1.53
N ILE A 252 41.20 -2.09 0.90
CA ILE A 252 41.34 -3.50 1.22
C ILE A 252 42.28 -4.21 0.25
N SER A 253 42.14 -3.97 -1.06
CA SER A 253 42.86 -4.83 -2.01
C SER A 253 44.39 -4.64 -2.01
N GLU A 254 44.88 -3.45 -1.73
CA GLU A 254 46.30 -3.18 -1.67
C GLU A 254 46.97 -3.48 -0.30
N ASN A 255 46.24 -4.08 0.63
CA ASN A 255 46.75 -4.37 1.96
C ASN A 255 46.38 -5.76 2.45
N PHE A 256 45.53 -6.46 1.71
CA PHE A 256 45.12 -7.78 2.14
C PHE A 256 44.92 -8.64 0.92
N SER A 257 45.04 -9.95 1.07
CA SER A 257 44.78 -10.83 -0.03
C SER A 257 43.29 -11.08 -0.07
N VAL A 258 42.81 -11.57 -1.21
CA VAL A 258 41.42 -11.94 -1.37
C VAL A 258 41.03 -12.89 -0.27
N GLU A 259 41.93 -13.77 0.07
CA GLU A 259 41.64 -14.80 1.06
C GLU A 259 41.66 -14.22 2.46
N GLU A 260 42.52 -13.24 2.70
CA GLU A 260 42.56 -12.64 4.03
C GLU A 260 41.30 -11.80 4.22
N ALA A 261 40.87 -11.12 3.17
CA ALA A 261 39.70 -10.27 3.24
C ALA A 261 38.44 -11.11 3.45
N VAL A 262 38.34 -12.22 2.76
CA VAL A 262 37.17 -13.05 2.93
C VAL A 262 37.12 -13.67 4.30
N ARG A 263 38.27 -14.16 4.78
CA ARG A 263 38.35 -14.78 6.09
C ARG A 263 38.00 -13.82 7.19
N PHE A 264 38.72 -12.72 7.24
CA PHE A 264 38.57 -11.74 8.31
C PHE A 264 37.13 -11.26 8.40
N PHE A 265 36.55 -10.94 7.25
CA PHE A 265 35.22 -10.35 7.24
C PHE A 265 34.16 -11.29 7.74
N ILE A 266 34.22 -12.55 7.33
CA ILE A 266 33.22 -13.51 7.80
C ILE A 266 33.49 -13.87 9.26
N GLU A 267 34.76 -14.07 9.63
CA GLU A 267 35.09 -14.37 11.00
C GLU A 267 34.74 -13.21 11.90
N ALA A 268 34.78 -12.00 11.35
CA ALA A 268 34.48 -10.82 12.12
C ALA A 268 33.01 -10.70 12.44
N GLY A 269 32.16 -11.46 11.77
CA GLY A 269 30.73 -11.31 11.99
C GLY A 269 29.94 -10.73 10.82
N GLY A 270 30.59 -10.48 9.69
CA GLY A 270 29.91 -9.98 8.51
C GLY A 270 29.14 -11.02 7.72
N ASN A 271 28.11 -10.62 6.98
CA ASN A 271 27.24 -11.57 6.30
C ASN A 271 27.35 -11.63 4.80
N MET A 272 27.40 -10.47 4.16
CA MET A 272 27.42 -10.45 2.71
C MET A 272 28.60 -9.66 2.24
N ILE A 273 29.36 -10.27 1.35
CA ILE A 273 30.53 -9.64 0.76
C ILE A 273 30.12 -8.81 -0.44
N LEU A 274 30.37 -7.52 -0.42
CA LEU A 274 30.07 -6.67 -1.57
C LEU A 274 31.21 -6.67 -2.56
N LEU A 275 30.94 -7.11 -3.79
CA LEU A 275 31.93 -6.98 -4.86
C LEU A 275 31.52 -5.90 -5.83
N ASP A 276 32.40 -4.98 -6.15
CA ASP A 276 31.97 -3.94 -7.06
C ASP A 276 32.00 -4.39 -8.53
N ASN A 277 32.40 -5.63 -8.78
CA ASN A 277 32.51 -6.18 -10.12
C ASN A 277 32.08 -7.64 -10.15
N PHE A 278 30.99 -7.96 -10.84
CA PHE A 278 30.47 -9.32 -10.89
C PHE A 278 31.45 -10.30 -11.52
N ARG A 279 32.40 -9.81 -12.29
CA ARG A 279 33.37 -10.71 -12.86
C ARG A 279 34.32 -11.30 -11.84
N ASP A 280 34.49 -10.64 -10.70
CA ASP A 280 35.34 -11.14 -9.60
C ASP A 280 34.66 -12.20 -8.79
N LEU A 281 33.39 -12.46 -9.01
CA LEU A 281 32.70 -13.40 -8.14
C LEU A 281 33.37 -14.76 -8.07
N PRO A 282 33.75 -15.36 -9.22
CA PRO A 282 34.31 -16.71 -9.09
C PRO A 282 35.55 -16.78 -8.17
N VAL A 283 36.47 -15.84 -8.30
CA VAL A 283 37.63 -15.83 -7.43
C VAL A 283 37.23 -15.74 -5.94
N TYR A 284 36.36 -14.80 -5.60
CA TYR A 284 35.98 -14.66 -4.20
C TYR A 284 35.16 -15.83 -3.78
N TYR A 285 34.31 -16.33 -4.67
CA TYR A 285 33.46 -17.46 -4.33
C TYR A 285 34.30 -18.70 -4.00
N GLU A 286 35.35 -18.95 -4.77
CA GLU A 286 36.10 -20.19 -4.62
C GLU A 286 36.96 -20.03 -3.38
N SER A 287 37.43 -18.82 -3.19
CA SER A 287 38.14 -18.45 -2.01
C SER A 287 37.29 -18.70 -0.76
N LEU A 288 36.02 -18.31 -0.76
CA LEU A 288 35.16 -18.60 0.38
C LEU A 288 34.93 -20.10 0.48
N LYS A 289 34.83 -20.79 -0.65
CA LYS A 289 34.61 -22.23 -0.61
C LYS A 289 35.82 -22.94 -0.01
N LYS A 290 37.00 -22.51 -0.40
CA LYS A 290 38.21 -23.08 0.13
C LYS A 290 38.31 -22.95 1.66
N LEU A 291 38.17 -21.73 2.15
CA LEU A 291 38.33 -21.42 3.56
C LEU A 291 37.35 -22.15 4.44
N ILE A 292 36.26 -22.60 3.87
CA ILE A 292 35.26 -23.32 4.62
C ILE A 292 35.68 -24.76 4.71
N GLU A 293 36.40 -25.21 3.69
CA GLU A 293 36.76 -26.62 3.56
C GLU A 293 37.99 -26.95 4.42
N ASP A 294 38.93 -26.02 4.51
CA ASP A 294 40.11 -26.22 5.32
C ASP A 294 39.93 -25.68 6.75
N GLY A 295 38.75 -25.17 7.07
CA GLY A 295 38.47 -24.82 8.44
C GLY A 295 38.80 -23.40 8.89
N SER A 296 39.35 -22.57 8.01
CA SER A 296 39.67 -21.21 8.43
C SER A 296 38.42 -20.39 8.70
N ILE A 297 37.27 -20.89 8.30
CA ILE A 297 36.03 -20.19 8.56
C ILE A 297 35.12 -21.11 9.30
N GLU A 298 34.66 -20.67 10.46
CA GLU A 298 33.71 -21.45 11.21
C GLU A 298 32.47 -21.65 10.35
N ARG A 299 32.04 -22.89 10.18
CA ARG A 299 30.85 -23.16 9.37
C ARG A 299 29.60 -22.54 9.98
N GLY A 300 29.57 -22.41 11.30
CA GLY A 300 28.44 -21.84 12.00
C GLY A 300 28.11 -20.43 11.57
N LYS A 301 29.16 -19.67 11.23
CA LYS A 301 29.03 -18.27 10.86
C LYS A 301 28.38 -18.12 9.49
N VAL A 302 28.80 -19.01 8.60
CA VAL A 302 28.27 -19.05 7.27
C VAL A 302 26.78 -19.35 7.30
N GLU A 303 26.39 -20.34 8.10
CA GLU A 303 24.97 -20.67 8.27
C GLU A 303 24.16 -19.53 8.85
N ARG A 304 24.72 -18.84 9.82
CA ARG A 304 24.02 -17.71 10.42
C ARG A 304 23.84 -16.61 9.41
N SER A 305 24.89 -16.37 8.63
CA SER A 305 24.82 -15.41 7.55
C SER A 305 23.74 -15.79 6.55
N ILE A 306 23.75 -17.04 6.11
CA ILE A 306 22.73 -17.53 5.19
C ILE A 306 21.34 -17.37 5.76
N LYS A 307 21.19 -17.62 7.04
CA LYS A 307 19.88 -17.47 7.67
C LYS A 307 19.36 -16.04 7.53
N ILE A 308 20.22 -15.09 7.83
CA ILE A 308 19.89 -13.68 7.77
C ILE A 308 19.51 -13.27 6.36
N VAL A 309 20.30 -13.71 5.37
CA VAL A 309 20.02 -13.39 4.00
C VAL A 309 18.66 -13.94 3.56
N ASP A 310 18.37 -15.16 3.97
CA ASP A 310 17.09 -15.81 3.67
C ASP A 310 15.92 -15.02 4.23
N GLU A 311 16.11 -14.42 5.41
CA GLU A 311 15.01 -13.62 5.94
C GLU A 311 14.77 -12.38 5.08
N TYR A 312 15.82 -11.66 4.70
CA TYR A 312 15.66 -10.46 3.89
C TYR A 312 15.07 -10.79 2.51
N LEU A 313 15.46 -11.93 1.92
CA LEU A 313 14.97 -12.30 0.61
C LEU A 313 13.46 -12.51 0.58
N SER A 314 12.90 -13.06 1.66
CA SER A 314 11.45 -13.27 1.75
C SER A 314 10.76 -12.08 2.39
N ALA A 315 11.47 -11.30 3.16
CA ALA A 315 10.88 -10.07 3.67
C ALA A 315 10.56 -9.17 2.48
N LEU A 316 11.37 -9.33 1.45
CA LEU A 316 11.22 -8.55 0.24
C LEU A 316 10.28 -9.37 -0.63
N GLU A 317 9.26 -8.69 -1.12
CA GLU A 317 8.36 -9.24 -2.11
C GLU A 317 8.41 -8.12 -3.14
N ASN A 318 7.68 -8.28 -4.24
CA ASN A 318 7.01 -7.18 -4.91
C ASN A 318 6.40 -7.65 -6.19
N ARG A 319 5.36 -6.96 -6.63
CA ARG A 319 4.71 -7.39 -7.85
C ARG A 319 5.40 -6.63 -8.94
N PHE A 320 6.03 -5.52 -8.52
CA PHE A 320 6.49 -4.51 -9.47
C PHE A 320 7.85 -4.86 -10.02
N ASN A 321 7.91 -5.02 -11.33
CA ASN A 321 9.18 -5.07 -11.99
C ASN A 321 9.09 -4.42 -13.38
N SER A 322 9.88 -3.38 -13.58
CA SER A 322 9.88 -2.58 -14.79
C SER A 322 10.35 -3.37 -16.01
N GLY A 323 10.85 -4.57 -15.79
CA GLY A 323 11.22 -5.47 -16.86
C GLY A 323 10.06 -5.98 -17.70
N LEU A 324 8.82 -5.75 -17.27
CA LEU A 324 7.66 -6.10 -18.08
C LEU A 324 7.76 -5.37 -19.44
N ILE A 325 8.39 -4.20 -19.43
CA ILE A 325 8.58 -3.37 -20.60
C ILE A 325 9.44 -4.11 -21.62
N ALA A 326 10.45 -4.83 -21.13
CA ALA A 326 11.29 -5.63 -21.99
C ALA A 326 10.55 -6.81 -22.55
N GLU A 327 9.59 -7.38 -21.81
CA GLU A 327 8.78 -8.47 -22.34
C GLU A 327 7.83 -8.03 -23.45
N VAL A 328 7.23 -6.85 -23.31
CA VAL A 328 6.34 -6.32 -24.30
C VAL A 328 7.13 -6.13 -25.59
N ALA A 329 8.29 -5.52 -25.46
CA ALA A 329 9.15 -5.28 -26.59
C ALA A 329 9.56 -6.61 -27.23
N GLU A 330 9.88 -7.61 -26.44
CA GLU A 330 10.24 -8.92 -26.94
C GLU A 330 9.12 -9.59 -27.74
N ARG A 331 7.92 -9.58 -27.18
CA ARG A 331 6.79 -10.31 -27.70
C ARG A 331 6.16 -9.61 -28.92
N ALA A 332 6.41 -8.33 -29.09
CA ALA A 332 5.85 -7.56 -30.20
C ALA A 332 6.75 -7.59 -31.43
N ILE A 333 7.69 -8.51 -31.50
CA ILE A 333 8.56 -8.56 -32.65
C ILE A 333 8.20 -9.70 -33.61
N GLU A 334 7.96 -9.35 -34.85
CA GLU A 334 7.68 -10.32 -35.92
C GLU A 334 8.84 -10.33 -36.93
N CYS A 335 9.27 -11.50 -37.32
CA CYS A 335 10.34 -11.63 -38.28
C CYS A 335 10.06 -12.73 -39.28
N THR A 336 10.63 -12.58 -40.47
CA THR A 336 10.67 -13.68 -41.42
C THR A 336 11.86 -14.55 -41.05
N ARG A 337 12.04 -15.67 -41.72
CA ARG A 337 13.14 -16.55 -41.42
C ARG A 337 14.42 -16.00 -42.01
N MET A 338 15.47 -16.10 -41.20
CA MET A 338 16.76 -15.50 -41.48
C MET A 338 17.85 -16.54 -41.59
N ARG A 339 18.78 -16.29 -42.49
CA ARG A 339 19.87 -17.23 -42.74
C ARG A 339 20.96 -16.96 -41.73
N LYS A 340 21.15 -17.93 -40.84
CA LYS A 340 22.16 -17.91 -39.80
C LYS A 340 23.51 -17.38 -40.26
N GLU A 341 23.94 -17.74 -41.45
CA GLU A 341 25.31 -17.45 -41.82
C GLU A 341 25.51 -16.09 -42.45
N LEU A 342 24.47 -15.28 -42.55
CA LEU A 342 24.65 -13.88 -42.87
C LEU A 342 25.08 -13.12 -41.63
N LEU A 343 24.69 -13.63 -40.46
CA LEU A 343 24.68 -12.82 -39.26
C LEU A 343 26.06 -12.58 -38.61
N GLY A 344 27.03 -13.41 -38.98
CA GLY A 344 28.40 -13.22 -38.54
C GLY A 344 29.13 -12.22 -39.41
N ARG A 345 28.47 -11.62 -40.38
CA ARG A 345 29.12 -10.63 -41.25
C ARG A 345 29.16 -9.22 -40.72
N GLU A 346 29.79 -8.34 -41.47
CA GLU A 346 29.98 -6.97 -41.05
C GLU A 346 28.80 -6.18 -41.70
N VAL A 347 28.13 -5.37 -40.90
CA VAL A 347 26.85 -4.78 -41.25
C VAL A 347 26.98 -3.32 -41.63
N VAL A 348 26.21 -2.91 -42.63
CA VAL A 348 26.06 -1.49 -42.90
C VAL A 348 24.70 -1.07 -42.42
N LEU A 349 24.61 -0.01 -41.63
CA LEU A 349 23.32 0.40 -41.08
C LEU A 349 22.77 1.52 -41.89
N LEU A 350 21.51 1.43 -42.27
CA LEU A 350 20.82 2.55 -42.92
C LEU A 350 19.80 3.05 -41.93
N VAL A 351 20.03 4.24 -41.39
CA VAL A 351 19.23 4.72 -40.29
C VAL A 351 18.65 6.06 -40.64
N PRO A 352 17.34 6.23 -40.41
CA PRO A 352 16.74 7.51 -40.73
C PRO A 352 17.48 8.66 -40.08
N SER A 353 17.69 9.75 -40.80
CA SER A 353 18.51 10.79 -40.28
C SER A 353 17.75 11.52 -39.17
N ASN A 354 18.35 12.52 -38.55
CA ASN A 354 17.63 13.22 -37.51
C ASN A 354 17.77 14.71 -37.70
N THR A 362 10.78 13.27 -30.67
CA THR A 362 11.76 12.39 -30.02
C THR A 362 12.10 11.12 -30.79
N THR A 363 11.32 10.81 -31.80
CA THR A 363 11.62 9.66 -32.62
C THR A 363 13.03 9.83 -33.21
N GLY A 364 13.52 11.06 -33.26
CA GLY A 364 14.88 11.33 -33.69
C GLY A 364 15.93 10.84 -32.71
N ASP A 365 15.69 10.95 -31.41
CA ASP A 365 16.65 10.40 -30.47
C ASP A 365 16.69 8.89 -30.52
N ASP A 366 15.57 8.26 -30.86
CA ASP A 366 15.55 6.81 -30.94
C ASP A 366 16.43 6.32 -32.09
N TYR A 367 16.39 7.05 -33.21
CA TYR A 367 17.22 6.75 -34.38
C TYR A 367 18.73 6.88 -34.10
N ASP A 368 19.14 7.97 -33.47
CA ASP A 368 20.52 8.18 -33.07
C ASP A 368 21.11 7.03 -32.26
N LEU A 369 20.27 6.36 -31.49
CA LEU A 369 20.69 5.27 -30.62
C LEU A 369 20.76 3.92 -31.28
N ILE A 370 20.21 3.78 -32.47
CA ILE A 370 20.24 2.50 -33.16
C ILE A 370 21.67 1.97 -33.39
N PRO A 371 22.62 2.81 -33.79
CA PRO A 371 23.98 2.25 -33.96
C PRO A 371 24.61 1.67 -32.68
N GLU A 372 24.52 2.38 -31.57
CA GLU A 372 25.01 1.89 -30.29
C GLU A 372 24.37 0.55 -29.93
N VAL A 373 23.09 0.38 -30.22
CA VAL A 373 22.46 -0.89 -29.89
C VAL A 373 22.95 -2.00 -30.80
N ALA A 374 23.19 -1.68 -32.06
CA ALA A 374 23.60 -2.68 -33.04
C ALA A 374 24.99 -3.21 -32.75
N LYS A 375 25.86 -2.30 -32.33
CA LYS A 375 27.21 -2.69 -32.03
C LYS A 375 27.35 -3.72 -30.94
N ARG A 376 26.34 -3.90 -30.08
CA ARG A 376 26.39 -4.99 -29.13
C ARG A 376 26.22 -6.36 -29.74
N PHE A 377 25.54 -6.44 -30.89
CA PHE A 377 25.14 -7.71 -31.49
C PHE A 377 25.82 -8.04 -32.83
N PHE A 378 26.35 -7.04 -33.48
CA PHE A 378 26.88 -7.22 -34.81
C PHE A 378 28.10 -6.40 -34.98
N LYS A 379 29.03 -6.92 -35.79
CA LYS A 379 30.08 -6.09 -36.36
C LYS A 379 29.44 -5.08 -37.31
N VAL A 380 29.80 -3.81 -37.18
CA VAL A 380 29.32 -2.72 -38.00
C VAL A 380 30.42 -2.07 -38.82
N ARG A 381 30.28 -2.13 -40.15
CA ARG A 381 31.24 -1.49 -41.04
C ARG A 381 31.01 -0.03 -41.27
N ASP A 382 29.78 0.38 -41.57
CA ASP A 382 29.52 1.79 -41.77
C ASP A 382 28.13 2.15 -41.29
N VAL A 383 27.91 3.43 -41.04
CA VAL A 383 26.62 3.89 -40.60
C VAL A 383 26.21 5.03 -41.49
N ILE A 384 25.15 4.85 -42.25
CA ILE A 384 24.68 5.87 -43.18
C ILE A 384 23.34 6.45 -42.75
N ARG A 385 23.28 7.76 -42.63
CA ARG A 385 22.06 8.41 -42.26
C ARG A 385 21.25 8.92 -43.44
N TYR A 386 20.25 8.17 -43.87
CA TYR A 386 19.48 8.54 -45.05
C TYR A 386 18.33 9.50 -44.79
N ASP A 387 17.84 10.09 -45.86
CA ASP A 387 16.79 11.09 -45.85
C ASP A 387 15.53 10.30 -46.15
N ILE A 388 14.50 10.43 -45.33
CA ILE A 388 13.40 9.49 -45.49
C ILE A 388 12.39 10.01 -46.47
N GLU A 389 12.67 11.17 -47.04
CA GLU A 389 11.77 11.70 -48.04
C GLU A 389 12.30 11.25 -49.39
N ALA A 390 13.49 10.66 -49.36
CA ALA A 390 14.12 10.12 -50.54
C ALA A 390 14.30 8.62 -50.45
N GLY A 391 14.72 8.14 -49.30
CA GLY A 391 15.02 6.74 -49.20
C GLY A 391 16.52 6.62 -49.32
N PRO A 392 17.02 5.40 -49.18
CA PRO A 392 18.45 5.15 -49.21
C PRO A 392 19.05 5.23 -50.59
N ASP A 393 20.14 5.98 -50.73
CA ASP A 393 21.03 5.81 -51.88
C ASP A 393 21.37 4.33 -52.04
N ASP A 394 21.73 3.90 -53.24
CA ASP A 394 22.10 2.51 -53.38
C ASP A 394 23.42 2.30 -52.62
N VAL A 395 23.52 1.10 -52.09
CA VAL A 395 24.56 0.77 -51.16
C VAL A 395 24.85 -0.71 -51.28
N ASP A 396 26.05 -1.14 -50.95
CA ASP A 396 26.27 -2.59 -50.94
C ASP A 396 27.16 -2.90 -49.74
N GLY A 397 27.22 -4.17 -49.37
CA GLY A 397 27.95 -4.58 -48.20
C GLY A 397 27.80 -6.07 -48.00
N GLU A 398 28.40 -6.59 -46.92
CA GLU A 398 28.27 -8.00 -46.64
C GLU A 398 26.86 -8.27 -46.13
N LEU A 399 26.34 -7.33 -45.37
CA LEU A 399 24.99 -7.42 -44.82
C LEU A 399 24.47 -6.03 -44.57
N ILE A 400 23.21 -5.81 -44.94
CA ILE A 400 22.65 -4.48 -44.84
C ILE A 400 21.41 -4.47 -43.95
N PHE A 401 21.37 -3.51 -43.04
CA PHE A 401 20.19 -3.32 -42.20
C PHE A 401 19.48 -2.05 -42.58
N ASP A 402 18.28 -2.16 -43.14
CA ASP A 402 17.48 -1.00 -43.51
C ASP A 402 16.44 -0.70 -42.43
N PHE A 403 16.61 0.41 -41.75
CA PHE A 403 15.68 0.82 -40.72
C PHE A 403 14.69 1.70 -41.37
N VAL A 404 13.65 1.03 -41.86
CA VAL A 404 12.65 1.60 -42.73
C VAL A 404 11.69 2.55 -42.07
N VAL A 405 11.67 3.77 -42.55
CA VAL A 405 10.66 4.71 -42.13
C VAL A 405 10.00 5.35 -43.33
N ASN A 406 8.67 5.29 -43.36
CA ASN A 406 7.87 5.97 -44.35
C ASN A 406 8.21 5.55 -45.78
N ALA A 407 8.17 4.24 -45.98
CA ALA A 407 8.49 3.59 -47.24
C ALA A 407 7.50 3.90 -48.34
N SER A 408 6.28 4.28 -47.96
CA SER A 408 5.17 4.38 -48.90
C SER A 408 4.86 5.79 -49.35
N LYS A 409 5.73 6.75 -49.05
CA LYS A 409 5.35 8.11 -49.39
C LYS A 409 5.10 8.26 -50.88
N ASN A 410 5.90 7.57 -51.67
CA ASN A 410 5.80 7.64 -53.10
C ASN A 410 6.53 6.42 -53.64
N GLU A 411 6.58 6.25 -54.96
CA GLU A 411 7.20 5.08 -55.54
C GLU A 411 8.69 5.28 -55.71
N GLN A 412 9.18 6.49 -55.52
CA GLN A 412 10.61 6.69 -55.67
C GLN A 412 11.30 6.45 -54.35
N VAL A 413 10.55 6.58 -53.26
CA VAL A 413 11.04 6.14 -51.98
C VAL A 413 10.90 4.64 -51.82
N LEU A 414 9.81 4.07 -52.32
CA LEU A 414 9.63 2.64 -52.14
C LEU A 414 10.61 1.88 -53.01
N GLN A 415 11.12 2.53 -54.06
CA GLN A 415 12.01 1.76 -54.90
C GLN A 415 13.45 2.08 -54.57
N ALA A 416 13.69 3.12 -53.79
CA ALA A 416 15.00 3.26 -53.18
C ALA A 416 15.24 2.13 -52.17
N HIS A 417 14.24 1.80 -51.37
CA HIS A 417 14.38 0.71 -50.42
C HIS A 417 14.41 -0.65 -51.10
N LEU A 418 13.70 -0.82 -52.21
CA LEU A 418 13.65 -2.16 -52.80
C LEU A 418 14.77 -2.40 -53.78
N SER A 419 15.51 -1.36 -54.13
CA SER A 419 16.67 -1.54 -54.98
C SER A 419 17.90 -2.08 -54.22
N LEU A 420 17.72 -2.47 -52.97
CA LEU A 420 18.82 -2.93 -52.18
C LEU A 420 18.81 -4.42 -52.37
N PRO A 421 19.99 -5.01 -52.31
CA PRO A 421 20.20 -6.41 -52.61
C PRO A 421 19.45 -7.33 -51.67
N SER A 422 18.47 -8.00 -52.20
CA SER A 422 17.55 -8.73 -51.37
C SER A 422 18.18 -9.96 -50.70
N ASP A 423 19.31 -10.45 -51.21
CA ASP A 423 20.00 -11.58 -50.60
C ASP A 423 20.73 -11.22 -49.31
N ARG A 424 20.92 -9.95 -49.07
CA ARG A 424 21.73 -9.59 -47.96
C ARG A 424 21.25 -8.30 -47.25
N THR A 425 19.97 -7.99 -47.42
CA THR A 425 19.38 -6.87 -46.72
C THR A 425 18.27 -7.29 -45.74
N ILE A 426 18.33 -6.79 -44.52
CA ILE A 426 17.20 -7.00 -43.63
C ILE A 426 16.52 -5.68 -43.40
N TYR A 427 15.21 -5.70 -43.63
CA TYR A 427 14.37 -4.55 -43.46
C TYR A 427 13.75 -4.58 -42.08
N PHE A 428 14.06 -3.55 -41.31
CA PHE A 428 13.46 -3.35 -40.01
C PHE A 428 12.37 -2.31 -40.17
N ILE A 429 11.13 -2.77 -40.17
CA ILE A 429 10.00 -1.88 -40.27
C ILE A 429 9.72 -1.34 -38.86
N ILE A 430 10.17 -0.14 -38.59
CA ILE A 430 10.12 0.31 -37.23
C ILE A 430 9.04 1.34 -36.97
N ARG A 431 8.36 1.83 -37.98
CA ARG A 431 7.24 2.73 -37.67
C ARG A 431 5.89 2.26 -38.12
N ASN A 432 5.67 2.28 -39.41
CA ASN A 432 4.35 1.97 -39.92
C ASN A 432 4.34 0.54 -40.42
N PRO A 433 3.78 -0.36 -39.63
CA PRO A 433 3.92 -1.78 -39.94
C PRO A 433 3.14 -2.20 -41.18
N PHE A 434 2.37 -1.29 -41.76
CA PHE A 434 1.65 -1.56 -43.00
C PHE A 434 2.63 -1.68 -44.14
N ASP A 435 3.71 -0.90 -44.09
CA ASP A 435 4.72 -0.96 -45.14
C ASP A 435 5.20 -2.38 -45.44
N ALA A 436 5.02 -3.31 -44.52
CA ALA A 436 5.60 -4.62 -44.70
C ALA A 436 5.06 -5.37 -45.91
N LYS A 437 3.87 -5.01 -46.35
CA LYS A 437 3.29 -5.61 -47.56
C LYS A 437 4.11 -5.22 -48.79
N PHE A 438 4.73 -4.06 -48.71
CA PHE A 438 5.51 -3.49 -49.79
C PHE A 438 6.92 -4.10 -49.95
N PHE A 439 7.20 -5.17 -49.22
CA PHE A 439 8.50 -5.82 -49.29
C PHE A 439 8.37 -7.32 -49.47
N PRO A 440 7.61 -7.76 -50.49
CA PRO A 440 7.41 -9.21 -50.61
C PRO A 440 8.70 -9.93 -50.96
N GLY A 441 8.80 -11.16 -50.51
CA GLY A 441 9.96 -12.01 -50.72
C GLY A 441 11.20 -11.68 -49.91
N ARG A 442 11.14 -10.54 -49.25
CA ARG A 442 12.26 -9.95 -48.54
C ARG A 442 12.39 -10.45 -47.12
N SER A 443 13.55 -10.21 -46.53
CA SER A 443 13.76 -10.43 -45.11
C SER A 443 13.22 -9.25 -44.34
N VAL A 444 12.25 -9.48 -43.48
CA VAL A 444 11.58 -8.37 -42.82
C VAL A 444 11.46 -8.61 -41.31
N VAL A 445 11.78 -7.58 -40.54
CA VAL A 445 11.55 -7.57 -39.11
C VAL A 445 10.58 -6.46 -38.78
N ILE A 446 9.51 -6.77 -38.08
CA ILE A 446 8.61 -5.72 -37.63
C ILE A 446 8.74 -5.52 -36.11
N THR A 447 9.01 -4.29 -35.70
CA THR A 447 9.22 -4.02 -34.29
C THR A 447 8.00 -3.44 -33.58
N HIS A 448 7.18 -2.72 -34.33
CA HIS A 448 6.00 -2.01 -33.83
C HIS A 448 6.38 -0.88 -32.93
N SER A 449 7.66 -0.50 -32.98
CA SER A 449 8.24 0.54 -32.15
C SER A 449 9.62 1.02 -32.62
N THR A 450 9.92 2.29 -32.39
CA THR A 450 11.24 2.83 -32.63
C THR A 450 12.16 2.83 -31.37
N LYS A 451 11.67 2.37 -30.22
CA LYS A 451 12.37 2.54 -28.95
C LYS A 451 13.57 1.61 -28.84
N PRO A 452 14.66 2.10 -28.25
CA PRO A 452 15.87 1.27 -28.12
C PRO A 452 15.61 -0.15 -27.58
N ILE A 453 14.74 -0.33 -26.60
CA ILE A 453 14.49 -1.67 -26.09
C ILE A 453 13.90 -2.59 -27.16
N SER A 454 13.08 -2.06 -28.05
CA SER A 454 12.48 -2.81 -29.15
C SER A 454 13.56 -3.16 -30.22
N VAL A 455 14.35 -2.18 -30.62
CA VAL A 455 15.43 -2.38 -31.56
C VAL A 455 16.40 -3.45 -31.05
N TYR A 456 16.78 -3.31 -29.78
CA TYR A 456 17.58 -4.27 -29.03
C TYR A 456 16.94 -5.65 -29.03
N LYS A 457 15.66 -5.73 -28.70
CA LYS A 457 15.00 -7.03 -28.70
C LYS A 457 14.85 -7.59 -30.12
N SER A 458 14.78 -6.73 -31.13
CA SER A 458 14.73 -7.24 -32.50
C SER A 458 16.05 -7.92 -32.90
N PHE A 459 17.20 -7.37 -32.50
CA PHE A 459 18.49 -8.03 -32.71
C PHE A 459 18.62 -9.39 -32.00
N GLN A 460 18.11 -9.49 -30.77
CA GLN A 460 18.14 -10.76 -30.06
C GLN A 460 17.29 -11.79 -30.75
N HIS A 461 16.22 -11.36 -31.39
CA HIS A 461 15.36 -12.33 -32.04
C HIS A 461 15.96 -12.77 -33.33
N LEU A 462 16.69 -11.87 -33.95
CA LEU A 462 17.31 -12.12 -35.23
C LEU A 462 18.38 -13.17 -35.03
N LEU A 463 19.14 -13.04 -33.95
CA LEU A 463 20.18 -13.99 -33.61
C LEU A 463 19.66 -15.24 -32.93
N GLY A 464 18.43 -15.24 -32.45
CA GLY A 464 17.91 -16.42 -31.78
C GLY A 464 16.78 -17.12 -32.52
N ARG A 465 15.55 -16.69 -32.26
CA ARG A 465 14.33 -17.33 -32.80
C ARG A 465 14.13 -17.22 -34.30
N CYS A 466 14.50 -16.09 -34.90
CA CYS A 466 14.32 -15.89 -36.33
C CYS A 466 15.34 -16.68 -37.16
N SER A 467 16.31 -17.27 -36.49
CA SER A 467 17.31 -18.12 -37.14
C SER A 467 17.72 -19.28 -36.24
N ASP B 2 -19.89 31.49 -8.02
CA ASP B 2 -19.17 32.09 -9.15
C ASP B 2 -17.72 32.29 -8.81
N VAL B 3 -17.41 32.07 -7.56
CA VAL B 3 -16.03 31.96 -7.14
C VAL B 3 -15.62 30.53 -7.54
N ASP B 4 -16.57 29.82 -8.14
CA ASP B 4 -16.34 28.46 -8.61
C ASP B 4 -16.27 28.27 -10.12
N LEU B 5 -16.31 29.33 -10.92
CA LEU B 5 -16.30 29.08 -12.35
C LEU B 5 -15.02 28.54 -12.91
N GLY B 6 -13.97 28.53 -12.11
CA GLY B 6 -12.69 28.06 -12.57
C GLY B 6 -12.69 26.57 -12.70
N LYS B 7 -13.60 25.95 -11.99
CA LYS B 7 -13.73 24.51 -12.01
C LYS B 7 -14.10 24.01 -13.41
N LEU B 8 -14.52 24.92 -14.26
CA LEU B 8 -14.82 24.52 -15.61
C LEU B 8 -13.60 24.66 -16.51
N PHE B 9 -12.44 24.93 -15.94
CA PHE B 9 -11.26 25.05 -16.79
C PHE B 9 -10.10 24.16 -16.41
N PHE B 10 -9.41 23.68 -17.43
CA PHE B 10 -8.23 22.84 -17.31
C PHE B 10 -7.15 23.56 -18.14
N CYS B 11 -6.10 24.03 -17.51
CA CYS B 11 -5.10 24.87 -18.19
C CYS B 11 -3.74 24.20 -18.29
N GLY B 12 -3.13 24.32 -19.45
CA GLY B 12 -1.81 23.82 -19.69
C GLY B 12 -0.79 24.89 -19.33
N PHE B 13 0.34 24.46 -18.78
CA PHE B 13 1.41 25.34 -18.35
C PHE B 13 2.71 24.98 -19.02
N ASP B 14 3.22 25.91 -19.78
CA ASP B 14 4.47 25.78 -20.49
C ASP B 14 5.59 26.45 -19.72
N ASP B 15 5.19 27.11 -18.64
CA ASP B 15 6.10 27.82 -17.83
C ASP B 15 5.52 27.98 -16.46
N PHE B 16 6.38 28.21 -15.47
CA PHE B 16 5.92 28.52 -14.14
C PHE B 16 6.60 29.79 -13.70
N ASN B 17 5.82 30.80 -13.39
CA ASN B 17 6.32 32.13 -13.15
C ASN B 17 5.26 32.91 -12.41
N GLU B 18 5.38 34.23 -12.38
CA GLU B 18 4.47 35.02 -11.56
C GLU B 18 3.14 35.17 -12.28
N GLU B 19 3.13 35.14 -13.60
CA GLU B 19 1.86 35.23 -14.29
C GLU B 19 1.03 33.97 -14.03
N ALA B 20 1.70 32.82 -14.11
CA ALA B 20 1.11 31.56 -13.78
C ALA B 20 0.47 31.59 -12.41
N ARG B 21 1.20 32.10 -11.41
CA ARG B 21 0.68 32.18 -10.07
C ARG B 21 -0.49 33.12 -9.98
N GLU B 22 -0.40 34.24 -10.68
CA GLU B 22 -1.47 35.25 -10.69
C GLU B 22 -2.72 34.64 -11.28
N VAL B 23 -2.57 33.99 -12.43
CA VAL B 23 -3.73 33.40 -13.10
C VAL B 23 -4.34 32.35 -12.22
N ILE B 24 -3.53 31.51 -11.59
CA ILE B 24 -4.06 30.43 -10.74
C ILE B 24 -4.78 30.97 -9.53
N GLN B 25 -4.25 32.02 -8.94
CA GLN B 25 -4.82 32.53 -7.71
C GLN B 25 -6.07 33.33 -7.90
N LYS B 26 -6.16 33.98 -9.04
CA LYS B 26 -7.29 34.81 -9.37
C LYS B 26 -8.48 33.97 -9.93
N TYR B 27 -8.20 33.02 -10.81
CA TYR B 27 -9.28 32.32 -11.47
C TYR B 27 -9.57 30.95 -10.88
N ARG B 28 -8.65 30.44 -10.07
CA ARG B 28 -8.72 29.10 -9.51
C ARG B 28 -9.18 28.02 -10.51
N PRO B 29 -8.41 27.76 -11.57
CA PRO B 29 -8.73 26.62 -12.39
C PRO B 29 -8.63 25.34 -11.61
N ALA B 30 -9.52 24.39 -11.86
CA ALA B 30 -9.49 23.13 -11.14
C ALA B 30 -8.44 22.18 -11.73
N GLY B 31 -8.11 22.33 -13.00
CA GLY B 31 -7.19 21.43 -13.67
C GLY B 31 -5.89 22.08 -14.11
N VAL B 32 -4.80 21.40 -13.87
CA VAL B 32 -3.48 21.85 -14.24
C VAL B 32 -2.84 20.78 -15.07
N LEU B 33 -2.45 21.14 -16.27
CA LEU B 33 -1.73 20.24 -17.16
C LEU B 33 -0.30 20.76 -17.32
N ILE B 34 0.66 19.89 -17.08
CA ILE B 34 2.04 20.31 -17.03
C ILE B 34 2.74 19.89 -18.30
N TYR B 35 3.26 20.88 -19.01
CA TYR B 35 3.89 20.66 -20.31
C TYR B 35 5.41 20.57 -20.16
N PRO B 36 6.10 20.05 -21.21
CA PRO B 36 7.56 19.95 -21.28
C PRO B 36 8.36 21.23 -20.92
N GLY B 37 7.83 22.39 -21.23
CA GLY B 37 8.40 23.65 -20.83
C GLY B 37 8.67 23.71 -19.33
N VAL B 38 7.81 23.11 -18.53
CA VAL B 38 8.04 23.01 -17.11
C VAL B 38 8.77 21.73 -16.76
N LEU B 39 8.37 20.61 -17.31
CA LEU B 39 8.98 19.34 -16.96
C LEU B 39 10.44 19.26 -17.32
N SER B 40 10.86 19.89 -18.41
CA SER B 40 12.26 19.81 -18.80
C SER B 40 13.21 20.58 -17.89
N LYS B 41 12.66 21.41 -17.03
CA LYS B 41 13.46 22.09 -16.00
C LYS B 41 13.00 21.63 -14.61
N GLU B 42 13.66 20.61 -14.10
CA GLU B 42 13.24 19.99 -12.87
C GLU B 42 13.01 20.98 -11.73
N TYR B 43 13.87 21.99 -11.62
CA TYR B 43 13.64 23.00 -10.60
C TYR B 43 12.28 23.66 -10.72
N LEU B 44 11.81 23.94 -11.95
CA LEU B 44 10.52 24.59 -12.15
C LEU B 44 9.35 23.65 -11.86
N PHE B 45 9.46 22.41 -12.31
CA PHE B 45 8.49 21.40 -11.99
C PHE B 45 8.26 21.25 -10.48
N LEU B 46 9.37 21.10 -9.73
CA LEU B 46 9.32 20.93 -8.31
C LEU B 46 8.77 22.13 -7.59
N ASP B 47 9.19 23.32 -7.98
CA ASP B 47 8.66 24.51 -7.38
C ASP B 47 7.19 24.65 -7.71
N PHE B 48 6.79 24.34 -8.94
CA PHE B 48 5.37 24.34 -9.33
C PHE B 48 4.56 23.36 -8.47
N MET B 49 5.03 22.13 -8.31
CA MET B 49 4.33 21.18 -7.46
C MET B 49 4.23 21.70 -6.01
N ASN B 50 5.30 22.31 -5.50
CA ASN B 50 5.23 22.94 -4.20
C ASN B 50 4.12 24.00 -4.06
N PHE B 51 4.04 24.88 -5.04
CA PHE B 51 3.02 25.90 -5.12
C PHE B 51 1.60 25.34 -5.16
N LEU B 52 1.38 24.30 -5.95
CA LEU B 52 0.04 23.75 -6.09
C LEU B 52 -0.47 23.20 -4.77
N SER B 53 0.42 22.61 -3.99
CA SER B 53 0.01 22.04 -2.73
C SER B 53 -0.47 23.11 -1.72
N ARG B 54 -0.13 24.37 -1.93
CA ARG B 54 -0.55 25.43 -1.00
C ARG B 54 -1.69 26.28 -1.51
N ASN B 55 -2.21 25.96 -2.69
CA ASN B 55 -3.21 26.81 -3.25
C ASN B 55 -4.47 26.07 -3.58
N GLY B 56 -4.84 25.12 -2.75
CA GLY B 56 -6.11 24.45 -2.94
C GLY B 56 -5.96 23.13 -3.64
N ARG B 57 -7.07 22.59 -4.13
CA ARG B 57 -7.03 21.27 -4.71
C ARG B 57 -7.10 21.37 -6.20
N PHE B 58 -6.32 20.55 -6.87
CA PHE B 58 -6.25 20.56 -8.31
C PHE B 58 -6.36 19.15 -8.86
N ILE B 59 -6.82 19.05 -10.09
CA ILE B 59 -6.55 17.89 -10.92
C ILE B 59 -5.24 18.22 -11.64
N VAL B 60 -4.22 17.42 -11.46
CA VAL B 60 -2.93 17.67 -12.04
C VAL B 60 -2.64 16.55 -13.02
N SER B 61 -2.35 16.88 -14.26
CA SER B 61 -2.28 15.87 -15.31
C SER B 61 -1.07 16.05 -16.22
N SER B 62 -0.74 15.01 -16.99
CA SER B 62 0.27 15.10 -18.02
C SER B 62 -0.15 14.38 -19.29
N ASP B 63 0.57 14.56 -20.39
CA ASP B 63 0.34 13.78 -21.60
C ASP B 63 1.16 12.52 -21.73
N HIS B 64 1.59 11.94 -20.61
CA HIS B 64 2.48 10.79 -20.69
C HIS B 64 1.76 9.49 -21.04
N GLU B 65 1.68 9.21 -22.31
CA GLU B 65 0.96 8.06 -22.83
C GLU B 65 1.81 6.83 -22.82
N GLY B 66 3.12 7.03 -22.80
CA GLY B 66 4.04 5.97 -23.13
C GLY B 66 4.28 5.96 -24.65
N GLY B 67 5.39 5.37 -25.08
CA GLY B 67 5.78 5.30 -26.47
C GLY B 67 6.18 6.65 -27.01
N GLN B 68 5.51 7.04 -28.08
CA GLN B 68 5.82 8.23 -28.85
C GLN B 68 5.57 9.51 -28.06
N LEU B 69 4.54 9.53 -27.24
CA LEU B 69 4.38 10.68 -26.38
C LEU B 69 4.84 10.39 -24.99
N GLU B 70 6.08 10.75 -24.66
CA GLU B 70 6.60 10.62 -23.33
C GLU B 70 7.16 11.95 -22.86
N VAL B 71 6.72 12.43 -21.70
CA VAL B 71 7.06 13.73 -21.20
C VAL B 71 7.61 13.67 -19.76
N LEU B 72 7.47 12.54 -19.10
CA LEU B 72 7.98 12.39 -17.77
C LEU B 72 9.24 11.50 -17.77
N LYS B 73 10.40 12.07 -17.49
CA LYS B 73 11.65 11.29 -17.45
C LYS B 73 11.61 10.24 -16.36
N TYR B 74 10.74 10.44 -15.38
CA TYR B 74 10.56 9.56 -14.23
C TYR B 74 9.94 8.21 -14.52
N VAL B 75 9.24 8.10 -15.64
CA VAL B 75 8.60 6.87 -16.01
C VAL B 75 9.46 6.18 -17.02
N PRO B 76 9.86 4.94 -16.75
CA PRO B 76 10.69 4.31 -17.77
C PRO B 76 9.93 4.23 -19.06
N SER B 77 10.66 4.35 -20.14
CA SER B 77 10.14 4.40 -21.48
C SER B 77 9.51 3.07 -21.93
N PHE B 78 8.45 3.17 -22.71
CA PHE B 78 7.60 2.06 -23.15
C PHE B 78 7.57 2.04 -24.69
N PRO B 79 7.59 0.86 -25.32
CA PRO B 79 7.45 0.78 -26.78
C PRO B 79 6.23 1.51 -27.31
N GLY B 80 5.14 1.46 -26.55
CA GLY B 80 3.93 2.16 -26.91
C GLY B 80 2.76 1.24 -27.16
N ASN B 81 1.63 1.84 -27.43
CA ASN B 81 0.38 1.13 -27.67
C ASN B 81 0.38 0.15 -28.84
N LEU B 82 1.02 0.52 -29.94
CA LEU B 82 1.03 -0.36 -31.09
C LEU B 82 1.73 -1.65 -30.73
N ALA B 83 2.85 -1.55 -30.04
CA ALA B 83 3.52 -2.75 -29.58
C ALA B 83 2.74 -3.47 -28.50
N ALA B 84 2.17 -2.73 -27.56
CA ALA B 84 1.39 -3.33 -26.51
C ALA B 84 0.22 -4.10 -27.09
N GLY B 85 -0.43 -3.51 -28.09
CA GLY B 85 -1.53 -4.15 -28.80
C GLY B 85 -1.25 -5.55 -29.31
N LYS B 86 -0.01 -5.81 -29.70
CA LYS B 86 0.40 -7.12 -30.19
C LYS B 86 0.52 -8.13 -29.09
N VAL B 87 0.45 -7.70 -27.83
CA VAL B 87 0.83 -8.54 -26.72
C VAL B 87 -0.33 -8.74 -25.75
N ASP B 88 -0.32 -9.82 -24.99
CA ASP B 88 -1.26 -10.03 -23.89
C ASP B 88 -1.60 -8.75 -23.14
N PRO B 89 -2.88 -8.37 -23.11
CA PRO B 89 -3.29 -7.09 -22.54
C PRO B 89 -2.92 -6.90 -21.06
N VAL B 90 -2.66 -7.99 -20.36
CA VAL B 90 -2.22 -7.90 -18.98
C VAL B 90 -0.95 -7.06 -18.85
N PHE B 91 -0.11 -7.07 -19.88
CA PHE B 91 1.11 -6.30 -19.83
C PHE B 91 0.86 -4.81 -19.90
N THR B 92 -0.24 -4.44 -20.55
CA THR B 92 -0.64 -3.05 -20.65
C THR B 92 -1.13 -2.58 -19.31
N GLY B 93 -1.88 -3.41 -18.63
CA GLY B 93 -2.39 -3.13 -17.31
C GLY B 93 -1.24 -2.97 -16.32
N ARG B 94 -0.26 -3.86 -16.39
CA ARG B 94 0.90 -3.78 -15.50
C ARG B 94 1.74 -2.54 -15.81
N TYR B 95 1.94 -2.18 -17.08
CA TYR B 95 2.69 -0.98 -17.39
C TYR B 95 2.02 0.28 -16.80
N CYS B 96 0.73 0.41 -16.99
CA CYS B 96 0.00 1.59 -16.61
C CYS B 96 -0.12 1.71 -15.10
N GLU B 97 -0.12 0.57 -14.41
CA GLU B 97 -0.03 0.64 -12.98
C GLU B 97 1.33 1.17 -12.57
N MET B 98 2.38 0.67 -13.19
CA MET B 98 3.70 1.14 -12.92
C MET B 98 3.81 2.66 -13.19
N ALA B 99 3.31 3.12 -14.32
CA ALA B 99 3.43 4.52 -14.69
C ALA B 99 2.61 5.39 -13.74
N GLY B 100 1.38 4.95 -13.50
CA GLY B 100 0.49 5.62 -12.59
C GLY B 100 0.99 5.74 -11.17
N ARG B 101 1.60 4.70 -10.65
CA ARG B 101 2.15 4.74 -9.31
C ARG B 101 3.27 5.77 -9.16
N ILE B 102 4.20 5.73 -10.10
CA ILE B 102 5.22 6.73 -10.22
C ILE B 102 4.65 8.13 -10.36
N MET B 103 3.63 8.31 -11.21
CA MET B 103 2.99 9.61 -11.40
C MET B 103 2.37 10.10 -10.12
N ASN B 104 1.72 9.17 -9.41
CA ASN B 104 0.99 9.49 -8.21
C ASN B 104 1.95 9.90 -7.10
N THR B 105 3.11 9.25 -7.03
CA THR B 105 4.14 9.65 -6.11
C THR B 105 4.68 11.07 -6.38
N LEU B 106 4.83 11.45 -7.63
CA LEU B 106 5.32 12.80 -7.91
C LEU B 106 4.34 13.90 -7.59
N GLY B 107 3.04 13.58 -7.55
CA GLY B 107 2.00 14.54 -7.31
C GLY B 107 0.94 14.63 -8.40
N PHE B 108 1.04 13.85 -9.48
CA PHE B 108 -0.04 13.77 -10.48
C PHE B 108 -1.23 12.96 -9.96
N ASN B 109 -2.44 13.32 -10.35
CA ASN B 109 -3.61 12.54 -9.98
C ASN B 109 -4.51 12.19 -11.18
N MET B 110 -4.10 12.63 -12.38
CA MET B 110 -4.80 12.27 -13.62
C MET B 110 -3.76 12.18 -14.74
N VAL B 111 -3.96 11.28 -15.68
CA VAL B 111 -3.17 11.19 -16.87
C VAL B 111 -4.10 11.25 -18.11
N PHE B 112 -3.66 11.93 -19.16
CA PHE B 112 -4.41 11.95 -20.43
C PHE B 112 -4.03 10.75 -21.31
N ALA B 113 -4.51 9.58 -20.91
CA ALA B 113 -4.32 8.32 -21.60
C ALA B 113 -5.30 7.38 -20.96
N PRO B 114 -5.64 6.25 -21.60
CA PRO B 114 -5.16 5.79 -22.92
C PRO B 114 -5.84 6.41 -24.14
N VAL B 115 -5.13 6.37 -25.25
CA VAL B 115 -5.64 6.60 -26.58
C VAL B 115 -6.47 5.40 -26.98
N LEU B 116 -7.71 5.62 -27.38
CA LEU B 116 -8.59 4.53 -27.80
C LEU B 116 -8.95 4.52 -29.30
N ASP B 117 -8.36 5.44 -30.03
CA ASP B 117 -8.54 5.57 -31.45
C ASP B 117 -8.03 4.34 -32.18
N LEU B 118 -8.71 3.92 -33.23
CA LEU B 118 -8.31 2.76 -33.98
C LEU B 118 -7.23 3.11 -34.96
N LEU B 119 -6.38 2.17 -35.27
CA LEU B 119 -5.42 2.37 -36.32
C LEU B 119 -6.09 2.08 -37.67
N SER B 120 -6.03 3.01 -38.62
CA SER B 120 -6.43 2.69 -40.00
C SER B 120 -5.27 3.02 -40.91
N GLU B 121 -5.38 2.69 -42.18
CA GLU B 121 -4.29 2.94 -43.11
C GLU B 121 -4.27 4.39 -43.59
N LYS B 122 -5.43 5.05 -43.60
CA LYS B 122 -5.51 6.50 -43.82
C LYS B 122 -4.70 7.28 -42.78
N GLY B 123 -4.95 7.00 -41.49
CA GLY B 123 -4.23 7.61 -40.38
C GLY B 123 -2.73 7.35 -40.32
N SER B 124 -1.97 8.38 -39.91
CA SER B 124 -0.56 8.25 -39.54
C SER B 124 -0.02 9.56 -38.93
N VAL B 127 0.32 9.96 -34.18
CA VAL B 127 -0.82 9.09 -34.48
C VAL B 127 -0.44 7.62 -34.58
N ASP B 128 0.69 7.41 -35.23
CA ASP B 128 0.98 6.15 -35.86
C ASP B 128 1.19 5.02 -34.87
N LEU B 129 2.03 5.28 -33.87
CA LEU B 129 2.32 4.30 -32.87
C LEU B 129 1.42 4.43 -31.63
N ARG B 130 0.58 5.46 -31.59
CA ARG B 130 -0.15 5.75 -30.39
C ARG B 130 -1.44 4.95 -30.18
N SER B 131 -1.80 4.11 -31.13
CA SER B 131 -2.98 3.32 -31.04
C SER B 131 -2.65 1.85 -30.79
N PHE B 132 -3.49 1.16 -30.05
CA PHE B 132 -3.29 -0.25 -29.80
C PHE B 132 -3.46 -1.18 -30.99
N GLY B 133 -4.21 -0.77 -32.02
CA GLY B 133 -4.44 -1.61 -33.19
C GLY B 133 -5.69 -1.28 -34.03
N SER B 134 -5.94 -2.10 -35.05
CA SER B 134 -7.10 -1.96 -35.93
C SER B 134 -8.31 -2.65 -35.39
N ASP B 135 -8.08 -3.80 -34.81
CA ASP B 135 -9.15 -4.61 -34.33
C ASP B 135 -9.81 -3.94 -33.12
N PRO B 136 -11.08 -3.59 -33.26
CA PRO B 136 -11.75 -2.89 -32.17
C PRO B 136 -11.75 -3.66 -30.87
N GLU B 137 -11.76 -4.99 -30.95
CA GLU B 137 -11.73 -5.85 -29.78
C GLU B 137 -10.39 -5.82 -29.05
N VAL B 138 -9.31 -5.80 -29.81
CA VAL B 138 -7.97 -5.65 -29.28
C VAL B 138 -7.81 -4.30 -28.59
N VAL B 139 -8.35 -3.25 -29.18
CA VAL B 139 -8.25 -1.93 -28.60
C VAL B 139 -9.05 -1.83 -27.31
N ALA B 140 -10.17 -2.53 -27.28
CA ALA B 140 -11.06 -2.44 -26.13
C ALA B 140 -10.48 -3.12 -24.90
N SER B 141 -9.85 -4.26 -25.09
CA SER B 141 -9.32 -5.03 -23.98
C SER B 141 -8.03 -4.40 -23.45
N HIS B 142 -7.25 -3.82 -24.35
CA HIS B 142 -6.07 -3.10 -23.92
C HIS B 142 -6.44 -1.80 -23.25
N GLY B 143 -7.44 -1.13 -23.78
CA GLY B 143 -7.89 0.10 -23.21
C GLY B 143 -8.42 -0.11 -21.82
N MET B 144 -9.12 -1.22 -21.64
CA MET B 144 -9.67 -1.55 -20.34
C MET B 144 -8.57 -1.90 -19.33
N GLU B 145 -7.57 -2.68 -19.74
CA GLU B 145 -6.44 -2.97 -18.89
C GLU B 145 -5.70 -1.71 -18.54
N ALA B 146 -5.56 -0.80 -19.50
CA ALA B 146 -4.90 0.47 -19.25
C ALA B 146 -5.63 1.37 -18.22
N CYS B 147 -6.92 1.57 -18.38
CA CYS B 147 -7.68 2.37 -17.43
C CYS B 147 -7.63 1.78 -16.03
N MET B 148 -7.70 0.46 -15.95
CA MET B 148 -7.69 -0.24 -14.70
C MET B 148 -6.29 -0.15 -14.02
N GLY B 149 -5.21 -0.29 -14.79
CA GLY B 149 -3.88 -0.14 -14.28
C GLY B 149 -3.59 1.26 -13.76
N TYR B 150 -3.93 2.27 -14.55
CA TYR B 150 -3.75 3.64 -14.16
C TYR B 150 -4.44 3.85 -12.83
N PHE B 151 -5.66 3.35 -12.73
CA PHE B 151 -6.39 3.50 -11.52
C PHE B 151 -5.78 2.77 -10.29
N LYS B 152 -5.28 1.53 -10.42
CA LYS B 152 -4.66 0.88 -9.28
C LYS B 152 -3.42 1.65 -8.85
N GLY B 153 -2.73 2.21 -9.82
CA GLY B 153 -1.55 2.99 -9.60
C GLY B 153 -1.80 4.32 -8.91
N GLY B 154 -3.00 4.84 -8.93
CA GLY B 154 -3.25 6.05 -8.19
C GLY B 154 -3.55 7.25 -9.05
N VAL B 155 -3.80 7.01 -10.30
CA VAL B 155 -4.08 8.12 -11.19
C VAL B 155 -5.35 7.89 -11.98
N ILE B 156 -6.19 8.90 -12.13
CA ILE B 156 -7.43 8.76 -12.93
C ILE B 156 -7.21 8.86 -14.43
N PRO B 157 -7.64 7.85 -15.19
CA PRO B 157 -7.45 7.95 -16.65
C PRO B 157 -8.42 8.86 -17.34
N CYS B 158 -7.99 9.31 -18.49
CA CYS B 158 -8.83 10.10 -19.37
C CYS B 158 -8.71 9.54 -20.78
N ILE B 159 -9.74 8.84 -21.22
CA ILE B 159 -9.74 8.18 -22.50
C ILE B 159 -9.95 9.22 -23.58
N LYS B 160 -9.33 9.02 -24.72
CA LYS B 160 -9.36 10.01 -25.77
C LYS B 160 -9.23 9.32 -27.15
N HIS B 161 -9.67 9.95 -28.23
CA HIS B 161 -10.55 11.13 -28.21
C HIS B 161 -11.94 10.75 -28.72
N PHE B 162 -12.96 10.92 -27.88
CA PHE B 162 -14.31 10.49 -28.20
C PHE B 162 -14.87 11.26 -29.43
N PRO B 163 -15.51 10.56 -30.36
CA PRO B 163 -15.86 9.14 -30.42
C PRO B 163 -14.87 8.27 -31.18
N GLY B 164 -13.65 8.74 -31.38
CA GLY B 164 -12.65 7.95 -32.06
C GLY B 164 -12.42 8.55 -33.40
N HIS B 165 -11.18 8.74 -33.78
CA HIS B 165 -10.93 9.46 -35.01
C HIS B 165 -9.74 8.90 -35.71
N GLY B 166 -9.51 7.60 -35.58
CA GLY B 166 -8.46 7.00 -36.33
C GLY B 166 -8.73 6.87 -37.83
N LYS B 167 -9.99 7.05 -38.24
CA LYS B 167 -10.39 6.89 -39.64
C LYS B 167 -10.19 8.15 -40.48
N THR B 168 -9.45 9.13 -40.01
CA THR B 168 -9.21 10.31 -40.80
C THR B 168 -7.73 10.51 -41.03
N ALA B 169 -7.36 11.03 -42.19
CA ALA B 169 -5.95 11.30 -42.48
C ALA B 169 -5.51 12.66 -41.94
N ASP B 170 -6.46 13.52 -41.63
CA ASP B 170 -6.19 14.89 -41.20
C ASP B 170 -5.88 15.08 -39.73
N ASP B 171 -5.04 16.05 -39.41
CA ASP B 171 -4.61 16.32 -38.04
C ASP B 171 -5.24 17.58 -37.49
N SER B 172 -5.81 17.51 -36.29
CA SER B 172 -6.58 18.62 -35.75
C SER B 172 -5.74 19.79 -35.34
N HIS B 173 -4.43 19.63 -35.34
CA HIS B 173 -3.57 20.75 -35.03
C HIS B 173 -3.43 21.63 -36.26
N TYR B 174 -3.78 21.10 -37.43
CA TYR B 174 -3.62 21.85 -38.69
C TYR B 174 -4.94 22.36 -39.26
N LEU B 175 -5.94 21.50 -39.33
CA LEU B 175 -7.30 21.83 -39.82
C LEU B 175 -8.35 21.01 -39.07
N LEU B 176 -9.63 21.21 -39.39
CA LEU B 176 -10.65 20.37 -38.83
C LEU B 176 -10.82 19.10 -39.66
N PRO B 177 -10.48 17.95 -39.08
CA PRO B 177 -10.59 16.70 -39.83
C PRO B 177 -12.01 16.18 -39.94
N THR B 178 -12.18 15.23 -40.83
CA THR B 178 -13.47 14.65 -41.11
C THR B 178 -13.39 13.13 -41.09
N VAL B 179 -14.34 12.50 -40.44
CA VAL B 179 -14.50 11.05 -40.49
C VAL B 179 -15.86 10.74 -41.16
N ASN B 180 -15.87 9.92 -42.20
CA ASN B 180 -17.07 9.74 -42.99
C ASN B 180 -17.99 8.64 -42.57
N ALA B 181 -17.56 7.82 -41.62
CA ALA B 181 -18.31 6.66 -41.19
C ALA B 181 -19.75 6.94 -40.77
N SER B 182 -20.62 5.99 -41.00
CA SER B 182 -22.01 6.08 -40.52
C SER B 182 -22.02 5.85 -39.05
N PHE B 183 -23.11 6.24 -38.39
CA PHE B 183 -23.22 6.00 -36.98
C PHE B 183 -23.16 4.53 -36.59
N GLU B 184 -23.73 3.67 -37.41
CA GLU B 184 -23.70 2.25 -37.09
C GLU B 184 -22.26 1.72 -37.13
N GLU B 185 -21.46 2.24 -38.03
CA GLU B 185 -20.05 1.87 -38.13
C GLU B 185 -19.23 2.37 -36.90
N LEU B 186 -19.41 3.64 -36.52
CA LEU B 186 -18.81 4.18 -35.33
C LEU B 186 -19.13 3.35 -34.09
N TRP B 187 -20.41 3.02 -33.96
CA TRP B 187 -20.92 2.27 -32.84
C TRP B 187 -20.30 0.92 -32.73
N ARG B 188 -20.23 0.23 -33.86
CA ARG B 188 -19.66 -1.11 -33.90
C ARG B 188 -18.18 -1.09 -33.68
N GLU B 189 -17.53 -0.01 -34.07
CA GLU B 189 -16.09 -0.02 -34.12
C GLU B 189 -15.38 0.98 -33.21
N ASP B 190 -15.34 2.23 -33.66
CA ASP B 190 -14.55 3.23 -32.99
C ASP B 190 -15.05 3.41 -31.57
N LEU B 191 -16.34 3.24 -31.37
CA LEU B 191 -16.93 3.44 -30.07
C LEU B 191 -16.82 2.22 -29.21
N LEU B 192 -16.47 1.08 -29.80
CA LEU B 192 -16.42 -0.16 -29.02
C LEU B 192 -15.48 -0.07 -27.78
N PRO B 193 -14.24 0.45 -27.92
CA PRO B 193 -13.44 0.50 -26.69
C PRO B 193 -13.96 1.52 -25.69
N PHE B 194 -14.54 2.62 -26.15
CA PHE B 194 -15.19 3.54 -25.21
C PHE B 194 -16.34 2.86 -24.45
N ARG B 195 -17.14 2.06 -25.15
CA ARG B 195 -18.26 1.37 -24.54
C ARG B 195 -17.74 0.42 -23.49
N ARG B 196 -16.60 -0.19 -23.77
CA ARG B 196 -16.02 -1.13 -22.85
C ARG B 196 -15.74 -0.48 -21.48
N ILE B 197 -15.25 0.76 -21.49
CA ILE B 197 -14.87 1.46 -20.27
C ILE B 197 -16.12 1.89 -19.49
N PHE B 198 -17.10 2.41 -20.22
CA PHE B 198 -18.35 2.89 -19.64
C PHE B 198 -19.14 1.76 -18.98
N GLN B 199 -19.02 0.56 -19.49
CA GLN B 199 -19.67 -0.61 -18.90
C GLN B 199 -19.01 -1.17 -17.65
N SER B 200 -17.76 -0.77 -17.38
CA SER B 200 -17.04 -1.17 -16.17
C SER B 200 -17.31 -0.20 -15.00
N ARG B 201 -16.69 -0.42 -13.87
CA ARG B 201 -16.75 0.51 -12.74
C ARG B 201 -15.48 1.31 -12.50
N VAL B 202 -14.62 1.47 -13.50
CA VAL B 202 -13.46 2.34 -13.34
C VAL B 202 -13.84 3.80 -13.51
N LYS B 203 -13.42 4.65 -12.60
CA LYS B 203 -13.59 6.08 -12.73
C LYS B 203 -12.64 6.59 -13.84
N THR B 204 -13.19 7.34 -14.79
CA THR B 204 -12.46 7.80 -15.95
C THR B 204 -13.00 9.16 -16.37
N ALA B 205 -12.16 9.94 -17.01
CA ALA B 205 -12.65 11.10 -17.73
C ALA B 205 -12.63 10.76 -19.23
N VAL B 206 -13.28 11.62 -20.00
CA VAL B 206 -13.37 11.47 -21.45
C VAL B 206 -12.98 12.77 -22.11
N MET B 207 -12.09 12.69 -23.07
CA MET B 207 -11.72 13.87 -23.82
C MET B 207 -12.31 13.81 -25.20
N THR B 208 -12.87 14.91 -25.67
CA THR B 208 -13.51 14.97 -27.00
C THR B 208 -12.54 15.14 -28.14
N ALA B 209 -12.94 14.72 -29.33
CA ALA B 209 -12.15 14.95 -30.53
C ALA B 209 -12.63 16.19 -31.23
N HIS B 210 -11.71 17.02 -31.67
CA HIS B 210 -12.03 18.11 -32.55
C HIS B 210 -12.18 17.57 -33.95
N VAL B 211 -13.18 16.73 -34.19
CA VAL B 211 -13.32 16.08 -35.47
C VAL B 211 -14.78 16.12 -35.86
N LYS B 212 -15.03 16.36 -37.14
CA LYS B 212 -16.35 16.39 -37.73
C LYS B 212 -16.72 15.02 -38.26
N TYR B 213 -17.96 14.64 -38.00
CA TYR B 213 -18.53 13.38 -38.48
C TYR B 213 -19.82 13.60 -39.30
N PRO B 214 -19.69 14.01 -40.57
CA PRO B 214 -20.78 14.48 -41.43
C PRO B 214 -21.95 13.50 -41.69
N ALA B 215 -21.76 12.19 -41.60
CA ALA B 215 -22.86 11.25 -41.71
C ALA B 215 -23.70 11.29 -40.43
N VAL B 216 -23.26 12.07 -39.44
CA VAL B 216 -23.94 12.13 -38.16
C VAL B 216 -24.34 13.54 -37.74
N ASP B 217 -23.48 14.52 -37.93
CA ASP B 217 -23.74 15.88 -37.46
C ASP B 217 -22.80 16.89 -38.09
N ASP B 218 -23.14 18.16 -38.09
CA ASP B 218 -22.26 19.11 -38.76
C ASP B 218 -21.11 19.58 -37.90
N LEU B 219 -21.28 19.51 -36.59
CA LEU B 219 -20.29 20.03 -35.68
C LEU B 219 -19.18 19.04 -35.32
N PRO B 220 -18.01 19.58 -34.96
CA PRO B 220 -16.96 18.78 -34.35
C PRO B 220 -17.51 18.19 -33.07
N ALA B 221 -17.09 16.99 -32.72
CA ALA B 221 -17.63 16.29 -31.56
C ALA B 221 -17.57 17.13 -30.29
N THR B 222 -16.48 17.88 -30.10
CA THR B 222 -16.31 18.78 -28.97
C THR B 222 -17.48 19.73 -28.84
N LEU B 223 -17.97 20.18 -29.98
CA LEU B 223 -19.02 21.17 -30.02
C LEU B 223 -20.41 20.57 -30.37
N SER B 224 -20.55 19.26 -30.32
CA SER B 224 -21.75 18.60 -30.85
C SER B 224 -22.67 18.05 -29.79
N LYS B 225 -23.85 18.65 -29.67
CA LYS B 225 -24.82 18.19 -28.70
C LYS B 225 -25.30 16.78 -29.04
N LYS B 226 -25.31 16.45 -30.33
CA LYS B 226 -25.69 15.10 -30.68
C LYS B 226 -24.68 14.07 -30.21
N LEU B 227 -23.40 14.32 -30.45
CA LEU B 227 -22.39 13.35 -30.09
C LEU B 227 -22.22 13.31 -28.56
N ILE B 228 -22.25 14.45 -27.89
CA ILE B 228 -21.98 14.44 -26.47
C ILE B 228 -23.20 14.18 -25.58
N THR B 229 -24.33 14.82 -25.86
CA THR B 229 -25.50 14.58 -25.03
C THR B 229 -26.24 13.33 -25.49
N GLU B 230 -26.56 13.24 -26.76
CA GLU B 230 -27.46 12.17 -27.16
C GLU B 230 -26.68 10.87 -27.25
N VAL B 231 -25.41 10.90 -27.65
CA VAL B 231 -24.63 9.66 -27.68
C VAL B 231 -23.89 9.30 -26.39
N LEU B 232 -23.04 10.21 -25.89
CA LEU B 232 -22.20 9.91 -24.73
C LEU B 232 -22.97 9.89 -23.39
N ARG B 233 -23.77 10.91 -23.17
CA ARG B 233 -24.55 10.96 -21.94
C ARG B 233 -25.73 10.01 -21.97
N GLU B 234 -26.53 10.03 -23.03
CA GLU B 234 -27.76 9.24 -23.04
C GLU B 234 -27.51 7.77 -23.51
N LYS B 235 -27.10 7.48 -24.75
CA LYS B 235 -26.99 6.06 -25.12
C LYS B 235 -25.85 5.36 -24.39
N LEU B 236 -24.71 6.01 -24.16
CA LEU B 236 -23.62 5.30 -23.49
C LEU B 236 -23.70 5.43 -21.97
N ASN B 237 -24.57 6.32 -21.51
CA ASN B 237 -24.84 6.45 -20.08
C ASN B 237 -23.63 6.93 -19.27
N PHE B 238 -22.81 7.79 -19.86
CA PHE B 238 -21.63 8.25 -19.14
C PHE B 238 -21.96 9.48 -18.35
N LYS B 239 -21.77 9.38 -17.05
CA LYS B 239 -22.14 10.45 -16.15
C LYS B 239 -20.92 11.22 -15.66
N GLY B 240 -19.73 10.83 -16.10
CA GLY B 240 -18.53 11.40 -15.56
C GLY B 240 -18.08 12.67 -16.23
N LEU B 241 -16.82 13.03 -16.02
CA LEU B 241 -16.22 14.26 -16.48
C LEU B 241 -15.86 14.28 -17.97
N VAL B 242 -16.33 15.29 -18.68
CA VAL B 242 -16.03 15.43 -20.10
C VAL B 242 -15.18 16.66 -20.32
N LEU B 243 -14.00 16.44 -20.90
CA LEU B 243 -13.00 17.45 -21.22
C LEU B 243 -12.96 17.66 -22.67
N SER B 244 -12.75 18.89 -23.10
CA SER B 244 -12.48 19.16 -24.49
C SER B 244 -11.05 18.84 -24.77
N ASP B 245 -10.70 18.62 -26.03
CA ASP B 245 -9.31 18.77 -26.40
C ASP B 245 -8.98 20.28 -26.36
N ALA B 246 -7.74 20.69 -26.57
CA ALA B 246 -7.43 22.11 -26.34
C ALA B 246 -8.20 23.06 -27.31
N MET B 247 -8.96 24.00 -26.74
CA MET B 247 -9.84 24.84 -27.58
C MET B 247 -9.17 25.73 -28.59
N GLU B 248 -7.92 26.11 -28.35
CA GLU B 248 -7.17 26.97 -29.26
C GLU B 248 -6.72 26.23 -30.50
N MET B 249 -6.87 24.92 -30.51
CA MET B 249 -6.40 24.13 -31.63
C MET B 249 -7.15 24.57 -32.88
N LYS B 250 -6.45 24.62 -33.99
CA LYS B 250 -6.91 25.24 -35.21
C LYS B 250 -8.27 24.71 -35.66
N ALA B 251 -8.46 23.41 -35.51
CA ALA B 251 -9.70 22.75 -35.90
C ALA B 251 -10.86 23.50 -35.31
N ILE B 252 -10.67 24.00 -34.10
CA ILE B 252 -11.69 24.84 -33.51
C ILE B 252 -11.49 26.33 -33.74
N SER B 253 -10.28 26.86 -33.48
CA SER B 253 -10.10 28.31 -33.45
C SER B 253 -10.21 28.96 -34.84
N GLU B 254 -9.93 28.22 -35.89
CA GLU B 254 -10.10 28.77 -37.22
C GLU B 254 -11.52 28.61 -37.81
N ASN B 255 -12.47 28.11 -37.03
CA ASN B 255 -13.80 27.85 -37.54
C ASN B 255 -14.89 28.32 -36.60
N PHE B 256 -14.51 28.72 -35.40
CA PHE B 256 -15.46 29.13 -34.40
C PHE B 256 -14.84 30.22 -33.61
N SER B 257 -15.66 31.06 -33.02
CA SER B 257 -15.17 32.09 -32.15
C SER B 257 -14.96 31.48 -30.78
N VAL B 258 -14.20 32.16 -29.95
CA VAL B 258 -14.02 31.75 -28.56
C VAL B 258 -15.38 31.61 -27.89
N GLU B 259 -16.27 32.53 -28.18
CA GLU B 259 -17.58 32.52 -27.55
C GLU B 259 -18.46 31.40 -28.15
N GLU B 260 -18.27 31.09 -29.43
CA GLU B 260 -19.06 30.00 -29.99
C GLU B 260 -18.59 28.67 -29.38
N ALA B 261 -17.29 28.52 -29.23
CA ALA B 261 -16.72 27.27 -28.76
C ALA B 261 -17.12 26.97 -27.34
N VAL B 262 -17.05 27.99 -26.50
CA VAL B 262 -17.40 27.84 -25.11
C VAL B 262 -18.88 27.49 -24.97
N ARG B 263 -19.72 28.19 -25.75
CA ARG B 263 -21.18 27.95 -25.75
C ARG B 263 -21.55 26.55 -26.20
N PHE B 264 -21.10 26.18 -27.38
CA PHE B 264 -21.44 24.87 -27.92
C PHE B 264 -21.02 23.77 -26.97
N PHE B 265 -19.78 23.85 -26.47
CA PHE B 265 -19.21 22.76 -25.66
C PHE B 265 -19.96 22.56 -24.35
N ILE B 266 -20.24 23.63 -23.63
CA ILE B 266 -20.98 23.52 -22.38
C ILE B 266 -22.44 23.16 -22.70
N GLU B 267 -23.03 23.78 -23.71
CA GLU B 267 -24.40 23.41 -24.06
C GLU B 267 -24.47 21.98 -24.56
N ALA B 268 -23.39 21.50 -25.17
CA ALA B 268 -23.37 20.14 -25.67
C ALA B 268 -23.31 19.13 -24.55
N GLY B 269 -22.99 19.57 -23.32
CA GLY B 269 -22.85 18.65 -22.22
C GLY B 269 -21.43 18.46 -21.66
N GLY B 270 -20.46 19.20 -22.17
CA GLY B 270 -19.11 19.09 -21.65
C GLY B 270 -18.89 19.77 -20.31
N ASN B 271 -17.90 19.33 -19.54
CA ASN B 271 -17.73 19.88 -18.21
C ASN B 271 -16.53 20.81 -18.04
N MET B 272 -15.40 20.45 -18.64
CA MET B 272 -14.20 21.25 -18.46
C MET B 272 -13.58 21.64 -19.77
N ILE B 273 -13.35 22.94 -19.93
CA ILE B 273 -12.70 23.46 -21.12
C ILE B 273 -11.20 23.38 -20.98
N LEU B 274 -10.54 22.61 -21.84
CA LEU B 274 -9.08 22.48 -21.85
C LEU B 274 -8.47 23.61 -22.67
N LEU B 275 -7.61 24.42 -22.04
CA LEU B 275 -6.84 25.41 -22.76
C LEU B 275 -5.35 25.00 -22.82
N ASP B 276 -4.74 25.02 -23.98
CA ASP B 276 -3.37 24.59 -23.99
C ASP B 276 -2.45 25.71 -23.51
N ASN B 277 -3.01 26.85 -23.13
CA ASN B 277 -2.21 27.97 -22.69
C ASN B 277 -2.87 28.70 -21.54
N PHE B 278 -2.28 28.65 -20.35
CA PHE B 278 -2.93 29.27 -19.19
C PHE B 278 -3.15 30.75 -19.37
N ARG B 279 -2.39 31.37 -20.24
CA ARG B 279 -2.54 32.78 -20.48
C ARG B 279 -3.83 33.15 -21.21
N ASP B 280 -4.44 32.20 -21.92
CA ASP B 280 -5.73 32.38 -22.56
C ASP B 280 -6.88 32.28 -21.59
N LEU B 281 -6.62 31.89 -20.35
CA LEU B 281 -7.72 31.70 -19.43
C LEU B 281 -8.61 32.95 -19.25
N PRO B 282 -8.02 34.16 -19.05
CA PRO B 282 -8.87 35.33 -18.82
C PRO B 282 -9.85 35.59 -19.97
N VAL B 283 -9.44 35.45 -21.21
CA VAL B 283 -10.37 35.56 -22.32
C VAL B 283 -11.50 34.53 -22.29
N TYR B 284 -11.18 33.26 -22.14
CA TYR B 284 -12.21 32.24 -22.11
C TYR B 284 -13.07 32.32 -20.88
N TYR B 285 -12.46 32.65 -19.76
CA TYR B 285 -13.18 32.76 -18.51
C TYR B 285 -14.20 33.84 -18.60
N GLU B 286 -13.85 34.95 -19.23
CA GLU B 286 -14.73 36.09 -19.23
C GLU B 286 -15.86 35.83 -20.20
N SER B 287 -15.48 35.18 -21.30
CA SER B 287 -16.41 34.73 -22.30
C SER B 287 -17.49 33.81 -21.73
N LEU B 288 -17.11 32.85 -20.91
CA LEU B 288 -18.07 32.01 -20.25
C LEU B 288 -18.96 32.77 -19.30
N LYS B 289 -18.39 33.73 -18.60
CA LYS B 289 -19.14 34.47 -17.62
C LYS B 289 -20.20 35.33 -18.33
N LYS B 290 -19.84 35.91 -19.45
CA LYS B 290 -20.80 36.65 -20.25
C LYS B 290 -22.00 35.80 -20.64
N LEU B 291 -21.72 34.64 -21.24
CA LEU B 291 -22.72 33.70 -21.75
C LEU B 291 -23.58 33.15 -20.64
N ILE B 292 -23.13 33.26 -19.41
CA ILE B 292 -23.99 32.81 -18.35
C ILE B 292 -24.93 33.93 -17.98
N GLU B 293 -24.47 35.16 -18.10
CA GLU B 293 -25.26 36.29 -17.66
C GLU B 293 -26.25 36.68 -18.72
N ASP B 294 -25.88 36.54 -19.99
CA ASP B 294 -26.83 36.89 -21.03
C ASP B 294 -27.72 35.70 -21.37
N GLY B 295 -27.57 34.60 -20.65
CA GLY B 295 -28.51 33.51 -20.77
C GLY B 295 -28.24 32.47 -21.84
N SER B 296 -27.22 32.66 -22.67
CA SER B 296 -26.92 31.71 -23.72
C SER B 296 -26.40 30.38 -23.19
N ILE B 297 -26.05 30.31 -21.91
CA ILE B 297 -25.64 29.06 -21.31
C ILE B 297 -26.57 28.82 -20.17
N GLU B 298 -27.25 27.70 -20.19
CA GLU B 298 -28.13 27.33 -19.12
C GLU B 298 -27.33 27.21 -17.83
N ARG B 299 -27.79 27.86 -16.77
CA ARG B 299 -27.10 27.83 -15.50
C ARG B 299 -27.03 26.43 -14.93
N GLY B 300 -28.06 25.63 -15.18
CA GLY B 300 -28.12 24.27 -14.68
C GLY B 300 -26.95 23.42 -15.13
N LYS B 301 -26.47 23.66 -16.35
CA LYS B 301 -25.39 22.88 -16.91
C LYS B 301 -24.05 23.24 -16.24
N VAL B 302 -23.86 24.52 -15.99
CA VAL B 302 -22.71 24.98 -15.26
C VAL B 302 -22.65 24.43 -13.84
N GLU B 303 -23.78 24.42 -13.12
CA GLU B 303 -23.83 23.82 -11.79
C GLU B 303 -23.56 22.33 -11.75
N ARG B 304 -24.11 21.60 -12.71
CA ARG B 304 -23.92 20.17 -12.80
C ARG B 304 -22.45 19.86 -13.10
N SER B 305 -21.86 20.64 -13.99
CA SER B 305 -20.47 20.53 -14.31
C SER B 305 -19.61 20.75 -13.07
N ILE B 306 -19.91 21.82 -12.33
CA ILE B 306 -19.20 22.11 -11.10
C ILE B 306 -19.34 20.96 -10.11
N LYS B 307 -20.52 20.36 -10.04
CA LYS B 307 -20.74 19.22 -9.14
C LYS B 307 -19.81 18.06 -9.48
N ILE B 308 -19.72 17.73 -10.77
CA ILE B 308 -18.92 16.63 -11.25
C ILE B 308 -17.43 16.84 -10.94
N VAL B 309 -16.91 18.04 -11.22
CA VAL B 309 -15.50 18.32 -10.94
C VAL B 309 -15.23 18.18 -9.44
N ASP B 310 -16.14 18.67 -8.63
CA ASP B 310 -16.01 18.55 -7.19
C ASP B 310 -15.94 17.08 -6.75
N GLU B 311 -16.67 16.21 -7.41
CA GLU B 311 -16.53 14.81 -7.06
C GLU B 311 -15.14 14.33 -7.38
N TYR B 312 -14.61 14.66 -8.56
CA TYR B 312 -13.26 14.22 -8.95
C TYR B 312 -12.18 14.80 -8.00
N LEU B 313 -12.34 16.06 -7.62
CA LEU B 313 -11.38 16.72 -6.74
C LEU B 313 -11.29 16.12 -5.38
N SER B 314 -12.41 15.62 -4.87
CA SER B 314 -12.46 15.07 -3.52
C SER B 314 -11.97 13.64 -3.49
N ALA B 315 -12.05 12.98 -4.62
CA ALA B 315 -11.53 11.64 -4.81
C ALA B 315 -10.02 11.52 -4.61
N LEU B 316 -9.29 12.62 -4.79
CA LEU B 316 -7.82 12.58 -4.95
C LEU B 316 -7.02 12.33 -3.68
N GLU B 317 -7.33 13.02 -2.59
CA GLU B 317 -6.88 12.55 -1.27
C GLU B 317 -5.37 12.36 -1.00
N ASN B 318 -4.47 12.73 -1.90
CA ASN B 318 -3.14 12.13 -1.78
C ASN B 318 -2.13 12.84 -0.87
N ARG B 319 -1.16 12.06 -0.39
CA ARG B 319 -0.13 12.49 0.57
C ARG B 319 1.12 12.95 -0.14
N PHE B 320 1.30 12.41 -1.34
CA PHE B 320 2.53 12.54 -2.09
C PHE B 320 2.62 13.79 -2.94
N ASN B 321 3.60 14.62 -2.65
CA ASN B 321 3.94 15.70 -3.52
C ASN B 321 5.45 15.99 -3.56
N SER B 322 5.99 15.93 -4.76
CA SER B 322 7.39 16.11 -5.04
C SER B 322 7.88 17.48 -4.72
N GLY B 323 6.96 18.40 -4.48
CA GLY B 323 7.30 19.73 -4.08
C GLY B 323 7.97 19.86 -2.73
N LEU B 324 8.02 18.76 -1.97
CA LEU B 324 8.70 18.75 -0.70
C LEU B 324 10.14 19.10 -0.94
N ILE B 325 10.63 18.68 -2.10
CA ILE B 325 12.01 18.90 -2.47
C ILE B 325 12.29 20.37 -2.60
N ALA B 326 11.32 21.10 -3.14
CA ALA B 326 11.48 22.54 -3.26
C ALA B 326 11.48 23.19 -1.90
N GLU B 327 10.74 22.66 -0.93
CA GLU B 327 10.75 23.23 0.44
C GLU B 327 12.09 22.98 1.15
N VAL B 328 12.64 21.79 0.98
CA VAL B 328 13.91 21.50 1.60
C VAL B 328 14.93 22.50 1.10
N ALA B 329 14.95 22.73 -0.21
CA ALA B 329 15.88 23.65 -0.83
C ALA B 329 15.66 25.06 -0.34
N GLU B 330 14.41 25.49 -0.28
CA GLU B 330 14.07 26.80 0.21
C GLU B 330 14.56 27.02 1.66
N ARG B 331 14.29 26.05 2.51
CA ARG B 331 14.52 26.21 3.91
C ARG B 331 16.01 26.06 4.30
N ALA B 332 16.82 25.46 3.45
CA ALA B 332 18.23 25.26 3.71
C ALA B 332 19.08 26.44 3.28
N ILE B 333 18.43 27.56 2.98
CA ILE B 333 19.17 28.72 2.54
C ILE B 333 19.36 29.72 3.66
N GLU B 334 20.61 30.06 3.94
CA GLU B 334 20.98 31.08 4.92
C GLU B 334 21.57 32.27 4.12
N CYS B 335 21.18 33.48 4.44
CA CYS B 335 21.75 34.61 3.75
C CYS B 335 22.06 35.76 4.69
N THR B 336 23.06 36.57 4.36
CA THR B 336 23.24 37.85 5.07
C THR B 336 22.30 38.90 4.51
N ARG B 337 22.30 40.08 5.12
CA ARG B 337 21.39 41.12 4.68
C ARG B 337 21.97 41.78 3.41
N MET B 338 21.08 41.99 2.45
CA MET B 338 21.43 42.45 1.10
C MET B 338 20.75 43.76 0.76
N ARG B 339 21.41 44.63 0.02
CA ARG B 339 20.74 45.87 -0.32
C ARG B 339 19.86 45.71 -1.54
N LYS B 340 18.57 45.97 -1.37
CA LYS B 340 17.61 46.00 -2.49
C LYS B 340 18.12 46.62 -3.77
N GLU B 341 18.70 47.79 -3.60
CA GLU B 341 19.11 48.67 -4.68
C GLU B 341 20.19 48.10 -5.58
N LEU B 342 20.96 47.15 -5.08
CA LEU B 342 21.88 46.44 -5.95
C LEU B 342 21.21 45.52 -6.97
N LEU B 343 20.04 44.99 -6.63
CA LEU B 343 19.59 43.78 -7.30
C LEU B 343 19.03 43.97 -8.71
N GLY B 344 18.60 45.18 -9.03
CA GLY B 344 18.13 45.51 -10.36
C GLY B 344 19.25 45.80 -11.34
N ARG B 345 20.50 45.63 -10.92
CA ARG B 345 21.66 45.85 -11.78
C ARG B 345 22.00 44.67 -12.66
N GLU B 346 22.98 44.84 -13.51
CA GLU B 346 23.35 43.81 -14.47
C GLU B 346 24.51 43.01 -13.79
N VAL B 347 24.42 41.69 -13.80
CA VAL B 347 25.24 40.83 -12.98
C VAL B 347 26.36 40.16 -13.80
N VAL B 348 27.53 40.00 -13.20
CA VAL B 348 28.55 39.17 -13.79
C VAL B 348 28.58 37.86 -13.00
N LEU B 349 28.50 36.70 -13.67
CA LEU B 349 28.48 35.43 -12.96
C LEU B 349 29.86 34.80 -12.99
N LEU B 350 30.32 34.39 -11.81
CA LEU B 350 31.56 33.69 -11.68
C LEU B 350 31.18 32.26 -11.32
N VAL B 351 31.40 31.34 -12.23
CA VAL B 351 30.92 30.01 -12.04
C VAL B 351 32.07 29.04 -12.18
N PRO B 352 32.17 28.07 -11.27
CA PRO B 352 33.20 27.04 -11.35
C PRO B 352 33.26 26.42 -12.73
N SER B 353 34.46 26.12 -13.17
CA SER B 353 34.72 25.77 -14.55
C SER B 353 34.20 24.45 -15.06
N ASN B 354 34.01 23.46 -14.21
CA ASN B 354 33.55 22.16 -14.73
C ASN B 354 34.55 21.58 -15.73
N THR B 362 28.51 14.31 -10.57
CA THR B 362 27.54 15.03 -11.39
C THR B 362 27.64 16.52 -11.19
N THR B 363 28.37 16.92 -10.16
CA THR B 363 28.45 18.30 -9.74
C THR B 363 28.77 19.28 -10.88
N GLY B 364 29.41 18.79 -11.93
CA GLY B 364 29.74 19.61 -13.07
C GLY B 364 28.54 20.08 -13.85
N ASP B 365 27.54 19.23 -14.04
CA ASP B 365 26.35 19.66 -14.74
C ASP B 365 25.56 20.68 -13.94
N ASP B 366 25.66 20.64 -12.62
CA ASP B 366 24.95 21.61 -11.79
C ASP B 366 25.52 23.02 -12.04
N TYR B 367 26.83 23.08 -12.22
CA TYR B 367 27.51 24.33 -12.51
C TYR B 367 27.09 24.89 -13.87
N ASP B 368 27.05 24.04 -14.90
CA ASP B 368 26.59 24.46 -16.22
C ASP B 368 25.18 25.09 -16.22
N LEU B 369 24.32 24.69 -15.31
CA LEU B 369 22.95 25.17 -15.24
C LEU B 369 22.73 26.48 -14.47
N ILE B 370 23.72 26.91 -13.70
CA ILE B 370 23.59 28.15 -12.94
C ILE B 370 23.28 29.41 -13.82
N PRO B 371 23.92 29.56 -14.98
CA PRO B 371 23.57 30.73 -15.78
C PRO B 371 22.09 30.85 -16.21
N GLU B 372 21.52 29.74 -16.68
CA GLU B 372 20.13 29.65 -17.05
C GLU B 372 19.19 30.02 -15.89
N VAL B 373 19.51 29.56 -14.68
CA VAL B 373 18.65 29.86 -13.55
C VAL B 373 18.73 31.33 -13.19
N ALA B 374 19.92 31.89 -13.28
CA ALA B 374 20.15 33.29 -12.90
C ALA B 374 19.41 34.18 -13.84
N LYS B 375 19.42 33.83 -15.12
CA LYS B 375 18.70 34.61 -16.13
C LYS B 375 17.20 34.74 -15.90
N ARG B 376 16.57 33.86 -15.14
CA ARG B 376 15.19 34.08 -14.76
C ARG B 376 15.00 35.21 -13.77
N PHE B 377 16.02 35.51 -12.96
CA PHE B 377 15.85 36.47 -11.88
C PHE B 377 16.66 37.77 -12.05
N PHE B 378 17.72 37.73 -12.83
CA PHE B 378 18.62 38.86 -12.93
C PHE B 378 19.07 39.10 -14.34
N LYS B 379 19.26 40.37 -14.66
CA LYS B 379 19.96 40.72 -15.87
C LYS B 379 21.40 40.25 -15.75
N VAL B 380 21.89 39.56 -16.76
CA VAL B 380 23.22 39.00 -16.80
C VAL B 380 24.11 39.65 -17.87
N ARG B 381 25.21 40.29 -17.45
CA ARG B 381 26.13 40.89 -18.40
C ARG B 381 27.18 39.96 -18.96
N ASP B 382 27.81 39.17 -18.11
CA ASP B 382 28.78 38.20 -18.58
C ASP B 382 28.71 36.96 -17.75
N VAL B 383 29.22 35.87 -18.29
CA VAL B 383 29.32 34.63 -17.58
C VAL B 383 30.77 34.19 -17.73
N ILE B 384 31.50 34.13 -16.61
CA ILE B 384 32.90 33.75 -16.57
C ILE B 384 33.14 32.45 -15.82
N ARG B 385 33.77 31.49 -16.47
CA ARG B 385 34.08 30.20 -15.86
C ARG B 385 35.50 30.09 -15.27
N TYR B 386 35.64 30.25 -13.96
CA TYR B 386 36.94 30.20 -13.32
C TYR B 386 37.38 28.80 -12.88
N ASP B 387 38.66 28.69 -12.58
CA ASP B 387 39.30 27.45 -12.16
C ASP B 387 39.31 27.47 -10.65
N ILE B 388 38.83 26.40 -10.04
CA ILE B 388 38.58 26.45 -8.62
C ILE B 388 39.86 26.37 -7.82
N GLU B 389 40.91 25.91 -8.48
CA GLU B 389 42.19 25.81 -7.81
C GLU B 389 43.06 27.00 -8.03
N ALA B 390 42.52 27.96 -8.76
CA ALA B 390 43.16 29.26 -8.91
C ALA B 390 42.24 30.31 -8.29
N GLY B 391 40.95 30.22 -8.55
CA GLY B 391 40.05 31.27 -8.11
C GLY B 391 39.79 32.19 -9.27
N PRO B 392 38.95 33.19 -9.06
CA PRO B 392 38.56 34.14 -10.11
C PRO B 392 39.65 35.13 -10.46
N ASP B 393 39.95 35.37 -11.74
CA ASP B 393 40.66 36.59 -12.14
C ASP B 393 39.97 37.79 -11.53
N ASP B 394 40.68 38.89 -11.35
CA ASP B 394 40.03 40.06 -10.81
C ASP B 394 39.03 40.58 -11.85
N VAL B 395 37.91 41.08 -11.37
CA VAL B 395 36.81 41.49 -12.26
C VAL B 395 36.07 42.62 -11.60
N ASP B 396 35.32 43.37 -12.38
CA ASP B 396 34.45 44.35 -11.77
C ASP B 396 33.16 44.32 -12.55
N GLY B 397 32.14 44.99 -12.01
CA GLY B 397 30.85 44.98 -12.64
C GLY B 397 29.90 45.80 -11.80
N GLU B 398 28.65 45.86 -12.21
CA GLU B 398 27.68 46.56 -11.44
C GLU B 398 27.34 45.71 -10.25
N LEU B 399 27.33 44.40 -10.46
CA LEU B 399 27.02 43.44 -9.43
C LEU B 399 27.65 42.15 -9.80
N ILE B 400 28.29 41.50 -8.84
CA ILE B 400 29.02 40.28 -9.14
C ILE B 400 28.50 39.12 -8.30
N PHE B 401 28.28 37.97 -8.92
CA PHE B 401 27.91 36.79 -8.14
C PHE B 401 29.06 35.80 -8.13
N ASP B 402 29.66 35.56 -6.98
CA ASP B 402 30.71 34.54 -6.90
C ASP B 402 30.17 33.22 -6.39
N PHE B 403 30.15 32.22 -7.26
CA PHE B 403 29.68 30.90 -6.87
C PHE B 403 30.85 30.11 -6.40
N VAL B 404 31.11 30.29 -5.12
CA VAL B 404 32.32 29.80 -4.49
C VAL B 404 32.38 28.28 -4.29
N VAL B 405 33.40 27.67 -4.86
CA VAL B 405 33.71 26.30 -4.58
C VAL B 405 35.15 26.16 -4.12
N ASN B 406 35.32 25.60 -2.93
CA ASN B 406 36.62 25.31 -2.38
C ASN B 406 37.50 26.54 -2.25
N ALA B 407 36.99 27.50 -1.48
CA ALA B 407 37.67 28.75 -1.24
C ALA B 407 38.96 28.57 -0.45
N SER B 408 39.06 27.49 0.32
CA SER B 408 40.11 27.35 1.31
C SER B 408 41.26 26.46 0.93
N LYS B 409 41.39 26.07 -0.34
CA LYS B 409 42.43 25.12 -0.71
C LYS B 409 43.81 25.65 -0.31
N ASN B 410 44.00 26.94 -0.48
CA ASN B 410 45.25 27.57 -0.18
C ASN B 410 44.94 29.04 -0.04
N GLU B 411 45.93 29.86 0.28
CA GLU B 411 45.64 31.25 0.55
C GLU B 411 45.63 32.08 -0.71
N GLN B 412 46.14 31.52 -1.80
CA GLN B 412 46.23 32.35 -2.98
C GLN B 412 44.92 32.24 -3.73
N VAL B 413 44.16 31.18 -3.43
CA VAL B 413 42.78 31.07 -3.81
C VAL B 413 41.81 31.85 -2.94
N LEU B 414 42.08 31.94 -1.64
CA LEU B 414 41.15 32.66 -0.79
C LEU B 414 41.24 34.15 -1.07
N GLN B 415 42.36 34.58 -1.64
CA GLN B 415 42.48 35.99 -1.91
C GLN B 415 42.14 36.33 -3.33
N ALA B 416 41.99 35.33 -4.19
CA ALA B 416 41.34 35.59 -5.46
C ALA B 416 39.89 35.97 -5.21
N HIS B 417 39.24 35.24 -4.31
CA HIS B 417 37.84 35.47 -3.98
C HIS B 417 37.64 36.73 -3.17
N LEU B 418 38.59 37.08 -2.32
CA LEU B 418 38.38 38.27 -1.47
C LEU B 418 38.81 39.58 -2.11
N SER B 419 39.54 39.49 -3.20
CA SER B 419 39.92 40.66 -3.92
C SER B 419 38.82 41.24 -4.80
N LEU B 420 37.60 40.78 -4.64
CA LEU B 420 36.53 41.25 -5.49
C LEU B 420 35.86 42.35 -4.70
N PRO B 421 35.33 43.35 -5.40
CA PRO B 421 34.78 44.50 -4.69
C PRO B 421 33.64 44.17 -3.77
N SER B 422 33.94 44.24 -2.49
CA SER B 422 33.06 43.75 -1.47
C SER B 422 31.74 44.54 -1.44
N ASP B 423 31.71 45.66 -2.13
CA ASP B 423 30.55 46.53 -2.10
C ASP B 423 29.47 46.05 -3.09
N ARG B 424 29.86 45.18 -4.00
CA ARG B 424 28.97 44.80 -5.05
C ARG B 424 29.16 43.33 -5.52
N THR B 425 29.69 42.50 -4.61
CA THR B 425 29.84 41.07 -4.81
C THR B 425 29.00 40.28 -3.84
N ILE B 426 28.28 39.28 -4.33
CA ILE B 426 27.64 38.36 -3.41
C ILE B 426 28.26 36.99 -3.56
N TYR B 427 28.68 36.42 -2.43
CA TYR B 427 29.32 35.13 -2.40
C TYR B 427 28.27 34.09 -2.14
N PHE B 428 28.14 33.17 -3.08
CA PHE B 428 27.29 32.00 -2.96
C PHE B 428 28.15 30.81 -2.58
N ILE B 429 28.10 30.42 -1.31
CA ILE B 429 28.85 29.26 -0.90
C ILE B 429 28.06 28.02 -1.17
N ILE B 430 28.40 27.31 -2.22
CA ILE B 430 27.53 26.26 -2.63
C ILE B 430 28.05 24.88 -2.34
N ARG B 431 29.29 24.72 -1.90
CA ARG B 431 29.69 23.36 -1.54
C ARG B 431 30.06 23.18 -0.08
N ASN B 432 31.16 23.79 0.35
CA ASN B 432 31.63 23.54 1.68
C ASN B 432 31.27 24.72 2.56
N PRO B 433 30.19 24.60 3.32
CA PRO B 433 29.66 25.76 4.03
C PRO B 433 30.54 26.24 5.17
N PHE B 434 31.65 25.54 5.43
CA PHE B 434 32.56 25.98 6.46
C PHE B 434 33.28 27.24 5.97
N ASP B 435 33.52 27.30 4.66
CA ASP B 435 34.15 28.45 4.01
C ASP B 435 33.51 29.80 4.33
N ALA B 436 32.27 29.80 4.78
CA ALA B 436 31.59 31.08 5.01
C ALA B 436 32.27 31.94 6.09
N LYS B 437 33.03 31.31 6.98
CA LYS B 437 33.77 32.05 8.01
C LYS B 437 34.86 32.91 7.38
N PHE B 438 35.35 32.48 6.22
CA PHE B 438 36.40 33.16 5.49
C PHE B 438 35.93 34.38 4.70
N PHE B 439 34.69 34.83 4.90
CA PHE B 439 34.20 36.03 4.22
C PHE B 439 33.52 37.02 5.15
N PRO B 440 34.21 37.40 6.24
CA PRO B 440 33.51 38.27 7.18
C PRO B 440 33.25 39.63 6.56
N GLY B 441 32.19 40.28 7.00
CA GLY B 441 31.78 41.56 6.47
C GLY B 441 31.22 41.48 5.05
N ARG B 442 31.40 40.32 4.40
CA ARG B 442 30.98 40.16 3.02
C ARG B 442 29.53 39.72 2.92
N SER B 443 28.95 39.91 1.74
CA SER B 443 27.61 39.44 1.46
C SER B 443 27.64 37.96 1.12
N VAL B 444 26.94 37.15 1.91
CA VAL B 444 27.05 35.71 1.75
C VAL B 444 25.68 35.00 1.73
N VAL B 445 25.53 34.10 0.77
CA VAL B 445 24.43 33.16 0.70
C VAL B 445 24.97 31.75 0.83
N ILE B 446 24.44 30.97 1.76
CA ILE B 446 24.81 29.56 1.83
C ILE B 446 23.63 28.70 1.38
N THR B 447 23.87 27.86 0.40
CA THR B 447 22.82 27.04 -0.15
C THR B 447 22.80 25.64 0.39
N HIS B 448 23.95 25.17 0.81
CA HIS B 448 24.13 23.80 1.28
C HIS B 448 23.94 22.80 0.17
N SER B 449 23.95 23.26 -1.08
CA SER B 449 23.74 22.40 -2.23
C SER B 449 24.15 23.02 -3.55
N THR B 450 24.58 22.19 -4.49
CA THR B 450 24.85 22.66 -5.84
C THR B 450 23.64 22.52 -6.79
N LYS B 451 22.52 22.02 -6.32
CA LYS B 451 21.44 21.67 -7.21
C LYS B 451 20.68 22.87 -7.74
N PRO B 452 20.29 22.80 -9.01
CA PRO B 452 19.56 23.89 -9.65
C PRO B 452 18.39 24.42 -8.81
N ILE B 453 17.62 23.58 -8.14
CA ILE B 453 16.54 24.07 -7.30
C ILE B 453 16.99 24.92 -6.11
N SER B 454 18.17 24.61 -5.55
CA SER B 454 18.75 25.37 -4.43
C SER B 454 19.23 26.75 -4.90
N VAL B 455 19.98 26.73 -6.00
CA VAL B 455 20.46 27.93 -6.63
C VAL B 455 19.27 28.82 -6.93
N TYR B 456 18.25 28.22 -7.52
CA TYR B 456 16.97 28.85 -7.80
C TYR B 456 16.34 29.43 -6.56
N LYS B 457 16.25 28.64 -5.48
CA LYS B 457 15.64 29.18 -4.27
C LYS B 457 16.54 30.25 -3.64
N SER B 458 17.85 30.18 -3.89
CA SER B 458 18.73 31.20 -3.35
C SER B 458 18.47 32.55 -4.04
N PHE B 459 18.22 32.55 -5.34
CA PHE B 459 17.79 33.78 -6.02
C PHE B 459 16.45 34.30 -5.51
N GLN B 460 15.51 33.41 -5.24
CA GLN B 460 14.25 33.85 -4.67
C GLN B 460 14.41 34.43 -3.28
N HIS B 461 15.34 33.93 -2.49
CA HIS B 461 15.45 34.52 -1.17
C HIS B 461 16.15 35.83 -1.27
N LEU B 462 17.00 35.96 -2.26
CA LEU B 462 17.81 37.12 -2.41
C LEU B 462 16.94 38.30 -2.74
N LEU B 463 16.00 38.08 -3.64
CA LEU B 463 15.07 39.11 -4.04
C LEU B 463 13.90 39.30 -3.08
N GLY B 464 13.69 38.35 -2.18
CA GLY B 464 12.56 38.44 -1.29
C GLY B 464 12.90 38.64 0.17
N ARG B 465 13.13 37.53 0.85
CA ARG B 465 13.32 37.50 2.29
C ARG B 465 14.64 38.15 2.77
N CYS B 466 15.72 37.93 2.06
CA CYS B 466 17.03 38.47 2.42
C CYS B 466 17.15 39.95 2.15
N SER B 467 16.12 40.54 1.56
CA SER B 467 16.12 41.98 1.31
C SER B 467 14.74 42.59 1.46
N ASP C 4 3.66 -32.80 -7.62
CA ASP C 4 2.94 -31.68 -7.01
C ASP C 4 1.49 -31.55 -7.50
N LEU C 5 0.79 -32.67 -7.56
CA LEU C 5 -0.59 -32.73 -8.00
C LEU C 5 -1.55 -32.11 -7.00
N GLY C 6 -1.03 -31.78 -5.82
CA GLY C 6 -1.86 -31.21 -4.77
C GLY C 6 -2.24 -29.80 -5.17
N LYS C 7 -1.44 -29.20 -6.05
CA LYS C 7 -1.74 -27.87 -6.49
C LYS C 7 -3.04 -27.78 -7.23
N LEU C 8 -3.59 -28.92 -7.62
CA LEU C 8 -4.87 -28.97 -8.31
C LEU C 8 -6.04 -29.26 -7.36
N PHE C 9 -5.77 -29.22 -6.06
CA PHE C 9 -6.82 -29.45 -5.06
C PHE C 9 -6.99 -28.32 -4.05
N PHE C 10 -8.24 -28.12 -3.64
CA PHE C 10 -8.64 -27.11 -2.68
C PHE C 10 -9.49 -27.80 -1.64
N CYS C 11 -9.05 -27.80 -0.38
CA CYS C 11 -9.69 -28.62 0.63
C CYS C 11 -10.39 -27.89 1.75
N GLY C 12 -11.57 -28.36 2.11
CA GLY C 12 -12.29 -27.80 3.23
C GLY C 12 -11.95 -28.51 4.52
N PHE C 13 -11.83 -27.74 5.61
CA PHE C 13 -11.45 -28.26 6.92
C PHE C 13 -12.47 -27.88 8.01
N ASP C 14 -13.17 -28.86 8.56
CA ASP C 14 -14.11 -28.59 9.65
C ASP C 14 -13.45 -28.91 11.01
N ASP C 15 -12.19 -29.31 10.94
CA ASP C 15 -11.38 -29.61 12.11
C ASP C 15 -9.90 -29.45 11.80
N PHE C 16 -9.09 -29.31 12.83
CA PHE C 16 -7.63 -29.33 12.68
C PHE C 16 -7.03 -30.32 13.69
N ASN C 17 -6.37 -31.36 13.19
CA ASN C 17 -5.96 -32.51 13.99
C ASN C 17 -4.80 -33.21 13.29
N GLU C 18 -4.50 -34.46 13.67
CA GLU C 18 -3.27 -35.08 13.18
C GLU C 18 -3.48 -35.56 11.75
N GLU C 19 -4.72 -35.88 11.43
CA GLU C 19 -5.06 -36.29 10.08
C GLU C 19 -4.93 -35.14 9.12
N ALA C 20 -5.45 -33.99 9.55
CA ALA C 20 -5.32 -32.76 8.78
C ALA C 20 -3.87 -32.54 8.43
N ARG C 21 -3.04 -32.56 9.46
CA ARG C 21 -1.62 -32.37 9.27
C ARG C 21 -0.92 -33.46 8.45
N GLU C 22 -1.30 -34.72 8.64
CA GLU C 22 -0.71 -35.76 7.81
C GLU C 22 -1.06 -35.50 6.36
N VAL C 23 -2.35 -35.25 6.10
CA VAL C 23 -2.83 -35.03 4.74
C VAL C 23 -2.16 -33.86 4.06
N ILE C 24 -2.07 -32.74 4.79
CA ILE C 24 -1.50 -31.51 4.25
C ILE C 24 -0.05 -31.74 3.94
N GLN C 25 0.63 -32.45 4.83
CA GLN C 25 2.06 -32.60 4.66
C GLN C 25 2.41 -33.62 3.59
N LYS C 26 1.58 -34.65 3.43
CA LYS C 26 1.89 -35.62 2.40
C LYS C 26 1.48 -35.14 1.01
N TYR C 27 0.29 -34.53 0.90
CA TYR C 27 -0.28 -34.21 -0.43
C TYR C 27 -0.02 -32.79 -0.96
N ARG C 28 0.36 -31.87 -0.09
CA ARG C 28 0.54 -30.47 -0.44
C ARG C 28 -0.63 -29.90 -1.26
N PRO C 29 -1.87 -29.95 -0.74
CA PRO C 29 -2.98 -29.29 -1.43
C PRO C 29 -2.72 -27.79 -1.49
N ALA C 30 -3.00 -27.14 -2.62
CA ALA C 30 -2.66 -25.73 -2.74
C ALA C 30 -3.65 -24.82 -2.06
N GLY C 31 -4.87 -25.31 -1.93
CA GLY C 31 -5.93 -24.48 -1.38
C GLY C 31 -6.46 -24.98 -0.07
N VAL C 32 -6.67 -24.06 0.85
CA VAL C 32 -7.22 -24.41 2.14
C VAL C 32 -8.42 -23.53 2.37
N LEU C 33 -9.54 -24.17 2.64
CA LEU C 33 -10.75 -23.48 2.93
C LEU C 33 -11.13 -23.78 4.35
N ILE C 34 -11.36 -22.75 5.15
CA ILE C 34 -11.53 -22.98 6.57
C ILE C 34 -12.98 -22.83 6.97
N TYR C 35 -13.55 -23.88 7.55
CA TYR C 35 -14.96 -23.94 7.88
C TYR C 35 -15.21 -23.48 9.31
N PRO C 36 -16.48 -23.20 9.67
CA PRO C 36 -16.83 -22.80 11.03
C PRO C 36 -16.30 -23.73 12.12
N GLY C 37 -16.16 -25.01 11.83
CA GLY C 37 -15.58 -25.97 12.77
C GLY C 37 -14.24 -25.58 13.36
N VAL C 38 -13.37 -25.01 12.52
CA VAL C 38 -12.11 -24.50 13.01
C VAL C 38 -12.23 -23.05 13.45
N LEU C 39 -12.90 -22.22 12.66
CA LEU C 39 -12.98 -20.80 12.96
C LEU C 39 -13.67 -20.48 14.28
N SER C 40 -14.66 -21.25 14.66
CA SER C 40 -15.40 -20.96 15.88
C SER C 40 -14.57 -21.24 17.13
N LYS C 41 -13.42 -21.87 16.96
CA LYS C 41 -12.46 -22.04 18.07
C LYS C 41 -11.18 -21.29 17.79
N GLU C 42 -11.12 -20.05 18.26
CA GLU C 42 -10.04 -19.17 17.90
C GLU C 42 -8.66 -19.75 18.17
N TYR C 43 -8.47 -20.45 19.29
CA TYR C 43 -7.15 -21.07 19.55
C TYR C 43 -6.80 -22.04 18.45
N LEU C 44 -7.83 -22.74 17.98
CA LEU C 44 -7.67 -23.77 16.98
C LEU C 44 -7.40 -23.15 15.63
N PHE C 45 -8.12 -22.07 15.35
CA PHE C 45 -7.87 -21.28 14.16
C PHE C 45 -6.42 -20.75 14.12
N LEU C 46 -5.99 -20.13 15.20
CA LEU C 46 -4.65 -19.57 15.29
C LEU C 46 -3.53 -20.64 15.17
N ASP C 47 -3.68 -21.80 15.78
CA ASP C 47 -2.65 -22.83 15.62
C ASP C 47 -2.59 -23.30 14.17
N PHE C 48 -3.76 -23.48 13.57
CA PHE C 48 -3.87 -23.83 12.16
C PHE C 48 -3.16 -22.82 11.24
N MET C 49 -3.40 -21.54 11.46
CA MET C 49 -2.76 -20.54 10.62
C MET C 49 -1.27 -20.62 10.80
N ASN C 50 -0.87 -20.78 12.05
CA ASN C 50 0.51 -20.97 12.42
C ASN C 50 1.19 -22.13 11.68
N PHE C 51 0.52 -23.28 11.70
CA PHE C 51 1.00 -24.41 10.93
C PHE C 51 1.13 -24.13 9.44
N LEU C 52 0.14 -23.46 8.87
CA LEU C 52 0.17 -23.21 7.43
C LEU C 52 1.36 -22.36 7.04
N SER C 53 1.77 -21.44 7.88
CA SER C 53 2.91 -20.59 7.58
C SER C 53 4.25 -21.33 7.50
N ARG C 54 4.32 -22.50 8.14
CA ARG C 54 5.56 -23.28 8.23
C ARG C 54 5.60 -24.41 7.21
N ASN C 55 4.56 -24.52 6.39
CA ASN C 55 4.40 -25.66 5.50
C ASN C 55 4.18 -25.32 4.05
N GLY C 56 4.85 -24.30 3.56
CA GLY C 56 4.75 -23.93 2.17
C GLY C 56 3.73 -22.83 1.90
N ARG C 57 3.37 -22.68 0.65
CA ARG C 57 2.49 -21.60 0.25
C ARG C 57 1.08 -22.14 -0.04
N PHE C 58 0.08 -21.43 0.46
CA PHE C 58 -1.31 -21.86 0.30
C PHE C 58 -2.21 -20.73 -0.20
N ILE C 59 -3.26 -21.09 -0.92
CA ILE C 59 -4.39 -20.19 -1.09
C ILE C 59 -5.35 -20.48 0.04
N VAL C 60 -5.57 -19.49 0.89
CA VAL C 60 -6.38 -19.65 2.08
C VAL C 60 -7.66 -18.87 1.98
N SER C 61 -8.80 -19.55 2.13
CA SER C 61 -10.08 -18.94 1.85
C SER C 61 -11.16 -19.21 2.89
N SER C 62 -12.23 -18.44 2.85
CA SER C 62 -13.42 -18.69 3.64
C SER C 62 -14.73 -18.45 2.84
N ASP C 63 -15.85 -18.85 3.42
CA ASP C 63 -17.16 -18.54 2.90
C ASP C 63 -17.76 -17.25 3.40
N HIS C 64 -16.97 -16.30 3.86
CA HIS C 64 -17.59 -15.11 4.45
C HIS C 64 -18.15 -14.19 3.36
N GLU C 65 -19.42 -14.37 3.03
CA GLU C 65 -20.08 -13.60 1.97
C GLU C 65 -20.61 -12.30 2.51
N GLY C 66 -20.80 -12.25 3.82
CA GLY C 66 -21.57 -11.21 4.45
C GLY C 66 -23.03 -11.57 4.46
N GLY C 67 -23.79 -10.96 5.36
CA GLY C 67 -25.20 -11.25 5.45
C GLY C 67 -25.53 -12.63 5.95
N GLN C 68 -26.29 -13.37 5.15
CA GLN C 68 -26.82 -14.66 5.55
C GLN C 68 -25.76 -15.71 5.77
N LEU C 69 -24.70 -15.67 5.02
CA LEU C 69 -23.57 -16.56 5.28
C LEU C 69 -22.38 -15.82 5.87
N GLU C 70 -22.22 -15.86 7.20
CA GLU C 70 -21.07 -15.26 7.86
C GLU C 70 -20.36 -16.24 8.77
N VAL C 71 -19.04 -16.30 8.67
CA VAL C 71 -18.23 -17.24 9.44
C VAL C 71 -17.06 -16.60 10.19
N LEU C 72 -16.69 -15.37 9.87
CA LEU C 72 -15.58 -14.71 10.53
C LEU C 72 -16.07 -13.64 11.47
N LYS C 73 -15.87 -13.81 12.78
CA LYS C 73 -16.35 -12.80 13.72
C LYS C 73 -15.56 -11.51 13.61
N TYR C 74 -14.38 -11.59 13.00
CA TYR C 74 -13.49 -10.46 12.83
C TYR C 74 -14.00 -9.42 11.86
N VAL C 75 -14.91 -9.83 10.99
CA VAL C 75 -15.49 -8.91 10.02
C VAL C 75 -16.84 -8.53 10.56
N PRO C 76 -17.08 -7.25 10.77
CA PRO C 76 -18.40 -6.83 11.25
C PRO C 76 -19.52 -7.33 10.34
N SER C 77 -20.66 -7.59 10.93
CA SER C 77 -21.76 -8.14 10.19
C SER C 77 -22.38 -7.18 9.18
N PHE C 78 -22.78 -7.74 8.06
CA PHE C 78 -23.30 -6.96 6.93
C PHE C 78 -24.74 -7.40 6.66
N PRO C 79 -25.64 -6.46 6.40
CA PRO C 79 -27.03 -6.79 6.05
C PRO C 79 -27.14 -7.81 4.92
N GLY C 80 -26.24 -7.79 3.94
CA GLY C 80 -26.20 -8.80 2.91
C GLY C 80 -26.42 -8.27 1.51
N ASN C 81 -26.29 -9.15 0.53
CA ASN C 81 -26.40 -8.77 -0.89
C ASN C 81 -27.76 -8.20 -1.26
N LEU C 82 -28.82 -8.77 -0.72
CA LEU C 82 -30.14 -8.26 -1.08
C LEU C 82 -30.30 -6.84 -0.62
N ALA C 83 -29.83 -6.52 0.58
CA ALA C 83 -29.86 -5.13 1.00
C ALA C 83 -28.90 -4.25 0.19
N ALA C 84 -27.69 -4.75 -0.06
CA ALA C 84 -26.70 -3.98 -0.82
C ALA C 84 -27.23 -3.65 -2.22
N GLY C 85 -27.90 -4.61 -2.85
CA GLY C 85 -28.52 -4.39 -4.14
C GLY C 85 -29.40 -3.17 -4.20
N LYS C 86 -30.03 -2.84 -3.08
CA LYS C 86 -30.95 -1.71 -3.02
C LYS C 86 -30.20 -0.37 -2.97
N VAL C 87 -28.89 -0.41 -2.78
CA VAL C 87 -28.12 0.78 -2.47
C VAL C 87 -27.05 1.07 -3.54
N ASP C 88 -26.62 2.33 -3.66
CA ASP C 88 -25.46 2.72 -4.46
C ASP C 88 -24.33 1.68 -4.36
N PRO C 89 -23.96 1.10 -5.51
CA PRO C 89 -23.01 0.00 -5.55
C PRO C 89 -21.62 0.34 -4.96
N VAL C 90 -21.28 1.62 -4.85
CA VAL C 90 -20.06 2.01 -4.17
C VAL C 90 -20.01 1.51 -2.72
N PHE C 91 -21.16 1.38 -2.07
CA PHE C 91 -21.17 0.87 -0.71
C PHE C 91 -20.82 -0.62 -0.67
N THR C 92 -21.10 -1.35 -1.74
CA THR C 92 -20.75 -2.75 -1.81
C THR C 92 -19.25 -2.84 -1.94
N GLY C 93 -18.65 -1.93 -2.71
CA GLY C 93 -17.23 -1.86 -2.88
C GLY C 93 -16.52 -1.53 -1.57
N ARG C 94 -17.04 -0.57 -0.82
CA ARG C 94 -16.44 -0.22 0.47
C ARG C 94 -16.59 -1.36 1.48
N TYR C 95 -17.74 -2.04 1.50
CA TYR C 95 -17.93 -3.14 2.41
C TYR C 95 -16.89 -4.21 2.11
N CYS C 96 -16.72 -4.56 0.84
CA CYS C 96 -15.82 -5.65 0.49
C CYS C 96 -14.35 -5.29 0.67
N GLU C 97 -14.00 -4.01 0.56
CA GLU C 97 -12.64 -3.61 0.86
C GLU C 97 -12.38 -3.79 2.34
N MET C 98 -13.34 -3.36 3.17
CA MET C 98 -13.24 -3.55 4.60
C MET C 98 -13.13 -5.04 4.96
N ALA C 99 -14.00 -5.87 4.44
CA ALA C 99 -14.00 -7.26 4.81
C ALA C 99 -12.69 -7.84 4.37
N GLY C 100 -12.34 -7.53 3.13
CA GLY C 100 -11.12 -8.01 2.53
C GLY C 100 -9.82 -7.66 3.20
N ARG C 101 -9.73 -6.44 3.72
CA ARG C 101 -8.57 -5.97 4.46
C ARG C 101 -8.39 -6.71 5.81
N ILE C 102 -9.45 -6.82 6.59
CA ILE C 102 -9.45 -7.61 7.79
C ILE C 102 -9.05 -9.04 7.51
N MET C 103 -9.60 -9.62 6.47
CA MET C 103 -9.27 -10.98 6.08
C MET C 103 -7.81 -11.18 5.74
N ASN C 104 -7.25 -10.21 5.06
CA ASN C 104 -5.87 -10.27 4.62
C ASN C 104 -4.89 -10.18 5.80
N THR C 105 -5.24 -9.33 6.75
CA THR C 105 -4.51 -9.17 7.99
C THR C 105 -4.50 -10.47 8.78
N LEU C 106 -5.60 -11.22 8.81
CA LEU C 106 -5.63 -12.51 9.51
C LEU C 106 -4.86 -13.59 8.81
N GLY C 107 -4.66 -13.45 7.51
CA GLY C 107 -3.95 -14.47 6.77
C GLY C 107 -4.71 -15.13 5.64
N PHE C 108 -5.98 -14.77 5.47
CA PHE C 108 -6.70 -15.23 4.29
C PHE C 108 -6.19 -14.54 3.02
N ASN C 109 -6.18 -15.21 1.90
CA ASN C 109 -5.79 -14.47 0.71
C ASN C 109 -6.81 -14.60 -0.42
N MET C 110 -7.92 -15.28 -0.17
CA MET C 110 -9.03 -15.45 -1.09
C MET C 110 -10.35 -15.55 -0.29
N VAL C 111 -11.46 -15.06 -0.88
CA VAL C 111 -12.80 -15.23 -0.33
C VAL C 111 -13.76 -15.84 -1.39
N PHE C 112 -14.61 -16.78 -0.99
CA PHE C 112 -15.56 -17.37 -1.92
C PHE C 112 -16.81 -16.51 -2.00
N ALA C 113 -16.63 -15.36 -2.65
CA ALA C 113 -17.62 -14.32 -2.83
C ALA C 113 -17.14 -13.37 -3.93
N PRO C 114 -18.05 -12.60 -4.55
CA PRO C 114 -19.50 -12.50 -4.37
C PRO C 114 -20.30 -13.55 -5.11
N VAL C 115 -21.51 -13.77 -4.64
CA VAL C 115 -22.55 -14.46 -5.37
C VAL C 115 -23.04 -13.59 -6.53
N LEU C 116 -23.05 -14.12 -7.73
CA LEU C 116 -23.58 -13.38 -8.87
C LEU C 116 -24.93 -13.95 -9.38
N ASP C 117 -25.48 -14.92 -8.68
CA ASP C 117 -26.75 -15.52 -9.06
C ASP C 117 -27.92 -14.54 -8.99
N LEU C 118 -28.84 -14.64 -9.95
CA LEU C 118 -29.99 -13.75 -9.95
C LEU C 118 -31.02 -14.23 -8.94
N LEU C 119 -31.76 -13.31 -8.37
CA LEU C 119 -32.83 -13.59 -7.45
C LEU C 119 -34.09 -14.00 -8.19
N SER C 120 -34.70 -15.14 -7.85
CA SER C 120 -36.02 -15.47 -8.43
C SER C 120 -37.19 -15.14 -7.51
N ASP C 128 -30.73 -16.65 -1.32
CA ASP C 128 -32.01 -16.06 -0.91
C ASP C 128 -31.99 -14.59 -0.52
N LEU C 129 -31.16 -14.27 0.46
CA LEU C 129 -30.82 -12.91 0.83
C LEU C 129 -29.47 -12.65 0.21
N ARG C 130 -28.90 -13.72 -0.33
CA ARG C 130 -27.54 -13.78 -0.79
C ARG C 130 -27.30 -13.31 -2.20
N SER C 131 -28.34 -12.91 -2.91
CA SER C 131 -28.16 -12.49 -4.28
C SER C 131 -28.29 -10.98 -4.31
N PHE C 132 -27.60 -10.33 -5.22
CA PHE C 132 -27.76 -8.89 -5.31
C PHE C 132 -29.13 -8.43 -5.83
N GLY C 133 -29.88 -9.27 -6.54
CA GLY C 133 -31.17 -8.85 -7.05
C GLY C 133 -31.67 -9.63 -8.25
N SER C 134 -32.78 -9.18 -8.83
CA SER C 134 -33.30 -9.77 -10.06
C SER C 134 -32.69 -9.17 -11.28
N ASP C 135 -32.51 -7.88 -11.24
CA ASP C 135 -32.04 -7.14 -12.39
C ASP C 135 -30.55 -7.46 -12.64
N PRO C 136 -30.24 -8.11 -13.78
CA PRO C 136 -28.87 -8.51 -14.10
C PRO C 136 -27.93 -7.34 -14.12
N GLU C 137 -28.47 -6.17 -14.42
CA GLU C 137 -27.68 -4.98 -14.50
C GLU C 137 -27.23 -4.56 -13.09
N VAL C 138 -28.13 -4.69 -12.12
CA VAL C 138 -27.83 -4.41 -10.73
C VAL C 138 -26.77 -5.36 -10.15
N VAL C 139 -26.90 -6.63 -10.47
CA VAL C 139 -25.96 -7.65 -10.07
C VAL C 139 -24.61 -7.40 -10.70
N ALA C 140 -24.59 -6.92 -11.93
CA ALA C 140 -23.32 -6.70 -12.59
C ALA C 140 -22.60 -5.53 -11.91
N SER C 141 -23.31 -4.48 -11.56
CA SER C 141 -22.59 -3.37 -11.00
C SER C 141 -22.14 -3.65 -9.53
N HIS C 142 -22.97 -4.35 -8.77
CA HIS C 142 -22.58 -4.71 -7.42
C HIS C 142 -21.51 -5.79 -7.45
N GLY C 143 -21.61 -6.72 -8.40
CA GLY C 143 -20.62 -7.77 -8.53
C GLY C 143 -19.23 -7.23 -8.83
N MET C 144 -19.18 -6.26 -9.72
CA MET C 144 -17.92 -5.61 -10.06
C MET C 144 -17.35 -4.86 -8.89
N GLU C 145 -18.17 -4.13 -8.16
CA GLU C 145 -17.67 -3.38 -7.03
C GLU C 145 -17.15 -4.30 -5.95
N ALA C 146 -17.85 -5.40 -5.71
CA ALA C 146 -17.45 -6.38 -4.72
C ALA C 146 -16.07 -6.98 -5.08
N CYS C 147 -15.90 -7.40 -6.32
CA CYS C 147 -14.62 -7.92 -6.76
C CYS C 147 -13.49 -6.90 -6.65
N MET C 148 -13.75 -5.66 -7.01
CA MET C 148 -12.72 -4.65 -6.97
C MET C 148 -12.32 -4.37 -5.53
N GLY C 149 -13.32 -4.32 -4.66
CA GLY C 149 -13.15 -4.06 -3.25
C GLY C 149 -12.34 -5.11 -2.52
N TYR C 150 -12.69 -6.37 -2.72
CA TYR C 150 -11.98 -7.47 -2.13
C TYR C 150 -10.52 -7.41 -2.51
N PHE C 151 -10.27 -7.23 -3.80
CA PHE C 151 -8.93 -7.26 -4.31
C PHE C 151 -8.10 -6.13 -3.72
N LYS C 152 -8.69 -4.96 -3.68
CA LYS C 152 -8.03 -3.80 -3.12
C LYS C 152 -7.75 -4.04 -1.63
N GLY C 153 -8.68 -4.70 -0.96
CA GLY C 153 -8.56 -5.01 0.45
C GLY C 153 -7.52 -6.06 0.75
N GLY C 154 -7.16 -6.84 -0.24
CA GLY C 154 -6.12 -7.83 -0.11
C GLY C 154 -6.49 -9.28 -0.28
N VAL C 155 -7.70 -9.60 -0.73
CA VAL C 155 -8.04 -10.98 -1.03
C VAL C 155 -8.61 -11.14 -2.43
N ILE C 156 -8.32 -12.26 -3.09
CA ILE C 156 -8.82 -12.54 -4.42
C ILE C 156 -10.26 -13.03 -4.35
N PRO C 157 -11.17 -12.37 -5.06
CA PRO C 157 -12.54 -12.85 -5.01
C PRO C 157 -12.76 -14.09 -5.90
N CYS C 158 -13.80 -14.83 -5.58
CA CYS C 158 -14.16 -15.95 -6.39
C CYS C 158 -15.67 -15.87 -6.66
N ILE C 159 -16.05 -15.49 -7.88
CA ILE C 159 -17.44 -15.30 -8.20
C ILE C 159 -18.14 -16.65 -8.41
N LYS C 160 -19.40 -16.72 -8.04
CA LYS C 160 -20.09 -17.99 -8.08
C LYS C 160 -21.61 -17.80 -8.33
N HIS C 161 -22.33 -18.82 -8.83
CA HIS C 161 -21.71 -20.03 -9.40
C HIS C 161 -21.96 -20.10 -10.90
N PHE C 162 -20.92 -20.15 -11.69
CA PHE C 162 -21.02 -20.11 -13.16
C PHE C 162 -21.77 -21.32 -13.73
N PRO C 163 -22.68 -21.09 -14.65
CA PRO C 163 -23.01 -19.83 -15.31
C PRO C 163 -24.14 -19.08 -14.66
N GLY C 164 -24.51 -19.40 -13.44
CA GLY C 164 -25.64 -18.75 -12.80
C GLY C 164 -26.76 -19.76 -12.67
N HIS C 165 -27.39 -19.82 -11.52
CA HIS C 165 -28.39 -20.85 -11.31
C HIS C 165 -29.46 -20.32 -10.42
N GLY C 166 -29.73 -19.04 -10.55
CA GLY C 166 -30.83 -18.46 -9.82
C GLY C 166 -32.20 -18.88 -10.32
N LYS C 167 -32.26 -19.54 -11.48
CA LYS C 167 -33.54 -19.89 -12.09
C LYS C 167 -34.14 -21.21 -11.59
N THR C 168 -33.43 -21.90 -10.72
CA THR C 168 -33.97 -23.10 -10.13
C THR C 168 -33.94 -22.95 -8.62
N ALA C 169 -35.03 -23.36 -7.97
CA ALA C 169 -35.13 -23.29 -6.51
C ALA C 169 -34.50 -24.50 -5.85
N ASP C 170 -34.21 -25.51 -6.65
CA ASP C 170 -33.74 -26.77 -6.10
C ASP C 170 -32.30 -26.62 -5.66
N ASP C 171 -31.91 -27.36 -4.62
CA ASP C 171 -30.60 -27.22 -4.01
C ASP C 171 -29.68 -28.36 -4.42
N SER C 172 -28.47 -27.99 -4.79
CA SER C 172 -27.49 -28.91 -5.32
C SER C 172 -26.87 -29.86 -4.27
N HIS C 173 -27.20 -29.64 -3.00
CA HIS C 173 -26.79 -30.56 -1.96
C HIS C 173 -27.76 -31.75 -1.86
N TYR C 174 -28.91 -31.64 -2.52
CA TYR C 174 -29.94 -32.68 -2.46
C TYR C 174 -30.03 -33.51 -3.74
N LEU C 175 -30.10 -32.81 -4.86
CA LEU C 175 -30.24 -33.42 -6.16
C LEU C 175 -29.47 -32.58 -7.16
N LEU C 176 -29.43 -33.03 -8.41
CA LEU C 176 -28.88 -32.21 -9.48
C LEU C 176 -29.95 -31.34 -10.08
N PRO C 177 -29.88 -30.01 -9.85
CA PRO C 177 -30.93 -29.14 -10.39
C PRO C 177 -30.78 -28.92 -11.88
N THR C 178 -31.83 -28.39 -12.49
CA THR C 178 -31.85 -28.19 -13.92
C THR C 178 -32.31 -26.80 -14.26
N VAL C 179 -31.59 -26.13 -15.15
CA VAL C 179 -32.07 -24.86 -15.67
C VAL C 179 -32.39 -25.03 -17.16
N ASN C 180 -33.62 -24.69 -17.53
CA ASN C 180 -34.14 -25.00 -18.85
C ASN C 180 -33.94 -23.89 -19.86
N ALA C 181 -33.48 -22.73 -19.41
CA ALA C 181 -33.37 -21.56 -20.26
C ALA C 181 -32.54 -21.81 -21.48
N SER C 182 -32.84 -21.12 -22.54
CA SER C 182 -31.99 -21.22 -23.70
C SER C 182 -30.68 -20.50 -23.45
N PHE C 183 -29.68 -20.85 -24.24
CA PHE C 183 -28.41 -20.18 -24.13
C PHE C 183 -28.54 -18.70 -24.41
N GLU C 184 -29.43 -18.32 -25.31
CA GLU C 184 -29.59 -16.92 -25.62
C GLU C 184 -30.16 -16.16 -24.46
N GLU C 185 -31.11 -16.77 -23.72
CA GLU C 185 -31.65 -16.11 -22.53
C GLU C 185 -30.57 -16.06 -21.42
N LEU C 186 -29.85 -17.15 -21.22
CA LEU C 186 -28.74 -17.22 -20.29
C LEU C 186 -27.70 -16.12 -20.54
N TRP C 187 -27.34 -15.95 -21.79
CA TRP C 187 -26.39 -14.94 -22.20
C TRP C 187 -26.87 -13.53 -21.82
N ARG C 188 -28.15 -13.27 -22.13
CA ARG C 188 -28.74 -11.97 -21.85
C ARG C 188 -28.89 -11.70 -20.35
N GLU C 189 -29.09 -12.75 -19.58
CA GLU C 189 -29.53 -12.55 -18.21
C GLU C 189 -28.49 -13.04 -17.21
N ASP C 190 -28.45 -14.35 -16.97
CA ASP C 190 -27.66 -14.93 -15.90
C ASP C 190 -26.16 -14.70 -16.14
N LEU C 191 -25.74 -14.74 -17.38
CA LEU C 191 -24.34 -14.63 -17.66
C LEU C 191 -23.88 -13.20 -17.70
N LEU C 192 -24.81 -12.26 -17.79
CA LEU C 192 -24.42 -10.87 -17.89
C LEU C 192 -23.49 -10.41 -16.73
N PRO C 193 -23.80 -10.74 -15.47
CA PRO C 193 -22.82 -10.21 -14.51
C PRO C 193 -21.40 -10.84 -14.54
N PHE C 194 -21.28 -12.11 -14.90
CA PHE C 194 -19.98 -12.70 -15.15
C PHE C 194 -19.27 -12.05 -16.34
N ARG C 195 -20.01 -11.82 -17.43
CA ARG C 195 -19.46 -11.20 -18.62
C ARG C 195 -18.98 -9.78 -18.35
N ARG C 196 -19.74 -9.02 -17.59
CA ARG C 196 -19.34 -7.66 -17.26
C ARG C 196 -18.04 -7.63 -16.48
N ILE C 197 -17.87 -8.62 -15.59
CA ILE C 197 -16.68 -8.76 -14.77
C ILE C 197 -15.46 -9.18 -15.60
N PHE C 198 -15.58 -10.17 -16.49
CA PHE C 198 -14.48 -10.56 -17.39
C PHE C 198 -14.12 -9.51 -18.41
N GLN C 199 -15.07 -8.73 -18.86
CA GLN C 199 -14.78 -7.69 -19.81
C GLN C 199 -14.17 -6.45 -19.20
N SER C 200 -14.45 -6.25 -17.93
CA SER C 200 -13.92 -5.06 -17.29
C SER C 200 -12.54 -5.38 -16.73
N ARG C 201 -12.13 -6.62 -16.93
CA ARG C 201 -10.78 -7.11 -16.69
C ARG C 201 -10.45 -7.12 -15.20
N VAL C 202 -11.43 -7.32 -14.35
CA VAL C 202 -11.22 -7.44 -12.90
C VAL C 202 -10.58 -8.77 -12.46
N LYS C 203 -9.58 -8.72 -11.60
CA LYS C 203 -8.96 -9.94 -11.12
C LYS C 203 -9.92 -10.80 -10.29
N THR C 204 -10.12 -12.04 -10.71
CA THR C 204 -11.07 -12.89 -10.03
C THR C 204 -10.80 -14.36 -10.32
N ALA C 205 -11.29 -15.23 -9.45
CA ALA C 205 -11.43 -16.63 -9.77
C ALA C 205 -12.90 -16.91 -10.05
N VAL C 206 -13.18 -18.10 -10.58
CA VAL C 206 -14.54 -18.53 -10.89
C VAL C 206 -14.84 -19.90 -10.30
N MET C 207 -15.96 -20.03 -9.65
CA MET C 207 -16.41 -21.31 -9.20
C MET C 207 -17.57 -21.79 -10.07
N THR C 208 -17.55 -23.07 -10.49
CA THR C 208 -18.62 -23.61 -11.32
C THR C 208 -19.86 -23.99 -10.51
N ALA C 209 -21.01 -24.05 -11.20
CA ALA C 209 -22.23 -24.55 -10.60
C ALA C 209 -22.44 -26.03 -10.92
N HIS C 210 -22.89 -26.81 -9.93
CA HIS C 210 -23.36 -28.19 -10.16
C HIS C 210 -24.81 -28.20 -10.64
N VAL C 211 -25.05 -27.68 -11.84
CA VAL C 211 -26.41 -27.54 -12.33
C VAL C 211 -26.41 -27.96 -13.78
N LYS C 212 -27.48 -28.59 -14.24
CA LYS C 212 -27.55 -29.05 -15.63
C LYS C 212 -28.28 -28.02 -16.48
N TYR C 213 -27.73 -27.74 -17.67
CA TYR C 213 -28.34 -26.81 -18.62
C TYR C 213 -28.63 -27.49 -19.97
N PRO C 214 -29.75 -28.24 -20.05
CA PRO C 214 -30.02 -29.15 -21.16
C PRO C 214 -30.02 -28.51 -22.54
N ALA C 215 -30.36 -27.23 -22.63
CA ALA C 215 -30.29 -26.51 -23.89
C ALA C 215 -28.86 -26.23 -24.32
N VAL C 216 -27.87 -26.54 -23.47
CA VAL C 216 -26.48 -26.24 -23.79
C VAL C 216 -25.64 -27.52 -23.77
N ASP C 217 -25.88 -28.38 -22.78
CA ASP C 217 -25.10 -29.61 -22.62
C ASP C 217 -25.78 -30.57 -21.63
N ASP C 218 -25.50 -31.87 -21.77
CA ASP C 218 -26.17 -32.87 -20.93
C ASP C 218 -25.56 -32.96 -19.54
N LEU C 219 -24.31 -32.54 -19.41
CA LEU C 219 -23.55 -32.63 -18.15
C LEU C 219 -23.77 -31.42 -17.22
N PRO C 220 -23.55 -31.60 -15.89
CA PRO C 220 -23.56 -30.46 -14.97
C PRO C 220 -22.45 -29.48 -15.35
N ALA C 221 -22.63 -28.18 -15.09
CA ALA C 221 -21.67 -27.18 -15.54
C ALA C 221 -20.23 -27.51 -15.10
N THR C 222 -20.07 -27.97 -13.86
CA THR C 222 -18.75 -28.37 -13.36
C THR C 222 -18.07 -29.39 -14.26
N LEU C 223 -18.87 -30.26 -14.88
CA LEU C 223 -18.36 -31.37 -15.68
C LEU C 223 -18.48 -31.17 -17.21
N SER C 224 -18.77 -29.95 -17.63
CA SER C 224 -19.14 -29.67 -19.01
C SER C 224 -18.10 -28.93 -19.81
N LYS C 225 -17.51 -29.58 -20.80
CA LYS C 225 -16.52 -28.93 -21.65
C LYS C 225 -17.13 -27.81 -22.46
N LYS C 226 -18.40 -27.97 -22.82
CA LYS C 226 -19.07 -26.93 -23.59
C LYS C 226 -19.18 -25.67 -22.73
N LEU C 227 -19.58 -25.83 -21.47
CA LEU C 227 -19.73 -24.67 -20.61
C LEU C 227 -18.39 -24.06 -20.18
N ILE C 228 -17.40 -24.87 -19.84
CA ILE C 228 -16.17 -24.31 -19.30
C ILE C 228 -15.16 -23.89 -20.38
N THR C 229 -15.00 -24.71 -21.41
CA THR C 229 -14.07 -24.40 -22.48
C THR C 229 -14.65 -23.47 -23.54
N GLU C 230 -15.82 -23.84 -24.07
CA GLU C 230 -16.35 -23.15 -25.23
C GLU C 230 -17.02 -21.86 -24.77
N VAL C 231 -17.68 -21.90 -23.63
CA VAL C 231 -18.28 -20.68 -23.14
C VAL C 231 -17.35 -19.84 -22.22
N LEU C 232 -16.86 -20.40 -21.12
CA LEU C 232 -16.10 -19.59 -20.16
C LEU C 232 -14.71 -19.16 -20.64
N ARG C 233 -13.93 -20.10 -21.17
CA ARG C 233 -12.61 -19.75 -21.68
C ARG C 233 -12.67 -19.01 -23.02
N GLU C 234 -13.45 -19.54 -23.97
CA GLU C 234 -13.46 -19.01 -25.34
C GLU C 234 -14.46 -17.85 -25.57
N LYS C 235 -15.74 -18.07 -25.39
CA LYS C 235 -16.66 -16.99 -25.72
C LYS C 235 -16.56 -15.83 -24.69
N LEU C 236 -16.39 -16.16 -23.41
CA LEU C 236 -16.28 -15.13 -22.38
C LEU C 236 -14.85 -14.68 -22.13
N ASN C 237 -13.88 -15.40 -22.68
CA ASN C 237 -12.45 -15.04 -22.67
C ASN C 237 -11.76 -15.06 -21.28
N PHE C 238 -12.26 -15.92 -20.39
CA PHE C 238 -11.69 -15.98 -19.06
C PHE C 238 -10.59 -17.04 -18.94
N LYS C 239 -9.38 -16.59 -18.61
CA LYS C 239 -8.20 -17.44 -18.58
C LYS C 239 -7.77 -17.79 -17.17
N GLY C 240 -8.49 -17.27 -16.20
CA GLY C 240 -8.05 -17.37 -14.83
C GLY C 240 -8.41 -18.67 -14.18
N LEU C 241 -8.42 -18.66 -12.86
CA LEU C 241 -8.52 -19.86 -12.08
C LEU C 241 -9.98 -20.34 -12.00
N VAL C 242 -10.21 -21.60 -12.31
CA VAL C 242 -11.57 -22.11 -12.24
C VAL C 242 -11.70 -23.19 -11.22
N LEU C 243 -12.58 -23.00 -10.26
CA LEU C 243 -12.80 -23.96 -9.20
C LEU C 243 -14.12 -24.66 -9.36
N SER C 244 -14.17 -25.94 -9.00
CA SER C 244 -15.43 -26.64 -8.93
C SER C 244 -16.08 -26.23 -7.63
N ASP C 245 -17.39 -26.38 -7.55
CA ASP C 245 -18.04 -26.44 -6.24
C ASP C 245 -17.66 -27.81 -5.63
N ALA C 246 -18.04 -28.09 -4.40
CA ALA C 246 -17.47 -29.27 -3.73
C ALA C 246 -17.91 -30.55 -4.42
N MET C 247 -16.96 -31.35 -4.89
CA MET C 247 -17.24 -32.53 -5.71
C MET C 247 -18.06 -33.60 -5.02
N GLU C 248 -18.00 -33.63 -3.69
CA GLU C 248 -18.72 -34.61 -2.89
C GLU C 248 -20.19 -34.29 -2.81
N MET C 249 -20.58 -33.14 -3.32
CA MET C 249 -21.97 -32.72 -3.21
C MET C 249 -22.90 -33.67 -3.96
N LYS C 250 -24.10 -33.87 -3.41
CA LYS C 250 -25.02 -34.90 -3.91
C LYS C 250 -25.23 -34.81 -5.42
N ALA C 251 -25.42 -33.59 -5.92
CA ALA C 251 -25.64 -33.35 -7.34
C ALA C 251 -24.57 -33.96 -8.23
N ILE C 252 -23.34 -34.01 -7.74
CA ILE C 252 -22.27 -34.67 -8.49
C ILE C 252 -22.09 -36.13 -8.12
N SER C 253 -22.03 -36.42 -6.83
CA SER C 253 -21.61 -37.74 -6.39
C SER C 253 -22.62 -38.88 -6.68
N GLU C 254 -23.92 -38.58 -6.63
CA GLU C 254 -24.93 -39.61 -6.85
C GLU C 254 -25.21 -39.89 -8.32
N ASN C 255 -24.42 -39.30 -9.20
CA ASN C 255 -24.63 -39.46 -10.61
C ASN C 255 -23.33 -39.68 -11.34
N PHE C 256 -22.24 -39.53 -10.60
CA PHE C 256 -20.91 -39.70 -11.19
C PHE C 256 -20.00 -40.34 -10.17
N SER C 257 -19.00 -41.06 -10.67
CA SER C 257 -18.03 -41.66 -9.78
C SER C 257 -16.97 -40.64 -9.51
N VAL C 258 -16.23 -40.84 -8.43
CA VAL C 258 -15.12 -39.97 -8.12
C VAL C 258 -14.20 -39.85 -9.31
N GLU C 259 -13.98 -40.94 -10.02
CA GLU C 259 -13.03 -40.89 -11.12
C GLU C 259 -13.57 -40.17 -12.38
N GLU C 260 -14.86 -40.27 -12.68
CA GLU C 260 -15.41 -39.53 -13.84
C GLU C 260 -15.51 -38.01 -13.52
N ALA C 261 -15.82 -37.68 -12.28
CA ALA C 261 -15.97 -36.28 -11.88
C ALA C 261 -14.65 -35.54 -12.04
N VAL C 262 -13.58 -36.18 -11.61
CA VAL C 262 -12.23 -35.63 -11.71
C VAL C 262 -11.82 -35.54 -13.17
N ARG C 263 -12.15 -36.60 -13.92
CA ARG C 263 -11.88 -36.67 -15.36
C ARG C 263 -12.57 -35.55 -16.12
N PHE C 264 -13.87 -35.46 -15.92
CA PHE C 264 -14.67 -34.48 -16.62
C PHE C 264 -14.17 -33.06 -16.35
N PHE C 265 -13.95 -32.75 -15.07
CA PHE C 265 -13.64 -31.40 -14.66
C PHE C 265 -12.33 -30.90 -15.23
N ILE C 266 -11.29 -31.72 -15.16
CA ILE C 266 -9.99 -31.32 -15.69
C ILE C 266 -10.01 -31.24 -17.20
N GLU C 267 -10.69 -32.19 -17.83
CA GLU C 267 -10.84 -32.16 -19.28
C GLU C 267 -11.72 -31.00 -19.75
N ALA C 268 -12.72 -30.62 -18.96
CA ALA C 268 -13.64 -29.55 -19.34
C ALA C 268 -12.94 -28.20 -19.35
N GLY C 269 -11.77 -28.14 -18.73
CA GLY C 269 -11.00 -26.91 -18.65
C GLY C 269 -10.84 -26.35 -17.25
N GLY C 270 -11.36 -27.04 -16.25
CA GLY C 270 -11.25 -26.61 -14.87
C GLY C 270 -9.86 -26.79 -14.26
N ASN C 271 -9.55 -26.00 -13.23
CA ASN C 271 -8.22 -25.99 -12.66
C ASN C 271 -8.08 -26.59 -11.25
N MET C 272 -9.01 -26.32 -10.34
CA MET C 272 -8.87 -26.82 -8.97
C MET C 272 -10.11 -27.53 -8.47
N ILE C 273 -9.93 -28.74 -7.97
CA ILE C 273 -11.03 -29.50 -7.42
C ILE C 273 -11.25 -29.19 -5.94
N LEU C 274 -12.42 -28.66 -5.62
CA LEU C 274 -12.77 -28.38 -4.24
C LEU C 274 -13.41 -29.56 -3.55
N LEU C 275 -12.80 -30.00 -2.46
CA LEU C 275 -13.39 -31.02 -1.60
C LEU C 275 -13.85 -30.36 -0.32
N ASP C 276 -15.08 -30.56 0.09
CA ASP C 276 -15.56 -29.93 1.30
C ASP C 276 -15.14 -30.72 2.54
N ASN C 277 -14.37 -31.76 2.32
CA ASN C 277 -13.83 -32.56 3.42
C ASN C 277 -12.42 -33.02 3.07
N PHE C 278 -11.44 -32.53 3.83
CA PHE C 278 -10.01 -32.81 3.55
C PHE C 278 -9.63 -34.28 3.65
N ARG C 279 -10.43 -35.05 4.36
CA ARG C 279 -10.19 -36.47 4.55
C ARG C 279 -10.41 -37.25 3.24
N ASP C 280 -11.20 -36.69 2.33
CA ASP C 280 -11.44 -37.36 1.05
C ASP C 280 -10.28 -37.16 0.11
N LEU C 281 -9.35 -36.31 0.48
CA LEU C 281 -8.27 -35.96 -0.42
C LEU C 281 -7.45 -37.17 -0.93
N PRO C 282 -7.07 -38.13 -0.05
CA PRO C 282 -6.26 -39.26 -0.56
C PRO C 282 -6.98 -40.03 -1.64
N VAL C 283 -8.28 -40.26 -1.44
CA VAL C 283 -9.11 -40.93 -2.40
C VAL C 283 -9.05 -40.21 -3.74
N TYR C 284 -9.38 -38.91 -3.72
CA TYR C 284 -9.41 -38.13 -4.94
C TYR C 284 -8.02 -37.91 -5.53
N TYR C 285 -7.01 -37.76 -4.67
CA TYR C 285 -5.64 -37.50 -5.13
C TYR C 285 -5.10 -38.64 -5.97
N GLU C 286 -5.31 -39.88 -5.54
CA GLU C 286 -4.75 -41.02 -6.26
C GLU C 286 -5.59 -41.29 -7.52
N SER C 287 -6.88 -41.04 -7.40
CA SER C 287 -7.75 -41.13 -8.55
C SER C 287 -7.26 -40.22 -9.68
N LEU C 288 -6.83 -39.01 -9.33
CA LEU C 288 -6.26 -38.09 -10.32
C LEU C 288 -4.94 -38.60 -10.90
N LYS C 289 -4.12 -39.21 -10.05
CA LYS C 289 -2.82 -39.71 -10.50
C LYS C 289 -3.04 -40.86 -11.48
N LYS C 290 -4.06 -41.67 -11.19
CA LYS C 290 -4.41 -42.79 -12.06
C LYS C 290 -4.59 -42.27 -13.48
N LEU C 291 -5.51 -41.32 -13.61
CA LEU C 291 -5.90 -40.73 -14.89
C LEU C 291 -4.84 -39.90 -15.62
N ILE C 292 -3.77 -39.48 -14.97
CA ILE C 292 -2.76 -38.70 -15.69
C ILE C 292 -1.78 -39.58 -16.48
N GLU C 293 -1.40 -40.72 -15.90
CA GLU C 293 -0.48 -41.63 -16.57
C GLU C 293 -1.24 -42.65 -17.41
N ASP C 294 -2.46 -42.97 -16.97
CA ASP C 294 -3.32 -43.93 -17.65
C ASP C 294 -3.99 -43.29 -18.88
N GLY C 295 -3.67 -42.03 -19.12
CA GLY C 295 -4.01 -41.32 -20.35
C GLY C 295 -5.36 -40.64 -20.48
N SER C 296 -6.25 -40.85 -19.51
CA SER C 296 -7.58 -40.26 -19.60
C SER C 296 -7.54 -38.75 -19.44
N ILE C 297 -6.43 -38.21 -18.96
CA ILE C 297 -6.30 -36.77 -18.82
C ILE C 297 -5.05 -36.26 -19.52
N GLU C 298 -5.22 -35.34 -20.45
CA GLU C 298 -4.09 -34.78 -21.18
C GLU C 298 -3.08 -34.11 -20.25
N ARG C 299 -1.81 -34.47 -20.40
CA ARG C 299 -0.78 -33.87 -19.57
C ARG C 299 -0.69 -32.38 -19.86
N GLY C 300 -1.07 -31.99 -21.07
CA GLY C 300 -1.07 -30.59 -21.44
C GLY C 300 -1.97 -29.79 -20.52
N LYS C 301 -3.08 -30.40 -20.10
CA LYS C 301 -4.06 -29.71 -19.27
C LYS C 301 -3.61 -29.57 -17.83
N VAL C 302 -3.06 -30.63 -17.26
CA VAL C 302 -2.58 -30.58 -15.89
C VAL C 302 -1.46 -29.55 -15.75
N GLU C 303 -0.58 -29.48 -16.75
CA GLU C 303 0.46 -28.46 -16.73
C GLU C 303 -0.13 -27.07 -16.66
N ARG C 304 -1.17 -26.85 -17.44
CA ARG C 304 -1.82 -25.56 -17.51
C ARG C 304 -2.46 -25.21 -16.17
N SER C 305 -3.12 -26.18 -15.55
CA SER C 305 -3.70 -25.96 -14.25
C SER C 305 -2.64 -25.57 -13.21
N ILE C 306 -1.57 -26.35 -13.15
CA ILE C 306 -0.49 -26.07 -12.22
C ILE C 306 0.09 -24.70 -12.45
N LYS C 307 0.29 -24.32 -13.70
CA LYS C 307 0.83 -22.99 -13.99
C LYS C 307 -0.03 -21.88 -13.42
N ILE C 308 -1.34 -21.99 -13.59
CA ILE C 308 -2.28 -20.99 -13.08
C ILE C 308 -2.21 -20.89 -11.57
N VAL C 309 -2.28 -22.04 -10.92
CA VAL C 309 -2.25 -22.11 -9.48
C VAL C 309 -0.94 -21.52 -8.93
N ASP C 310 0.16 -21.78 -9.63
CA ASP C 310 1.46 -21.20 -9.26
C ASP C 310 1.47 -19.70 -9.27
N GLU C 311 0.80 -19.10 -10.24
CA GLU C 311 0.76 -17.66 -10.30
C GLU C 311 -0.01 -17.12 -9.12
N TYR C 312 -1.12 -17.76 -8.76
CA TYR C 312 -1.87 -17.32 -7.59
C TYR C 312 -1.00 -17.49 -6.35
N LEU C 313 -0.26 -18.58 -6.24
CA LEU C 313 0.57 -18.81 -5.07
C LEU C 313 1.66 -17.75 -4.87
N SER C 314 2.23 -17.26 -5.96
CA SER C 314 3.27 -16.25 -5.84
C SER C 314 2.67 -14.87 -5.73
N ALA C 315 1.50 -14.69 -6.30
CA ALA C 315 0.80 -13.42 -6.16
C ALA C 315 0.35 -13.16 -4.73
N LEU C 316 0.03 -14.22 -4.01
CA LEU C 316 -0.54 -14.05 -2.69
C LEU C 316 0.48 -14.21 -1.57
N GLU C 317 1.78 -14.15 -1.86
CA GLU C 317 2.76 -14.17 -0.77
C GLU C 317 2.64 -12.91 0.05
N ASN C 318 2.43 -13.13 1.33
CA ASN C 318 2.00 -12.08 2.21
C ASN C 318 2.73 -12.09 3.57
N ARG C 319 2.72 -10.94 4.24
CA ARG C 319 3.45 -10.75 5.49
C ARG C 319 2.55 -11.08 6.67
N PHE C 320 1.24 -11.00 6.43
CA PHE C 320 0.25 -11.10 7.50
C PHE C 320 -0.18 -12.53 7.75
N ASN C 321 0.05 -13.01 8.95
CA ASN C 321 -0.56 -14.25 9.39
C ASN C 321 -0.83 -14.20 10.90
N SER C 322 -2.10 -14.32 11.28
CA SER C 322 -2.52 -14.21 12.67
C SER C 322 -2.03 -15.38 13.53
N GLY C 323 -1.42 -16.37 12.90
CA GLY C 323 -0.82 -17.45 13.66
C GLY C 323 0.36 -17.01 14.51
N LEU C 324 0.84 -15.79 14.33
CA LEU C 324 1.91 -15.28 15.16
C LEU C 324 1.46 -15.37 16.63
N ILE C 325 0.16 -15.24 16.85
CA ILE C 325 -0.37 -15.28 18.19
C ILE C 325 -0.07 -16.64 18.76
N ALA C 326 -0.12 -17.67 17.92
CA ALA C 326 0.19 -19.00 18.39
C ALA C 326 1.68 -19.14 18.72
N GLU C 327 2.57 -18.48 17.98
CA GLU C 327 4.02 -18.58 18.26
C GLU C 327 4.37 -17.89 19.56
N VAL C 328 3.77 -16.73 19.83
CA VAL C 328 4.00 -16.09 21.08
C VAL C 328 3.59 -17.02 22.20
N ALA C 329 2.39 -17.58 22.15
CA ALA C 329 1.90 -18.49 23.19
C ALA C 329 2.78 -19.72 23.36
N GLU C 330 3.20 -20.30 22.24
CA GLU C 330 4.05 -21.47 22.23
C GLU C 330 5.32 -21.16 23.01
N ARG C 331 5.92 -20.01 22.72
CA ARG C 331 7.24 -19.68 23.24
C ARG C 331 7.25 -19.18 24.68
N ALA C 332 6.13 -18.71 25.18
CA ALA C 332 6.07 -18.18 26.53
C ALA C 332 5.80 -19.29 27.52
N ILE C 333 5.92 -20.51 27.09
CA ILE C 333 5.63 -21.60 28.00
C ILE C 333 6.92 -22.18 28.53
N GLU C 334 7.03 -22.17 29.85
CA GLU C 334 8.18 -22.75 30.55
C GLU C 334 7.76 -24.08 31.19
N CYS C 335 8.62 -25.09 31.03
CA CYS C 335 8.37 -26.43 31.57
C CYS C 335 9.46 -26.91 32.48
N THR C 336 9.07 -27.73 33.45
CA THR C 336 10.03 -28.63 34.06
C THR C 336 9.93 -29.88 33.18
N ARG C 337 10.81 -30.86 33.38
CA ARG C 337 10.76 -32.10 32.60
C ARG C 337 9.80 -33.12 33.22
N MET C 338 9.12 -33.88 32.37
CA MET C 338 8.13 -34.83 32.82
C MET C 338 8.69 -36.18 32.40
N ARG C 339 8.54 -37.23 33.21
CA ARG C 339 9.15 -38.49 32.84
C ARG C 339 8.24 -39.16 31.81
N LYS C 340 8.86 -39.44 30.67
CA LYS C 340 8.35 -39.08 29.34
C LYS C 340 6.85 -39.15 29.11
N GLU C 341 6.19 -40.27 29.47
CA GLU C 341 4.74 -40.31 29.34
C GLU C 341 4.01 -41.04 30.46
N LEU C 342 4.02 -40.39 31.62
CA LEU C 342 3.03 -40.61 32.68
C LEU C 342 1.76 -39.99 32.05
N LEU C 343 2.02 -39.24 30.98
CA LEU C 343 1.16 -38.28 30.34
C LEU C 343 0.10 -38.99 29.52
N GLY C 344 0.41 -40.21 29.10
CA GLY C 344 -0.50 -40.98 28.27
C GLY C 344 -1.55 -41.61 29.13
N ARG C 345 -1.47 -41.31 30.42
CA ARG C 345 -2.42 -41.81 31.34
C ARG C 345 -3.65 -40.90 31.22
N GLU C 346 -4.73 -41.28 31.89
CA GLU C 346 -6.03 -40.65 31.72
C GLU C 346 -6.24 -39.57 32.81
N VAL C 347 -6.72 -38.37 32.47
CA VAL C 347 -6.70 -37.17 33.39
C VAL C 347 -8.00 -36.57 34.07
N VAL C 348 -7.93 -36.12 35.34
CA VAL C 348 -9.00 -35.30 35.96
C VAL C 348 -8.56 -33.84 36.16
N LEU C 349 -9.44 -32.88 35.88
CA LEU C 349 -9.07 -31.47 36.01
C LEU C 349 -9.54 -30.86 37.32
N THR C 363 -11.92 -13.07 32.33
CA THR C 363 -10.91 -14.07 32.66
C THR C 363 -11.51 -15.40 33.07
N GLY C 364 -12.75 -15.35 33.54
CA GLY C 364 -13.50 -16.54 33.89
C GLY C 364 -13.82 -17.37 32.66
N ASP C 365 -14.02 -16.68 31.54
CA ASP C 365 -14.34 -17.32 30.29
C ASP C 365 -13.16 -18.16 29.81
N ASP C 366 -11.95 -17.75 30.18
CA ASP C 366 -10.76 -18.53 29.85
C ASP C 366 -10.70 -19.86 30.60
N TYR C 367 -11.14 -19.83 31.85
CA TYR C 367 -11.20 -21.01 32.69
C TYR C 367 -12.19 -22.05 32.18
N ASP C 368 -13.40 -21.62 31.85
CA ASP C 368 -14.42 -22.48 31.23
C ASP C 368 -13.99 -23.21 29.97
N LEU C 369 -13.11 -22.62 29.18
CA LEU C 369 -12.70 -23.25 27.93
C LEU C 369 -11.63 -24.30 28.11
N ILE C 370 -11.03 -24.33 29.29
CA ILE C 370 -9.93 -25.25 29.54
C ILE C 370 -10.25 -26.73 29.31
N PRO C 371 -11.39 -27.23 29.83
CA PRO C 371 -11.64 -28.65 29.62
C PRO C 371 -11.75 -29.02 28.15
N GLU C 372 -12.51 -28.21 27.41
CA GLU C 372 -12.70 -28.42 25.98
C GLU C 372 -11.35 -28.53 25.26
N VAL C 373 -10.43 -27.66 25.63
CA VAL C 373 -9.09 -27.65 25.05
C VAL C 373 -8.37 -28.90 25.48
N ALA C 374 -8.63 -29.32 26.72
CA ALA C 374 -7.95 -30.48 27.29
C ALA C 374 -8.35 -31.76 26.58
N LYS C 375 -9.64 -31.90 26.32
CA LYS C 375 -10.18 -33.10 25.71
C LYS C 375 -9.57 -33.42 24.36
N ARG C 376 -8.95 -32.42 23.74
CA ARG C 376 -8.22 -32.62 22.50
C ARG C 376 -6.93 -33.40 22.69
N PHE C 377 -6.38 -33.34 23.90
CA PHE C 377 -5.11 -33.99 24.14
C PHE C 377 -5.24 -35.15 25.14
N PHE C 378 -6.30 -35.14 25.93
CA PHE C 378 -6.52 -36.10 27.03
C PHE C 378 -7.96 -36.58 27.17
N LYS C 379 -8.14 -37.84 27.57
CA LYS C 379 -9.44 -38.33 28.02
C LYS C 379 -9.75 -37.69 29.38
N VAL C 380 -10.92 -37.08 29.53
CA VAL C 380 -11.25 -36.35 30.77
C VAL C 380 -12.45 -36.93 31.53
N ARG C 381 -12.33 -37.33 32.82
CA ARG C 381 -13.50 -37.90 33.53
C ARG C 381 -14.48 -36.88 34.04
N ASP C 382 -13.94 -36.02 34.88
CA ASP C 382 -14.73 -34.98 35.49
C ASP C 382 -13.81 -33.80 35.59
N VAL C 383 -14.43 -32.66 35.76
CA VAL C 383 -13.73 -31.43 35.85
C VAL C 383 -14.24 -30.84 37.14
N ILE C 384 -13.35 -30.60 38.08
CA ILE C 384 -13.80 -30.10 39.36
C ILE C 384 -13.43 -28.65 39.42
N ARG C 385 -14.44 -27.83 39.63
CA ARG C 385 -14.27 -26.40 39.64
C ARG C 385 -14.05 -25.89 41.03
N TYR C 386 -12.78 -25.70 41.38
CA TYR C 386 -12.40 -25.27 42.71
C TYR C 386 -12.43 -23.76 42.86
N ASP C 387 -12.37 -23.30 44.11
CA ASP C 387 -12.45 -21.88 44.39
C ASP C 387 -11.03 -21.43 44.71
N ILE C 388 -10.63 -20.30 44.13
CA ILE C 388 -9.26 -19.83 44.23
C ILE C 388 -8.96 -18.90 45.41
N GLU C 389 -9.97 -18.60 46.20
CA GLU C 389 -9.76 -17.92 47.48
C GLU C 389 -9.82 -18.94 48.60
N ALA C 390 -10.09 -20.20 48.23
CA ALA C 390 -10.06 -21.30 49.16
C ALA C 390 -9.04 -22.39 48.76
N GLY C 391 -9.05 -22.80 47.50
CA GLY C 391 -8.21 -23.90 47.05
C GLY C 391 -8.98 -25.21 46.92
N PRO C 392 -8.36 -26.24 46.32
CA PRO C 392 -8.92 -27.55 46.02
C PRO C 392 -8.93 -28.50 47.20
N ASP C 393 -10.08 -29.13 47.42
CA ASP C 393 -10.13 -30.35 48.20
C ASP C 393 -9.12 -31.36 47.68
N ASP C 394 -8.63 -32.27 48.52
CA ASP C 394 -7.90 -33.37 47.92
C ASP C 394 -8.97 -34.16 47.21
N VAL C 395 -8.63 -34.62 46.02
CA VAL C 395 -9.56 -35.36 45.18
C VAL C 395 -8.63 -36.24 44.38
N ASP C 396 -9.13 -37.33 43.84
CA ASP C 396 -8.27 -38.11 43.00
C ASP C 396 -9.09 -38.76 41.86
N GLY C 397 -8.36 -39.27 40.89
CA GLY C 397 -8.86 -39.82 39.63
C GLY C 397 -7.55 -40.48 39.30
N GLU C 398 -7.34 -41.04 38.11
CA GLU C 398 -6.02 -41.64 37.98
C GLU C 398 -5.03 -40.49 37.88
N LEU C 399 -5.37 -39.34 37.29
CA LEU C 399 -4.42 -38.19 37.23
C LEU C 399 -5.09 -36.82 37.20
N ILE C 400 -4.46 -35.90 37.94
CA ILE C 400 -5.00 -34.57 38.20
C ILE C 400 -4.12 -33.47 37.62
N PHE C 401 -4.79 -32.53 36.96
CA PHE C 401 -4.19 -31.33 36.41
C PHE C 401 -4.64 -30.14 37.23
N ASP C 402 -3.67 -29.51 37.89
CA ASP C 402 -3.93 -28.37 38.74
C ASP C 402 -3.69 -27.06 38.00
N PHE C 403 -4.77 -26.33 37.74
CA PHE C 403 -4.66 -25.03 37.11
C PHE C 403 -4.68 -23.93 38.15
N VAL C 404 -3.50 -23.62 38.70
CA VAL C 404 -3.39 -22.76 39.84
C VAL C 404 -3.75 -21.33 39.48
N VAL C 405 -4.59 -20.71 40.30
CA VAL C 405 -4.76 -19.29 40.16
C VAL C 405 -4.53 -18.62 41.50
N ASN C 406 -3.46 -17.82 41.60
CA ASN C 406 -3.17 -17.10 42.83
C ASN C 406 -3.14 -18.04 44.05
N ALA C 407 -2.23 -19.01 43.98
CA ALA C 407 -2.10 -19.98 45.05
C ALA C 407 -1.61 -19.30 46.33
N SER C 408 -0.97 -18.13 46.17
CA SER C 408 -0.17 -17.52 47.23
C SER C 408 -0.81 -16.40 48.05
N LYS C 409 -2.11 -16.21 47.94
CA LYS C 409 -2.84 -15.17 48.69
C LYS C 409 -2.68 -15.33 50.20
N ASN C 410 -2.56 -16.59 50.60
CA ASN C 410 -2.57 -17.04 51.98
C ASN C 410 -1.77 -18.33 52.03
N GLU C 411 -1.44 -18.88 53.20
CA GLU C 411 -0.60 -20.08 53.20
C GLU C 411 -1.29 -21.45 53.15
N GLN C 412 -2.49 -21.58 53.69
CA GLN C 412 -3.16 -22.87 53.66
C GLN C 412 -4.10 -23.01 52.46
N VAL C 413 -4.30 -21.91 51.73
CA VAL C 413 -4.88 -22.01 50.41
C VAL C 413 -3.77 -22.63 49.55
N LEU C 414 -2.52 -22.36 49.91
CA LEU C 414 -1.41 -22.90 49.14
C LEU C 414 -1.16 -24.40 49.36
N GLN C 415 -1.49 -24.93 50.52
CA GLN C 415 -1.25 -26.35 50.70
C GLN C 415 -2.58 -27.07 50.50
N ALA C 416 -3.60 -26.27 50.16
CA ALA C 416 -4.83 -26.80 49.57
C ALA C 416 -4.46 -27.36 48.23
N HIS C 417 -3.58 -26.60 47.60
CA HIS C 417 -2.96 -26.87 46.30
C HIS C 417 -1.89 -27.94 46.40
N LEU C 418 -1.29 -27.99 47.57
CA LEU C 418 -0.27 -28.97 47.86
C LEU C 418 -0.91 -30.23 48.52
N SER C 419 -2.21 -30.13 48.76
CA SER C 419 -3.00 -31.23 49.32
C SER C 419 -3.23 -32.32 48.31
N LEU C 420 -2.59 -32.20 47.15
CA LEU C 420 -2.73 -33.16 46.08
C LEU C 420 -1.47 -34.01 45.95
N PRO C 421 -1.66 -35.26 45.50
CA PRO C 421 -0.66 -36.32 45.34
C PRO C 421 0.45 -35.95 44.36
N SER C 422 1.66 -35.78 44.88
CA SER C 422 2.70 -35.05 44.19
C SER C 422 3.39 -35.58 42.92
N ASP C 423 3.32 -36.86 42.57
CA ASP C 423 3.87 -37.27 41.26
C ASP C 423 2.75 -37.79 40.36
N ARG C 424 1.56 -37.26 40.56
CA ARG C 424 0.45 -37.59 39.70
C ARG C 424 -0.36 -36.33 39.59
N THR C 425 0.32 -35.24 39.91
CA THR C 425 -0.23 -33.92 39.71
C THR C 425 0.73 -33.15 38.81
N ILE C 426 0.19 -32.47 37.78
CA ILE C 426 0.96 -31.48 37.03
C ILE C 426 0.34 -30.12 37.27
N TYR C 427 1.20 -29.18 37.63
CA TYR C 427 0.77 -27.82 37.95
C TYR C 427 0.89 -26.85 36.80
N PHE C 428 -0.25 -26.29 36.39
CA PHE C 428 -0.27 -25.25 35.38
C PHE C 428 -0.42 -23.91 36.08
N ILE C 429 0.67 -23.17 36.20
CA ILE C 429 0.59 -21.86 36.82
C ILE C 429 0.14 -20.91 35.72
N ILE C 430 -1.13 -20.58 35.70
CA ILE C 430 -1.65 -19.88 34.54
C ILE C 430 -1.99 -18.43 34.77
N ARG C 431 -1.93 -17.94 35.99
CA ARG C 431 -2.27 -16.54 36.18
C ARG C 431 -1.10 -15.74 36.68
N ASN C 432 -0.71 -16.00 37.93
CA ASN C 432 0.36 -15.27 38.56
C ASN C 432 1.60 -16.15 38.62
N PRO C 433 2.53 -15.99 37.67
CA PRO C 433 3.65 -16.91 37.48
C PRO C 433 4.68 -16.87 38.59
N PHE C 434 4.50 -15.99 39.57
CA PHE C 434 5.44 -15.92 40.68
C PHE C 434 5.26 -17.15 41.58
N ASP C 435 4.02 -17.63 41.67
CA ASP C 435 3.65 -18.81 42.43
C ASP C 435 4.47 -20.07 42.16
N ALA C 436 5.17 -20.15 41.05
CA ALA C 436 5.87 -21.40 40.72
C ALA C 436 6.99 -21.76 41.71
N LYS C 437 7.48 -20.76 42.44
CA LYS C 437 8.49 -21.00 43.47
C LYS C 437 7.94 -21.86 44.62
N PHE C 438 6.65 -21.72 44.93
CA PHE C 438 6.03 -22.45 46.03
C PHE C 438 5.61 -23.90 45.73
N PHE C 439 6.03 -24.42 44.59
CA PHE C 439 5.75 -25.81 44.18
C PHE C 439 7.10 -26.40 43.78
N PRO C 440 8.07 -26.35 44.69
CA PRO C 440 9.50 -26.55 44.39
C PRO C 440 9.88 -27.92 43.85
N GLY C 441 9.40 -28.98 44.47
CA GLY C 441 9.76 -30.31 44.03
C GLY C 441 8.81 -30.88 42.99
N ARG C 442 7.68 -30.22 42.80
CA ARG C 442 6.63 -30.70 41.91
C ARG C 442 6.83 -30.30 40.46
N SER C 443 6.12 -31.02 39.60
CA SER C 443 6.06 -30.75 38.16
C SER C 443 5.14 -29.58 37.80
N VAL C 444 5.75 -28.57 37.18
CA VAL C 444 5.08 -27.30 36.94
C VAL C 444 5.24 -26.83 35.51
N VAL C 445 4.12 -26.39 34.93
CA VAL C 445 4.13 -25.72 33.63
C VAL C 445 3.68 -24.29 33.84
N ILE C 446 4.47 -23.33 33.37
CA ILE C 446 4.11 -21.92 33.45
C ILE C 446 3.65 -21.36 32.09
N THR C 447 2.46 -20.77 32.03
CA THR C 447 1.94 -20.27 30.77
C THR C 447 2.10 -18.77 30.55
N HIS C 448 2.11 -18.02 31.63
CA HIS C 448 2.17 -16.56 31.57
C HIS C 448 0.92 -15.98 30.94
N SER C 449 -0.11 -16.79 30.79
CA SER C 449 -1.35 -16.32 30.21
C SER C 449 -2.47 -17.29 30.49
N THR C 450 -3.66 -16.75 30.69
CA THR C 450 -4.84 -17.55 30.89
C THR C 450 -5.58 -17.89 29.60
N LYS C 451 -5.07 -17.43 28.46
CA LYS C 451 -5.81 -17.56 27.21
C LYS C 451 -5.78 -18.98 26.70
N PRO C 452 -6.91 -19.45 26.16
CA PRO C 452 -7.04 -20.80 25.64
C PRO C 452 -5.90 -21.23 24.75
N ILE C 453 -5.39 -20.31 23.93
CA ILE C 453 -4.27 -20.62 23.05
C ILE C 453 -3.01 -20.94 23.86
N SER C 454 -2.91 -20.31 25.02
CA SER C 454 -1.77 -20.58 25.88
C SER C 454 -1.94 -21.97 26.48
N VAL C 455 -3.11 -22.19 27.07
CA VAL C 455 -3.45 -23.48 27.65
C VAL C 455 -3.26 -24.61 26.64
N TYR C 456 -3.76 -24.36 25.44
CA TYR C 456 -3.63 -25.25 24.31
C TYR C 456 -2.18 -25.57 24.03
N LYS C 457 -1.35 -24.53 23.92
CA LYS C 457 0.06 -24.73 23.61
C LYS C 457 0.83 -25.38 24.74
N SER C 458 0.34 -25.22 25.96
CA SER C 458 1.02 -25.84 27.09
C SER C 458 0.85 -27.35 27.01
N PHE C 459 -0.34 -27.80 26.62
CA PHE C 459 -0.55 -29.21 26.37
C PHE C 459 0.30 -29.74 25.22
N GLN C 460 0.57 -28.94 24.18
CA GLN C 460 1.34 -29.52 23.08
C GLN C 460 2.75 -29.95 23.42
N HIS C 461 3.50 -29.23 24.24
CA HIS C 461 4.81 -29.82 24.50
C HIS C 461 5.01 -30.06 25.98
N LEU C 462 3.88 -30.24 26.67
CA LEU C 462 3.84 -31.13 27.79
C LEU C 462 3.96 -32.54 27.20
N LEU C 463 3.22 -32.79 26.12
CA LEU C 463 3.27 -34.06 25.40
C LEU C 463 4.44 -34.10 24.44
N GLY C 464 5.11 -32.97 24.25
CA GLY C 464 6.24 -32.90 23.34
C GLY C 464 7.55 -32.65 24.07
N VAL D 3 -13.99 29.06 21.00
CA VAL D 3 -15.27 28.39 20.85
C VAL D 3 -15.13 26.92 20.44
N ASP D 4 -13.90 26.46 20.22
CA ASP D 4 -13.64 25.04 19.98
C ASP D 4 -12.87 24.41 21.15
N LEU D 5 -13.36 24.68 22.36
CA LEU D 5 -12.75 24.17 23.57
C LEU D 5 -12.94 22.67 23.64
N GLY D 6 -13.73 22.13 22.69
CA GLY D 6 -14.01 20.70 22.70
C GLY D 6 -12.80 19.88 22.33
N LYS D 7 -11.87 20.49 21.61
CA LYS D 7 -10.66 19.79 21.24
C LYS D 7 -9.77 19.41 22.45
N LEU D 8 -10.06 19.97 23.62
CA LEU D 8 -9.29 19.67 24.84
C LEU D 8 -9.97 18.56 25.64
N PHE D 9 -10.95 17.91 25.06
CA PHE D 9 -11.60 16.83 25.77
C PHE D 9 -11.58 15.51 24.98
N PHE D 10 -11.48 14.41 25.72
CA PHE D 10 -11.51 13.07 25.17
C PHE D 10 -12.54 12.31 25.98
N CYS D 11 -13.63 11.86 25.36
CA CYS D 11 -14.70 11.31 26.17
C CYS D 11 -14.93 9.82 25.94
N GLY D 12 -15.17 9.12 27.03
CA GLY D 12 -15.50 7.71 26.97
C GLY D 12 -17.01 7.61 26.84
N PHE D 13 -17.46 6.63 26.07
CA PHE D 13 -18.87 6.41 25.82
C PHE D 13 -19.24 4.98 26.12
N ASP D 14 -20.09 4.76 27.13
CA ASP D 14 -20.56 3.40 27.42
C ASP D 14 -21.93 3.20 26.78
N ASP D 15 -22.43 4.21 26.13
CA ASP D 15 -23.69 4.05 25.47
C ASP D 15 -23.72 5.02 24.34
N PHE D 16 -24.57 4.74 23.37
CA PHE D 16 -24.84 5.70 22.33
C PHE D 16 -26.34 5.85 22.28
N ASN D 17 -26.79 7.06 22.57
CA ASN D 17 -28.19 7.38 22.78
C ASN D 17 -28.35 8.85 22.49
N GLU D 18 -29.48 9.43 22.86
CA GLU D 18 -29.75 10.77 22.35
C GLU D 18 -28.99 11.80 23.14
N GLU D 19 -28.65 11.44 24.37
CA GLU D 19 -27.80 12.31 25.18
C GLU D 19 -26.39 12.36 24.61
N ALA D 20 -25.84 11.19 24.27
CA ALA D 20 -24.55 11.13 23.59
C ALA D 20 -24.57 12.02 22.34
N ARG D 21 -25.60 11.91 21.51
CA ARG D 21 -25.73 12.73 20.30
C ARG D 21 -25.76 14.22 20.60
N GLU D 22 -26.51 14.59 21.63
CA GLU D 22 -26.58 15.97 22.04
C GLU D 22 -25.24 16.47 22.51
N VAL D 23 -24.61 15.71 23.41
CA VAL D 23 -23.34 16.13 23.95
C VAL D 23 -22.33 16.29 22.83
N ILE D 24 -22.27 15.30 21.93
CA ILE D 24 -21.28 15.33 20.85
C ILE D 24 -21.56 16.49 19.95
N GLN D 25 -22.82 16.77 19.69
CA GLN D 25 -23.14 17.84 18.77
C GLN D 25 -22.99 19.22 19.39
N LYS D 26 -23.26 19.33 20.70
CA LYS D 26 -23.18 20.63 21.36
C LYS D 26 -21.77 21.07 21.71
N TYR D 27 -20.96 20.18 22.28
CA TYR D 27 -19.64 20.56 22.76
C TYR D 27 -18.52 20.17 21.81
N ARG D 28 -18.82 19.27 20.87
CA ARG D 28 -17.82 18.75 19.94
C ARG D 28 -16.49 18.29 20.56
N PRO D 29 -16.52 17.26 21.39
CA PRO D 29 -15.25 16.74 21.86
C PRO D 29 -14.42 16.20 20.71
N ALA D 30 -13.11 16.40 20.72
CA ALA D 30 -12.29 15.91 19.62
C ALA D 30 -12.00 14.41 19.78
N GLY D 31 -12.05 13.89 20.99
CA GLY D 31 -11.67 12.52 21.24
C GLY D 31 -12.85 11.69 21.65
N VAL D 32 -12.94 10.49 21.10
CA VAL D 32 -14.01 9.59 21.44
C VAL D 32 -13.42 8.26 21.83
N LEU D 33 -13.75 7.82 23.02
CA LEU D 33 -13.31 6.54 23.51
C LEU D 33 -14.54 5.65 23.62
N ILE D 34 -14.47 4.49 22.99
CA ILE D 34 -15.64 3.65 22.87
C ILE D 34 -15.53 2.50 23.85
N TYR D 35 -16.49 2.40 24.76
CA TYR D 35 -16.40 1.40 25.80
C TYR D 35 -17.20 0.15 25.44
N PRO D 36 -16.95 -0.96 26.14
CA PRO D 36 -17.71 -2.19 25.89
C PRO D 36 -19.24 -1.98 25.88
N GLY D 37 -19.73 -1.02 26.62
CA GLY D 37 -21.15 -0.71 26.60
C GLY D 37 -21.73 -0.51 25.21
N VAL D 38 -20.92 0.09 24.34
CA VAL D 38 -21.23 0.23 22.93
C VAL D 38 -20.67 -0.95 22.12
N LEU D 39 -19.43 -1.33 22.37
CA LEU D 39 -18.77 -2.35 21.57
C LEU D 39 -19.42 -3.71 21.61
N SER D 40 -19.99 -4.07 22.75
CA SER D 40 -20.63 -5.38 22.87
C SER D 40 -21.94 -5.44 22.09
N LYS D 41 -22.40 -4.29 21.60
CA LYS D 41 -23.57 -4.24 20.71
C LYS D 41 -23.21 -3.75 19.30
N GLU D 42 -22.89 -4.68 18.42
CA GLU D 42 -22.35 -4.30 17.12
C GLU D 42 -23.21 -3.31 16.34
N TYR D 43 -24.52 -3.48 16.37
CA TYR D 43 -25.39 -2.55 15.70
C TYR D 43 -25.20 -1.13 16.20
N LEU D 44 -25.00 -1.02 17.50
CA LEU D 44 -24.91 0.26 18.16
C LEU D 44 -23.59 0.93 17.80
N PHE D 45 -22.57 0.12 17.84
CA PHE D 45 -21.26 0.52 17.42
C PHE D 45 -21.26 1.05 15.97
N LEU D 46 -21.84 0.30 15.05
CA LEU D 46 -21.87 0.73 13.67
C LEU D 46 -22.65 2.04 13.47
N ASP D 47 -23.78 2.18 14.13
CA ASP D 47 -24.50 3.43 14.05
C ASP D 47 -23.68 4.54 14.67
N PHE D 48 -23.08 4.28 15.81
CA PHE D 48 -22.21 5.29 16.41
C PHE D 48 -21.08 5.71 15.43
N MET D 49 -20.43 4.74 14.80
CA MET D 49 -19.36 5.05 13.86
C MET D 49 -19.85 5.86 12.70
N ASN D 50 -21.01 5.49 12.16
CA ASN D 50 -21.64 6.23 11.09
C ASN D 50 -21.93 7.69 11.48
N PHE D 51 -22.48 7.86 12.67
CA PHE D 51 -22.76 9.17 13.20
C PHE D 51 -21.49 10.02 13.28
N LEU D 52 -20.41 9.42 13.73
CA LEU D 52 -19.19 10.17 13.90
C LEU D 52 -18.69 10.63 12.55
N SER D 53 -18.84 9.79 11.54
CA SER D 53 -18.40 10.17 10.21
C SER D 53 -19.22 11.36 9.67
N ARG D 54 -20.41 11.59 10.20
CA ARG D 54 -21.25 12.69 9.73
C ARG D 54 -21.09 13.94 10.62
N ASN D 55 -20.31 13.86 11.69
CA ASN D 55 -20.31 14.98 12.63
C ASN D 55 -18.93 15.58 12.87
N GLY D 56 -18.11 15.65 11.84
CA GLY D 56 -16.82 16.28 11.97
C GLY D 56 -15.69 15.30 12.25
N ARG D 57 -14.54 15.80 12.66
CA ARG D 57 -13.40 14.94 12.82
C ARG D 57 -13.15 14.59 14.30
N PHE D 58 -12.85 13.31 14.55
CA PHE D 58 -12.63 12.81 15.89
C PHE D 58 -11.38 11.95 15.96
N ILE D 59 -10.70 11.96 17.10
CA ILE D 59 -9.75 10.90 17.39
C ILE D 59 -10.50 9.78 18.08
N VAL D 60 -10.55 8.63 17.45
CA VAL D 60 -11.36 7.55 17.98
C VAL D 60 -10.49 6.41 18.49
N SER D 61 -10.74 6.06 19.73
CA SER D 61 -9.87 5.13 20.39
C SER D 61 -10.61 4.05 21.14
N SER D 62 -9.87 3.01 21.48
CA SER D 62 -10.34 1.98 22.35
C SER D 62 -9.24 1.65 23.34
N ASP D 63 -9.59 0.87 24.36
CA ASP D 63 -8.68 0.29 25.33
C ASP D 63 -8.23 -1.10 24.98
N HIS D 64 -8.20 -1.47 23.71
CA HIS D 64 -7.81 -2.82 23.37
C HIS D 64 -6.30 -3.11 23.44
N GLU D 65 -5.80 -3.52 24.61
CA GLU D 65 -4.37 -3.75 24.83
C GLU D 65 -3.89 -5.10 24.38
N GLY D 66 -4.81 -6.03 24.26
CA GLY D 66 -4.48 -7.44 24.13
C GLY D 66 -4.35 -8.06 25.52
N GLY D 67 -4.47 -9.38 25.57
CA GLY D 67 -4.39 -10.07 26.83
C GLY D 67 -5.55 -9.83 27.74
N GLN D 68 -5.22 -9.34 28.92
CA GLN D 68 -6.16 -9.21 29.98
C GLN D 68 -7.21 -8.17 29.68
N LEU D 69 -6.82 -7.11 29.00
CA LEU D 69 -7.80 -6.10 28.62
C LEU D 69 -8.14 -6.17 27.13
N GLU D 70 -9.25 -6.82 26.77
CA GLU D 70 -9.68 -6.89 25.37
C GLU D 70 -11.13 -6.43 25.21
N VAL D 71 -11.38 -5.55 24.26
CA VAL D 71 -12.73 -5.03 24.09
C VAL D 71 -13.23 -5.10 22.66
N LEU D 72 -12.36 -5.39 21.73
CA LEU D 72 -12.73 -5.51 20.33
C LEU D 72 -12.71 -6.96 19.86
N LYS D 73 -13.86 -7.55 19.56
CA LYS D 73 -13.87 -8.93 19.09
C LYS D 73 -13.24 -9.12 17.73
N TYR D 74 -13.09 -8.03 16.98
CA TYR D 74 -12.53 -8.07 15.65
C TYR D 74 -11.03 -8.38 15.65
N VAL D 75 -10.38 -8.18 16.79
CA VAL D 75 -8.96 -8.49 16.92
C VAL D 75 -8.82 -9.78 17.67
N PRO D 76 -8.16 -10.77 17.09
CA PRO D 76 -7.95 -12.05 17.76
C PRO D 76 -7.26 -11.89 19.10
N SER D 77 -7.58 -12.75 20.06
CA SER D 77 -7.01 -12.63 21.42
C SER D 77 -5.55 -12.89 21.44
N PHE D 78 -4.89 -12.18 22.32
CA PHE D 78 -3.46 -12.23 22.47
C PHE D 78 -3.17 -12.65 23.89
N PRO D 79 -2.20 -13.56 24.08
CA PRO D 79 -1.80 -13.94 25.44
C PRO D 79 -1.52 -12.75 26.37
N GLY D 80 -0.98 -11.64 25.85
CA GLY D 80 -0.79 -10.43 26.62
C GLY D 80 0.66 -9.99 26.76
N ASN D 81 0.88 -8.86 27.40
CA ASN D 81 2.23 -8.34 27.51
C ASN D 81 3.22 -9.26 28.25
N LEU D 82 2.77 -9.87 29.35
CA LEU D 82 3.65 -10.67 30.19
C LEU D 82 4.20 -11.84 29.41
N ALA D 83 3.36 -12.51 28.63
CA ALA D 83 3.83 -13.55 27.75
C ALA D 83 4.71 -12.99 26.61
N ALA D 84 4.33 -11.87 26.01
CA ALA D 84 5.11 -11.29 24.94
C ALA D 84 6.50 -10.94 25.42
N GLY D 85 6.56 -10.40 26.63
CA GLY D 85 7.82 -10.08 27.27
C GLY D 85 8.83 -11.21 27.28
N LYS D 86 8.34 -12.44 27.34
CA LYS D 86 9.16 -13.63 27.34
C LYS D 86 9.69 -14.01 25.97
N VAL D 87 9.20 -13.35 24.94
CA VAL D 87 9.39 -13.78 23.57
C VAL D 87 10.12 -12.71 22.76
N ASP D 88 10.81 -13.10 21.70
CA ASP D 88 11.42 -12.19 20.71
C ASP D 88 10.47 -10.98 20.46
N PRO D 89 10.97 -9.77 20.74
CA PRO D 89 10.12 -8.58 20.68
C PRO D 89 9.51 -8.31 19.30
N VAL D 90 10.08 -8.86 18.24
CA VAL D 90 9.52 -8.75 16.91
C VAL D 90 8.08 -9.29 16.88
N PHE D 91 7.77 -10.30 17.68
CA PHE D 91 6.41 -10.81 17.73
C PHE D 91 5.44 -9.81 18.31
N THR D 92 5.90 -8.91 19.15
CA THR D 92 5.04 -7.89 19.71
C THR D 92 4.70 -6.85 18.64
N GLY D 93 5.68 -6.52 17.80
CA GLY D 93 5.51 -5.59 16.70
C GLY D 93 4.52 -6.10 15.68
N ARG D 94 4.61 -7.39 15.34
CA ARG D 94 3.71 -8.00 14.40
C ARG D 94 2.30 -8.05 14.98
N TYR D 95 2.15 -8.41 16.26
CA TYR D 95 0.82 -8.47 16.86
C TYR D 95 0.17 -7.09 16.78
N CYS D 96 0.90 -6.05 17.13
CA CYS D 96 0.34 -4.73 17.15
C CYS D 96 0.04 -4.17 15.76
N GLU D 97 0.80 -4.58 14.75
CA GLU D 97 0.51 -4.21 13.38
C GLU D 97 -0.81 -4.85 12.94
N MET D 98 -0.97 -6.13 13.23
CA MET D 98 -2.19 -6.83 12.99
C MET D 98 -3.35 -6.18 13.73
N ALA D 99 -3.18 -5.88 15.01
CA ALA D 99 -4.29 -5.30 15.75
C ALA D 99 -4.64 -3.91 15.21
N GLY D 100 -3.59 -3.10 15.03
CA GLY D 100 -3.72 -1.75 14.55
C GLY D 100 -4.36 -1.68 13.19
N ARG D 101 -3.98 -2.57 12.29
CA ARG D 101 -4.53 -2.64 10.97
C ARG D 101 -6.01 -2.94 10.96
N ILE D 102 -6.41 -3.96 11.70
CA ILE D 102 -7.80 -4.28 11.87
C ILE D 102 -8.55 -3.07 12.45
N MET D 103 -7.99 -2.43 13.45
CA MET D 103 -8.61 -1.27 14.10
C MET D 103 -8.81 -0.10 13.16
N ASN D 104 -7.82 0.10 12.30
CA ASN D 104 -7.81 1.18 11.34
C ASN D 104 -8.91 0.93 10.28
N THR D 105 -9.08 -0.30 9.87
CA THR D 105 -10.14 -0.69 8.97
C THR D 105 -11.53 -0.43 9.58
N LEU D 106 -11.69 -0.65 10.87
CA LEU D 106 -12.96 -0.36 11.50
C LEU D 106 -13.21 1.11 11.65
N GLY D 107 -12.17 1.93 11.66
CA GLY D 107 -12.42 3.33 11.89
C GLY D 107 -11.78 3.94 13.11
N PHE D 108 -11.07 3.14 13.90
CA PHE D 108 -10.28 3.68 15.00
C PHE D 108 -9.02 4.38 14.49
N ASN D 109 -8.57 5.41 15.18
CA ASN D 109 -7.38 6.11 14.79
C ASN D 109 -6.31 6.13 15.90
N MET D 110 -6.65 5.56 17.04
CA MET D 110 -5.77 5.52 18.19
C MET D 110 -6.09 4.32 19.08
N VAL D 111 -5.08 3.79 19.75
CA VAL D 111 -5.28 2.77 20.79
C VAL D 111 -4.58 3.25 22.07
N PHE D 112 -5.20 3.03 23.23
CA PHE D 112 -4.56 3.36 24.50
C PHE D 112 -3.69 2.18 24.93
N ALA D 113 -2.57 2.03 24.23
CA ALA D 113 -1.57 0.99 24.43
C ALA D 113 -0.31 1.45 23.69
N PRO D 114 0.86 0.87 23.99
CA PRO D 114 1.12 -0.17 24.98
C PRO D 114 1.21 0.36 26.36
N VAL D 115 0.98 -0.52 27.30
CA VAL D 115 1.36 -0.30 28.67
C VAL D 115 2.90 -0.42 28.81
N LEU D 116 3.56 0.60 29.34
CA LEU D 116 5.01 0.53 29.51
C LEU D 116 5.45 0.40 30.98
N ASP D 117 4.51 0.20 31.88
CA ASP D 117 4.81 0.09 33.29
C ASP D 117 5.61 -1.16 33.60
N LEU D 118 6.53 -1.06 34.54
CA LEU D 118 7.31 -2.22 34.94
C LEU D 118 6.48 -3.10 35.88
N LEU D 119 6.70 -4.39 35.84
CA LEU D 119 6.04 -5.32 36.73
C LEU D 119 6.75 -5.32 38.06
N SER D 120 6.03 -5.09 39.15
CA SER D 120 6.65 -5.30 40.48
C SER D 120 7.06 -6.75 40.63
N ASP D 128 -1.00 -6.14 35.58
CA ASP D 128 -0.67 -7.36 36.32
C ASP D 128 -0.21 -8.45 35.35
N LEU D 129 -1.01 -8.71 34.33
CA LEU D 129 -0.55 -9.44 33.16
C LEU D 129 -0.26 -8.40 32.08
N ARG D 130 -0.56 -7.15 32.38
CA ARG D 130 -0.56 -6.10 31.39
C ARG D 130 0.81 -5.47 31.13
N SER D 131 1.82 -5.89 31.87
CA SER D 131 3.14 -5.32 31.73
C SER D 131 4.05 -6.30 31.01
N PHE D 132 4.98 -5.76 30.23
CA PHE D 132 5.94 -6.60 29.52
C PHE D 132 6.98 -7.28 30.46
N GLY D 133 7.17 -6.72 31.67
CA GLY D 133 8.12 -7.31 32.62
C GLY D 133 8.72 -6.51 33.76
N SER D 134 9.67 -7.11 34.47
CA SER D 134 10.40 -6.41 35.55
C SER D 134 11.54 -5.61 34.98
N ASP D 135 12.20 -6.22 34.02
CA ASP D 135 13.41 -5.70 33.44
C ASP D 135 13.15 -4.47 32.53
N PRO D 136 13.69 -3.30 32.91
CA PRO D 136 13.41 -2.11 32.13
C PRO D 136 13.84 -2.21 30.66
N GLU D 137 14.88 -2.99 30.35
CA GLU D 137 15.31 -3.17 28.96
C GLU D 137 14.30 -4.01 28.14
N VAL D 138 13.78 -5.08 28.73
CA VAL D 138 12.76 -5.89 28.08
C VAL D 138 11.51 -5.10 27.76
N VAL D 139 11.08 -4.27 28.71
CA VAL D 139 9.92 -3.46 28.50
C VAL D 139 10.20 -2.42 27.42
N ALA D 140 11.41 -1.88 27.39
CA ALA D 140 11.72 -0.83 26.46
C ALA D 140 11.73 -1.37 25.03
N SER D 141 12.28 -2.56 24.82
CA SER D 141 12.35 -3.06 23.46
C SER D 141 10.96 -3.52 22.98
N HIS D 142 10.15 -4.07 23.87
CA HIS D 142 8.83 -4.49 23.51
C HIS D 142 7.91 -3.31 23.31
N GLY D 143 8.09 -2.30 24.15
CA GLY D 143 7.36 -1.07 24.01
C GLY D 143 7.65 -0.40 22.68
N MET D 144 8.91 -0.47 22.25
CA MET D 144 9.33 0.13 21.01
C MET D 144 8.71 -0.58 19.80
N GLU D 145 8.74 -1.91 19.78
CA GLU D 145 8.16 -2.70 18.73
C GLU D 145 6.64 -2.51 18.66
N ALA D 146 6.04 -2.43 19.84
CA ALA D 146 4.63 -2.21 19.95
C ALA D 146 4.23 -0.85 19.39
N CYS D 147 4.91 0.22 19.76
CA CYS D 147 4.54 1.50 19.18
C CYS D 147 4.64 1.53 17.68
N MET D 148 5.67 0.89 17.17
CA MET D 148 5.99 0.85 15.77
C MET D 148 4.96 0.07 14.98
N GLY D 149 4.56 -1.07 15.52
CA GLY D 149 3.59 -1.93 14.90
C GLY D 149 2.26 -1.27 14.80
N TYR D 150 1.80 -0.68 15.89
CA TYR D 150 0.52 0.01 15.91
C TYR D 150 0.50 1.07 14.84
N PHE D 151 1.56 1.86 14.77
CA PHE D 151 1.64 2.94 13.82
C PHE D 151 1.59 2.40 12.38
N LYS D 152 2.34 1.35 12.13
CA LYS D 152 2.38 0.76 10.81
C LYS D 152 1.01 0.23 10.43
N GLY D 153 0.29 -0.33 11.39
CA GLY D 153 -1.03 -0.84 11.18
C GLY D 153 -2.06 0.24 10.94
N GLY D 154 -1.80 1.47 11.36
CA GLY D 154 -2.73 2.54 11.11
C GLY D 154 -3.39 3.26 12.29
N VAL D 155 -2.93 3.04 13.50
CA VAL D 155 -3.47 3.81 14.63
C VAL D 155 -2.34 4.41 15.41
N ILE D 156 -2.53 5.60 15.95
CA ILE D 156 -1.50 6.23 16.76
C ILE D 156 -1.49 5.63 18.16
N PRO D 157 -0.34 5.12 18.60
CA PRO D 157 -0.32 4.60 19.96
C PRO D 157 -0.27 5.70 21.02
N CYS D 158 -0.75 5.35 22.20
CA CYS D 158 -0.74 6.25 23.34
C CYS D 158 -0.21 5.46 24.48
N ILE D 159 1.04 5.70 24.80
CA ILE D 159 1.77 4.96 25.80
C ILE D 159 1.35 5.41 27.19
N LYS D 160 1.34 4.48 28.14
CA LYS D 160 0.80 4.77 29.45
C LYS D 160 1.48 3.94 30.56
N HIS D 161 1.49 4.41 31.81
CA HIS D 161 1.14 5.80 32.19
C HIS D 161 2.37 6.60 32.69
N PHE D 162 2.68 7.71 32.06
CA PHE D 162 3.88 8.46 32.38
C PHE D 162 3.80 9.00 33.81
N PRO D 163 4.90 8.95 34.57
CA PRO D 163 6.24 8.50 34.23
C PRO D 163 6.52 7.04 34.58
N GLY D 164 5.48 6.24 34.81
CA GLY D 164 5.65 4.84 35.13
C GLY D 164 5.24 4.66 36.56
N HIS D 165 4.45 3.63 36.85
CA HIS D 165 3.93 3.52 38.21
C HIS D 165 3.78 2.10 38.66
N GLY D 166 4.64 1.23 38.15
CA GLY D 166 4.69 -0.14 38.57
C GLY D 166 5.24 -0.34 39.97
N LYS D 167 5.76 0.72 40.58
CA LYS D 167 6.46 0.59 41.85
C LYS D 167 5.47 0.53 43.02
N THR D 168 4.22 0.86 42.78
CA THR D 168 3.21 0.80 43.83
C THR D 168 2.07 -0.13 43.50
N ALA D 169 1.55 -0.82 44.51
CA ALA D 169 0.47 -1.76 44.33
C ALA D 169 -0.90 -1.08 44.31
N ASP D 170 -0.95 0.19 44.71
CA ASP D 170 -2.24 0.85 44.84
C ASP D 170 -2.85 1.29 43.52
N ASP D 171 -4.17 1.24 43.43
CA ASP D 171 -4.88 1.55 42.19
C ASP D 171 -5.55 2.90 42.27
N SER D 172 -5.39 3.70 41.22
CA SER D 172 -5.84 5.07 41.23
C SER D 172 -7.35 5.22 41.12
N HIS D 173 -8.06 4.10 40.93
CA HIS D 173 -9.52 4.16 40.93
C HIS D 173 -10.05 4.22 42.37
N TYR D 174 -9.17 3.95 43.33
CA TYR D 174 -9.54 3.95 44.73
C TYR D 174 -8.95 5.11 45.52
N LEU D 175 -7.66 5.34 45.35
CA LEU D 175 -6.93 6.37 46.09
C LEU D 175 -5.82 7.01 45.26
N LEU D 176 -5.15 8.03 45.78
CA LEU D 176 -3.97 8.55 45.10
C LEU D 176 -2.71 7.82 45.57
N PRO D 177 -2.12 6.99 44.69
CA PRO D 177 -0.94 6.18 45.04
C PRO D 177 0.34 6.99 45.08
N THR D 178 1.38 6.41 45.66
CA THR D 178 2.61 7.13 45.87
C THR D 178 3.79 6.29 45.42
N VAL D 179 4.70 6.86 44.65
CA VAL D 179 5.95 6.19 44.35
C VAL D 179 7.10 6.99 44.90
N ASN D 180 7.90 6.39 45.77
CA ASN D 180 8.95 7.11 46.46
C ASN D 180 10.32 7.03 45.87
N ALA D 181 10.52 6.24 44.85
CA ALA D 181 11.84 6.12 44.25
C ALA D 181 12.35 7.50 43.90
N SER D 182 13.65 7.68 43.94
CA SER D 182 14.23 8.96 43.54
C SER D 182 14.14 9.13 42.02
N PHE D 183 14.32 10.35 41.56
CA PHE D 183 14.32 10.61 40.15
C PHE D 183 15.40 9.81 39.41
N GLU D 184 16.55 9.60 40.02
CA GLU D 184 17.62 8.84 39.41
C GLU D 184 17.26 7.38 39.30
N GLU D 185 16.58 6.82 40.30
CA GLU D 185 16.16 5.45 40.15
C GLU D 185 15.08 5.41 39.03
N LEU D 186 14.13 6.34 39.05
CA LEU D 186 13.11 6.43 38.02
C LEU D 186 13.70 6.51 36.59
N TRP D 187 14.68 7.38 36.40
CA TRP D 187 15.31 7.58 35.13
C TRP D 187 15.92 6.29 34.59
N ARG D 188 16.64 5.61 35.44
CA ARG D 188 17.33 4.39 35.04
C ARG D 188 16.32 3.29 34.74
N GLU D 189 15.16 3.38 35.37
CA GLU D 189 14.27 2.22 35.35
C GLU D 189 12.95 2.51 34.67
N ASP D 190 12.01 3.11 35.40
CA ASP D 190 10.62 3.26 34.94
C ASP D 190 10.56 4.10 33.68
N LEU D 191 11.44 5.07 33.58
CA LEU D 191 11.41 5.97 32.49
C LEU D 191 12.13 5.39 31.30
N LEU D 192 12.88 4.32 31.49
CA LEU D 192 13.68 3.80 30.39
C LEU D 192 12.79 3.48 29.14
N PRO D 193 11.68 2.76 29.30
CA PRO D 193 10.89 2.53 28.08
C PRO D 193 10.21 3.77 27.46
N PHE D 194 9.78 4.74 28.25
CA PHE D 194 9.35 6.01 27.68
C PHE D 194 10.49 6.72 26.95
N ARG D 195 11.68 6.69 27.53
CA ARG D 195 12.83 7.31 26.91
C ARG D 195 13.16 6.65 25.57
N ARG D 196 12.98 5.34 25.47
CA ARG D 196 13.23 4.63 24.22
C ARG D 196 12.31 5.13 23.10
N ILE D 197 11.06 5.40 23.43
CA ILE D 197 10.09 5.82 22.44
C ILE D 197 10.38 7.27 22.00
N PHE D 198 10.65 8.13 22.97
CA PHE D 198 10.97 9.53 22.74
C PHE D 198 12.25 9.73 21.98
N GLN D 199 13.20 8.82 22.07
CA GLN D 199 14.38 8.97 21.27
C GLN D 199 14.21 8.49 19.85
N SER D 200 13.16 7.73 19.59
CA SER D 200 12.92 7.26 18.23
C SER D 200 12.14 8.35 17.51
N ARG D 201 11.68 8.08 16.29
CA ARG D 201 10.81 9.03 15.60
C ARG D 201 9.40 8.52 15.39
N VAL D 202 8.93 7.54 16.15
CA VAL D 202 7.57 7.07 15.98
C VAL D 202 6.60 8.05 16.58
N LYS D 203 5.56 8.37 15.84
CA LYS D 203 4.52 9.23 16.34
C LYS D 203 3.73 8.52 17.43
N THR D 204 3.57 9.18 18.57
CA THR D 204 2.91 8.61 19.72
C THR D 204 2.19 9.69 20.52
N ALA D 205 1.19 9.27 21.27
CA ALA D 205 0.64 10.11 22.34
C ALA D 205 1.07 9.59 23.70
N VAL D 206 0.92 10.41 24.72
CA VAL D 206 1.29 10.04 26.07
C VAL D 206 0.15 10.33 27.06
N MET D 207 -0.20 9.35 27.86
CA MET D 207 -1.18 9.54 28.92
C MET D 207 -0.47 9.58 30.30
N THR D 208 -0.87 10.53 31.16
CA THR D 208 -0.26 10.69 32.47
C THR D 208 -0.80 9.71 33.51
N ALA D 209 -0.03 9.47 34.56
CA ALA D 209 -0.49 8.68 35.69
C ALA D 209 -1.05 9.58 36.78
N HIS D 210 -2.17 9.21 37.36
CA HIS D 210 -2.61 9.89 38.57
C HIS D 210 -1.80 9.38 39.77
N VAL D 211 -0.49 9.67 39.80
CA VAL D 211 0.38 9.15 40.85
C VAL D 211 1.32 10.25 41.33
N LYS D 212 1.57 10.25 42.64
CA LYS D 212 2.41 11.23 43.29
C LYS D 212 3.84 10.70 43.34
N TYR D 213 4.81 11.52 42.97
CA TYR D 213 6.22 11.15 43.03
C TYR D 213 6.95 12.18 43.87
N PRO D 214 6.86 12.02 45.19
CA PRO D 214 7.20 13.06 46.17
C PRO D 214 8.64 13.55 46.04
N ALA D 215 9.53 12.70 45.54
CA ALA D 215 10.89 13.11 45.28
C ALA D 215 10.98 14.04 44.11
N VAL D 216 9.88 14.24 43.39
CA VAL D 216 9.93 15.09 42.21
C VAL D 216 8.98 16.25 42.39
N ASP D 217 7.80 15.97 42.93
CA ASP D 217 6.76 16.97 43.15
C ASP D 217 5.68 16.43 44.07
N ASP D 218 4.96 17.34 44.72
CA ASP D 218 3.91 16.94 45.65
C ASP D 218 2.62 16.61 44.91
N LEU D 219 2.49 17.07 43.67
CA LEU D 219 1.28 16.82 42.89
C LEU D 219 1.32 15.46 42.18
N PRO D 220 0.15 14.88 41.87
CA PRO D 220 0.10 13.72 40.98
C PRO D 220 0.66 14.11 39.62
N ALA D 221 1.26 13.17 38.91
CA ALA D 221 1.89 13.50 37.64
C ALA D 221 0.90 14.20 36.70
N THR D 222 -0.32 13.71 36.69
CA THR D 222 -1.37 14.27 35.86
C THR D 222 -1.47 15.76 36.07
N LEU D 223 -1.26 16.21 37.30
CA LEU D 223 -1.40 17.61 37.63
C LEU D 223 -0.10 18.35 37.85
N SER D 224 1.02 17.74 37.49
CA SER D 224 2.34 18.23 37.90
C SER D 224 3.13 18.92 36.80
N LYS D 225 3.32 20.22 36.94
CA LYS D 225 4.07 20.98 35.96
C LYS D 225 5.53 20.56 35.88
N LYS D 226 6.10 20.12 36.99
CA LYS D 226 7.48 19.66 36.93
C LYS D 226 7.57 18.40 36.08
N LEU D 227 6.65 17.46 36.27
CA LEU D 227 6.69 16.22 35.49
C LEU D 227 6.32 16.39 34.03
N ILE D 228 5.31 17.18 33.70
CA ILE D 228 4.89 17.23 32.32
C ILE D 228 5.71 18.24 31.52
N THR D 229 5.94 19.41 32.10
CA THR D 229 6.71 20.43 31.39
C THR D 229 8.23 20.27 31.54
N GLU D 230 8.73 20.13 32.76
CA GLU D 230 10.17 20.12 32.95
C GLU D 230 10.76 18.76 32.59
N VAL D 231 10.05 17.67 32.87
CA VAL D 231 10.55 16.35 32.46
C VAL D 231 10.05 15.86 31.09
N LEU D 232 8.75 15.82 30.87
CA LEU D 232 8.26 15.24 29.62
C LEU D 232 8.53 16.13 28.41
N ARG D 233 8.15 17.40 28.50
CA ARG D 233 8.35 18.37 27.43
C ARG D 233 9.79 18.81 27.27
N GLU D 234 10.45 19.23 28.36
CA GLU D 234 11.78 19.85 28.27
C GLU D 234 12.86 18.80 28.21
N LYS D 235 12.99 18.02 29.27
CA LYS D 235 14.10 17.07 29.36
C LYS D 235 14.00 15.89 28.41
N LEU D 236 12.81 15.35 28.24
CA LEU D 236 12.65 14.23 27.33
C LEU D 236 12.31 14.70 25.91
N ASN D 237 12.04 16.00 25.76
CA ASN D 237 11.89 16.58 24.42
C ASN D 237 10.68 16.02 23.69
N PHE D 238 9.60 15.77 24.41
CA PHE D 238 8.42 15.25 23.77
C PHE D 238 7.51 16.39 23.35
N LYS D 239 7.22 16.47 22.05
CA LYS D 239 6.50 17.60 21.52
C LYS D 239 5.03 17.28 21.24
N GLY D 240 4.66 16.04 21.46
CA GLY D 240 3.37 15.54 21.05
C GLY D 240 2.18 15.68 21.98
N LEU D 241 1.17 14.88 21.70
CA LEU D 241 -0.07 14.99 22.40
C LEU D 241 -0.01 14.33 23.79
N VAL D 242 -0.42 15.07 24.81
CA VAL D 242 -0.45 14.57 26.18
C VAL D 242 -1.89 14.45 26.75
N LEU D 243 -2.25 13.25 27.14
CA LEU D 243 -3.57 12.98 27.69
C LEU D 243 -3.54 12.77 29.19
N SER D 244 -4.56 13.21 29.89
CA SER D 244 -4.73 12.82 31.26
C SER D 244 -5.30 11.40 31.31
N ASP D 245 -5.10 10.69 32.39
CA ASP D 245 -5.93 9.53 32.66
C ASP D 245 -7.31 10.07 33.07
N ALA D 246 -8.28 9.22 33.32
CA ALA D 246 -9.65 9.75 33.50
C ALA D 246 -9.81 10.63 34.76
N MET D 247 -10.18 11.88 34.58
CA MET D 247 -10.20 12.86 35.68
C MET D 247 -11.16 12.53 36.81
N GLU D 248 -12.18 11.73 36.55
CA GLU D 248 -13.16 11.40 37.58
C GLU D 248 -12.62 10.37 38.57
N MET D 249 -11.47 9.80 38.24
CA MET D 249 -10.90 8.74 39.02
C MET D 249 -10.58 9.24 40.45
N LYS D 250 -10.78 8.35 41.42
CA LYS D 250 -10.73 8.73 42.83
C LYS D 250 -9.47 9.51 43.15
N ALA D 251 -8.36 9.06 42.59
CA ALA D 251 -7.07 9.69 42.82
C ALA D 251 -7.10 11.18 42.55
N ILE D 252 -7.88 11.64 41.59
CA ILE D 252 -7.96 13.07 41.38
C ILE D 252 -9.12 13.70 42.13
N SER D 253 -10.30 13.10 41.99
CA SER D 253 -11.54 13.75 42.43
C SER D 253 -11.70 13.85 43.96
N GLU D 254 -11.17 12.89 44.71
CA GLU D 254 -11.24 12.98 46.17
C GLU D 254 -10.12 13.78 46.77
N ASN D 255 -9.30 14.42 45.95
CA ASN D 255 -8.17 15.16 46.48
C ASN D 255 -8.08 16.49 45.77
N PHE D 256 -8.90 16.64 44.74
CA PHE D 256 -8.95 17.86 43.98
C PHE D 256 -10.36 18.09 43.48
N SER D 257 -10.67 19.35 43.21
CA SER D 257 -11.93 19.75 42.63
C SER D 257 -11.84 19.66 41.12
N VAL D 258 -13.00 19.60 40.45
CA VAL D 258 -13.04 19.64 38.99
C VAL D 258 -12.30 20.85 38.48
N GLU D 259 -12.46 21.96 39.16
CA GLU D 259 -11.81 23.16 38.68
C GLU D 259 -10.31 23.14 39.02
N GLU D 260 -9.91 22.51 40.13
CA GLU D 260 -8.47 22.41 40.42
C GLU D 260 -7.82 21.47 39.41
N ALA D 261 -8.54 20.41 39.05
CA ALA D 261 -8.01 19.40 38.13
C ALA D 261 -7.76 19.93 36.74
N VAL D 262 -8.71 20.69 36.22
CA VAL D 262 -8.57 21.25 34.88
C VAL D 262 -7.45 22.26 34.83
N ARG D 263 -7.43 23.13 35.82
CA ARG D 263 -6.42 24.18 35.88
C ARG D 263 -5.01 23.63 35.94
N PHE D 264 -4.75 22.80 36.94
CA PHE D 264 -3.40 22.31 37.16
C PHE D 264 -2.91 21.63 35.91
N PHE D 265 -3.77 20.78 35.34
CA PHE D 265 -3.43 19.93 34.19
C PHE D 265 -3.07 20.71 32.94
N ILE D 266 -3.86 21.72 32.65
CA ILE D 266 -3.65 22.53 31.47
C ILE D 266 -2.42 23.41 31.64
N GLU D 267 -2.27 23.94 32.84
CA GLU D 267 -1.13 24.78 33.17
C GLU D 267 0.16 23.97 33.16
N ALA D 268 0.05 22.69 33.50
CA ALA D 268 1.19 21.80 33.59
C ALA D 268 1.81 21.43 32.25
N GLY D 269 1.08 21.67 31.16
CA GLY D 269 1.54 21.32 29.83
C GLY D 269 0.76 20.21 29.14
N GLY D 270 -0.26 19.67 29.81
CA GLY D 270 -1.09 18.62 29.23
C GLY D 270 -2.11 19.12 28.23
N ASN D 271 -2.51 18.29 27.29
CA ASN D 271 -3.33 18.77 26.17
C ASN D 271 -4.76 18.32 26.17
N MET D 272 -5.01 17.07 26.48
CA MET D 272 -6.36 16.58 26.40
C MET D 272 -6.81 15.92 27.67
N ILE D 273 -7.95 16.36 28.15
CA ILE D 273 -8.54 15.82 29.34
C ILE D 273 -9.40 14.62 29.01
N LEU D 274 -9.05 13.46 29.54
CA LEU D 274 -9.84 12.27 29.39
C LEU D 274 -10.94 12.23 30.44
N LEU D 275 -12.20 12.13 30.01
CA LEU D 275 -13.30 11.83 30.94
C LEU D 275 -13.81 10.42 30.69
N ASP D 276 -13.95 9.62 31.74
CA ASP D 276 -14.43 8.26 31.54
C ASP D 276 -15.96 8.16 31.39
N ASN D 277 -16.62 9.32 31.41
CA ASN D 277 -18.06 9.44 31.24
C ASN D 277 -18.44 10.68 30.46
N PHE D 278 -18.99 10.53 29.26
CA PHE D 278 -19.29 11.69 28.44
C PHE D 278 -20.32 12.64 29.07
N ARG D 279 -21.11 12.11 29.99
CA ARG D 279 -22.15 12.91 30.63
C ARG D 279 -21.52 13.95 31.55
N ASP D 280 -20.29 13.72 31.98
CA ASP D 280 -19.54 14.67 32.79
C ASP D 280 -18.96 15.79 31.97
N LEU D 281 -19.02 15.70 30.65
CA LEU D 281 -18.40 16.73 29.84
C LEU D 281 -18.94 18.14 30.12
N PRO D 282 -20.28 18.34 30.24
CA PRO D 282 -20.74 19.72 30.44
C PRO D 282 -20.16 20.37 31.71
N VAL D 283 -20.10 19.62 32.81
CA VAL D 283 -19.48 20.17 34.01
C VAL D 283 -18.04 20.59 33.73
N TYR D 284 -17.25 19.68 33.16
CA TYR D 284 -15.84 19.95 32.89
C TYR D 284 -15.62 20.98 31.78
N TYR D 285 -16.47 20.97 30.76
CA TYR D 285 -16.33 21.92 29.68
C TYR D 285 -16.51 23.35 30.17
N GLU D 286 -17.54 23.58 30.99
CA GLU D 286 -17.86 24.93 31.41
C GLU D 286 -16.88 25.42 32.46
N SER D 287 -16.44 24.49 33.30
CA SER D 287 -15.39 24.76 34.26
C SER D 287 -14.11 25.26 33.57
N LEU D 288 -13.75 24.63 32.47
CA LEU D 288 -12.61 25.07 31.68
C LEU D 288 -12.89 26.44 31.08
N LYS D 289 -14.13 26.68 30.69
CA LYS D 289 -14.49 27.94 30.08
C LYS D 289 -14.36 29.12 31.04
N LYS D 290 -14.87 28.94 32.27
CA LYS D 290 -14.81 29.96 33.31
C LYS D 290 -13.37 30.34 33.57
N LEU D 291 -12.52 29.33 33.79
CA LEU D 291 -11.09 29.54 34.06
C LEU D 291 -10.31 30.21 32.93
N ILE D 292 -10.85 30.19 31.72
CA ILE D 292 -10.20 30.89 30.63
C ILE D 292 -10.70 32.32 30.66
N GLU D 293 -11.93 32.48 31.15
CA GLU D 293 -12.59 33.77 31.14
C GLU D 293 -12.17 34.67 32.27
N ASP D 294 -11.93 34.08 33.44
CA ASP D 294 -11.48 34.87 34.57
C ASP D 294 -9.96 35.02 34.59
N GLY D 295 -9.29 34.50 33.57
CA GLY D 295 -7.86 34.71 33.42
C GLY D 295 -6.94 33.71 34.08
N SER D 296 -7.50 32.72 34.78
CA SER D 296 -6.70 31.73 35.52
C SER D 296 -5.89 30.77 34.66
N ILE D 297 -6.19 30.69 33.38
CA ILE D 297 -5.42 29.83 32.50
C ILE D 297 -4.87 30.61 31.31
N GLU D 298 -3.55 30.58 31.15
CA GLU D 298 -2.90 31.23 30.03
C GLU D 298 -3.48 30.68 28.75
N ARG D 299 -4.05 31.51 27.90
CA ARG D 299 -4.60 30.99 26.65
C ARG D 299 -3.48 30.52 25.69
N GLY D 300 -2.26 31.02 25.86
CA GLY D 300 -1.17 30.56 25.00
C GLY D 300 -1.11 29.04 25.08
N LYS D 301 -1.40 28.51 26.27
CA LYS D 301 -1.38 27.08 26.52
C LYS D 301 -2.58 26.41 25.89
N VAL D 302 -3.74 27.06 26.00
CA VAL D 302 -4.93 26.54 25.37
C VAL D 302 -4.81 26.50 23.85
N GLU D 303 -4.29 27.56 23.25
CA GLU D 303 -4.11 27.56 21.82
C GLU D 303 -3.14 26.48 21.38
N ARG D 304 -2.02 26.34 22.08
CA ARG D 304 -0.98 25.41 21.68
C ARG D 304 -1.50 23.97 21.68
N SER D 305 -2.50 23.72 22.52
CA SER D 305 -3.14 22.42 22.63
C SER D 305 -4.08 22.18 21.48
N ILE D 306 -4.90 23.16 21.18
CA ILE D 306 -5.77 23.06 20.01
C ILE D 306 -4.90 22.86 18.77
N LYS D 307 -3.75 23.53 18.70
CA LYS D 307 -2.88 23.33 17.58
C LYS D 307 -2.46 21.86 17.47
N ILE D 308 -2.06 21.26 18.58
CA ILE D 308 -1.62 19.87 18.58
C ILE D 308 -2.73 18.90 18.18
N VAL D 309 -3.90 19.05 18.78
CA VAL D 309 -5.04 18.20 18.48
C VAL D 309 -5.43 18.31 17.01
N ASP D 310 -5.40 19.52 16.46
CA ASP D 310 -5.68 19.74 15.05
C ASP D 310 -4.71 18.99 14.15
N GLU D 311 -3.44 18.94 14.54
CA GLU D 311 -2.47 18.23 13.73
C GLU D 311 -2.80 16.75 13.71
N TYR D 312 -3.11 16.16 14.87
CA TYR D 312 -3.48 14.75 14.92
C TYR D 312 -4.74 14.50 14.11
N LEU D 313 -5.69 15.43 14.18
CA LEU D 313 -6.94 15.25 13.46
C LEU D 313 -6.72 15.17 11.95
N SER D 314 -5.75 15.92 11.42
CA SER D 314 -5.55 15.88 9.97
C SER D 314 -4.70 14.72 9.53
N ALA D 315 -3.77 14.34 10.39
CA ALA D 315 -2.92 13.20 10.08
C ALA D 315 -3.69 11.89 10.01
N LEU D 316 -4.79 11.77 10.76
CA LEU D 316 -5.54 10.52 10.84
C LEU D 316 -6.71 10.43 9.87
N GLU D 317 -6.66 11.17 8.77
CA GLU D 317 -7.66 11.00 7.73
C GLU D 317 -7.48 9.70 6.93
N ASN D 318 -8.50 8.84 7.00
CA ASN D 318 -8.48 7.48 6.45
C ASN D 318 -9.79 7.30 5.70
N ARG D 319 -9.83 6.33 4.80
CA ARG D 319 -11.03 6.10 4.00
C ARG D 319 -11.92 5.11 4.72
N PHE D 320 -11.35 4.44 5.72
CA PHE D 320 -12.00 3.34 6.42
C PHE D 320 -12.86 3.78 7.61
N ASN D 321 -14.15 3.51 7.52
CA ASN D 321 -15.06 3.61 8.65
C ASN D 321 -16.13 2.56 8.52
N SER D 322 -16.21 1.66 9.48
CA SER D 322 -17.15 0.54 9.44
C SER D 322 -18.61 1.00 9.52
N GLY D 323 -18.83 2.28 9.76
CA GLY D 323 -20.17 2.83 9.72
C GLY D 323 -20.90 2.79 8.37
N LEU D 324 -20.21 2.42 7.30
CA LEU D 324 -20.86 2.25 6.01
C LEU D 324 -21.94 1.18 6.13
N ILE D 325 -21.73 0.22 7.02
CA ILE D 325 -22.66 -0.87 7.21
C ILE D 325 -24.05 -0.36 7.69
N ALA D 326 -24.04 0.65 8.55
CA ALA D 326 -25.26 1.28 9.02
C ALA D 326 -25.92 2.07 7.92
N GLU D 327 -25.12 2.63 6.99
CA GLU D 327 -25.69 3.38 5.87
C GLU D 327 -26.37 2.45 4.93
N VAL D 328 -25.75 1.34 4.64
CA VAL D 328 -26.38 0.42 3.74
C VAL D 328 -27.74 0.00 4.35
N ALA D 329 -27.76 -0.37 5.62
CA ALA D 329 -28.98 -0.77 6.27
C ALA D 329 -30.01 0.36 6.27
N GLU D 330 -29.56 1.58 6.52
CA GLU D 330 -30.43 2.76 6.49
C GLU D 330 -31.08 2.97 5.11
N ARG D 331 -30.28 2.91 4.06
CA ARG D 331 -30.74 3.23 2.71
C ARG D 331 -31.54 2.07 2.16
N ALA D 332 -31.40 0.87 2.72
CA ALA D 332 -32.13 -0.27 2.20
C ALA D 332 -33.54 -0.44 2.79
N ILE D 333 -34.03 0.56 3.49
CA ILE D 333 -35.32 0.36 4.10
C ILE D 333 -36.41 1.08 3.34
N GLU D 334 -37.44 0.32 2.94
CA GLU D 334 -38.61 0.89 2.29
C GLU D 334 -39.73 0.87 3.34
N CYS D 335 -40.40 2.00 3.57
CA CYS D 335 -41.51 2.04 4.52
C CYS D 335 -42.71 2.80 3.96
N VAL D 348 -45.83 -3.73 20.08
CA VAL D 348 -45.26 -4.68 21.02
C VAL D 348 -45.36 -6.13 20.46
N LEU D 349 -44.31 -6.93 20.65
CA LEU D 349 -43.68 -7.75 19.59
C LEU D 349 -44.02 -9.21 19.37
N LEU D 350 -44.10 -9.59 18.09
CA LEU D 350 -44.16 -11.00 17.71
C LEU D 350 -42.97 -11.47 16.87
N VAL D 351 -42.12 -12.33 17.44
CA VAL D 351 -40.89 -12.69 16.76
C VAL D 351 -40.71 -14.20 16.61
N PRO D 352 -40.36 -14.63 15.41
CA PRO D 352 -40.11 -16.01 14.97
C PRO D 352 -39.18 -16.80 15.88
N SER D 353 -39.36 -18.12 15.92
CA SER D 353 -38.62 -18.99 16.82
C SER D 353 -37.15 -19.09 16.45
N THR D 363 -29.07 -17.29 11.56
CA THR D 363 -30.22 -16.39 11.37
C THR D 363 -31.24 -16.43 12.52
N GLY D 364 -31.25 -17.52 13.28
CA GLY D 364 -32.12 -17.61 14.44
C GLY D 364 -31.71 -16.62 15.52
N ASP D 365 -30.42 -16.42 15.67
CA ASP D 365 -29.88 -15.48 16.66
C ASP D 365 -30.23 -14.03 16.34
N ASP D 366 -30.48 -13.75 15.06
CA ASP D 366 -30.86 -12.41 14.65
C ASP D 366 -32.22 -12.09 15.24
N TYR D 367 -33.10 -13.10 15.27
CA TYR D 367 -34.46 -12.98 15.80
C TYR D 367 -34.48 -12.72 17.30
N ASP D 368 -33.68 -13.51 18.01
CA ASP D 368 -33.48 -13.38 19.45
C ASP D 368 -33.10 -11.96 19.85
N LEU D 369 -32.38 -11.26 18.96
CA LEU D 369 -31.89 -9.92 19.27
C LEU D 369 -32.91 -8.79 19.03
N ILE D 370 -33.97 -9.10 18.29
CA ILE D 370 -34.98 -8.09 17.97
C ILE D 370 -35.61 -7.37 19.20
N PRO D 371 -35.93 -8.12 20.27
CA PRO D 371 -36.51 -7.40 21.41
C PRO D 371 -35.55 -6.37 22.00
N GLU D 372 -34.30 -6.78 22.16
CA GLU D 372 -33.29 -5.89 22.68
C GLU D 372 -33.15 -4.66 21.80
N VAL D 373 -33.16 -4.87 20.50
CA VAL D 373 -33.04 -3.74 19.58
C VAL D 373 -34.26 -2.87 19.75
N ALA D 374 -35.40 -3.52 19.97
CA ALA D 374 -36.66 -2.84 20.13
C ALA D 374 -36.73 -2.00 21.41
N LYS D 375 -36.22 -2.53 22.52
CA LYS D 375 -36.30 -1.85 23.81
C LYS D 375 -35.62 -0.49 23.81
N ARG D 376 -34.76 -0.22 22.84
CA ARG D 376 -34.17 1.10 22.68
C ARG D 376 -35.16 2.14 22.14
N PHE D 377 -36.18 1.69 21.43
CA PHE D 377 -37.09 2.65 20.80
C PHE D 377 -38.53 2.66 21.30
N PHE D 378 -38.99 1.54 21.86
CA PHE D 378 -40.37 1.40 22.28
C PHE D 378 -40.40 0.63 23.59
N LYS D 379 -41.29 0.94 24.52
CA LYS D 379 -41.47 0.00 25.60
C LYS D 379 -42.15 -1.26 25.10
N VAL D 380 -41.57 -2.39 25.48
CA VAL D 380 -41.98 -3.69 24.99
C VAL D 380 -42.58 -4.48 26.15
N ARG D 381 -43.86 -4.83 26.01
CA ARG D 381 -44.59 -5.53 27.06
C ARG D 381 -44.29 -7.03 27.05
N ASP D 382 -44.56 -7.67 25.93
CA ASP D 382 -44.20 -9.07 25.80
C ASP D 382 -43.81 -9.42 24.38
N VAL D 383 -43.09 -10.52 24.27
CA VAL D 383 -42.61 -11.01 23.01
C VAL D 383 -43.03 -12.48 22.95
N ILE D 384 -43.78 -12.82 21.91
CA ILE D 384 -44.25 -14.21 21.78
C ILE D 384 -43.47 -14.85 20.65
N ARG D 385 -42.83 -15.98 20.99
CA ARG D 385 -41.89 -16.67 20.12
C ARG D 385 -42.63 -17.63 19.21
N TYR D 386 -42.79 -17.11 18.01
CA TYR D 386 -43.66 -17.59 16.97
C TYR D 386 -43.13 -18.65 15.96
N ASP D 387 -44.06 -19.36 15.31
CA ASP D 387 -43.76 -20.41 14.29
C ASP D 387 -44.41 -20.10 12.94
N ILE D 388 -43.59 -20.08 11.89
CA ILE D 388 -44.07 -19.74 10.54
C ILE D 388 -44.31 -20.98 9.67
N GLU D 389 -44.21 -22.19 10.23
CA GLU D 389 -44.61 -23.39 9.52
C GLU D 389 -46.04 -23.58 9.96
N ALA D 390 -46.44 -22.68 10.86
CA ALA D 390 -47.81 -22.58 11.32
C ALA D 390 -48.43 -21.21 11.05
N GLY D 391 -47.72 -20.14 11.39
CA GLY D 391 -48.25 -18.79 11.33
C GLY D 391 -48.61 -18.25 12.70
N PRO D 392 -48.91 -16.94 12.80
CA PRO D 392 -49.14 -16.36 14.13
C PRO D 392 -50.50 -16.68 14.75
N ASP D 393 -50.47 -17.11 16.01
CA ASP D 393 -51.64 -17.11 16.87
C ASP D 393 -52.36 -15.75 16.82
N ASP D 394 -53.67 -15.75 17.04
CA ASP D 394 -54.44 -14.51 17.07
C ASP D 394 -53.97 -13.76 18.31
N VAL D 395 -53.88 -12.43 18.25
CA VAL D 395 -53.21 -11.71 19.33
C VAL D 395 -53.78 -10.32 19.61
N ASP D 396 -53.44 -9.81 20.79
CA ASP D 396 -53.92 -8.50 21.21
C ASP D 396 -52.84 -7.63 21.83
N GLY D 397 -53.15 -6.34 21.88
CA GLY D 397 -52.31 -5.31 22.49
C GLY D 397 -52.81 -4.00 21.92
N GLU D 398 -52.33 -2.88 22.44
CA GLU D 398 -52.71 -1.59 21.87
C GLU D 398 -51.93 -1.36 20.59
N LEU D 399 -50.74 -1.98 20.48
CA LEU D 399 -49.94 -1.92 19.26
C LEU D 399 -49.02 -3.14 19.09
N ILE D 400 -49.06 -3.71 17.89
CA ILE D 400 -48.36 -4.95 17.59
C ILE D 400 -47.39 -4.80 16.40
N PHE D 401 -46.20 -5.35 16.56
CA PHE D 401 -45.21 -5.39 15.49
C PHE D 401 -45.05 -6.83 15.01
N ASP D 402 -45.42 -7.08 13.75
CA ASP D 402 -45.28 -8.42 13.20
C ASP D 402 -43.99 -8.56 12.40
N PHE D 403 -43.09 -9.42 12.88
CA PHE D 403 -41.87 -9.68 12.16
C PHE D 403 -42.07 -10.89 11.27
N VAL D 404 -42.55 -10.59 10.08
CA VAL D 404 -43.00 -11.59 9.12
C VAL D 404 -41.80 -12.26 8.48
N VAL D 405 -41.79 -13.58 8.45
CA VAL D 405 -40.82 -14.26 7.62
C VAL D 405 -41.51 -15.24 6.67
N ASN D 406 -41.42 -14.92 5.38
CA ASN D 406 -41.94 -15.72 4.25
C ASN D 406 -43.35 -16.22 4.58
N ALA D 407 -44.26 -15.27 4.68
CA ALA D 407 -45.64 -15.52 5.05
C ALA D 407 -46.39 -16.43 4.07
N SER D 408 -45.87 -16.59 2.85
CA SER D 408 -46.66 -17.15 1.76
C SER D 408 -46.45 -18.64 1.51
N LYS D 409 -45.81 -19.33 2.44
CA LYS D 409 -45.52 -20.75 2.26
C LYS D 409 -46.83 -21.52 2.12
N ASN D 410 -47.90 -20.98 2.70
CA ASN D 410 -49.23 -21.59 2.73
C ASN D 410 -50.23 -20.41 2.76
N GLU D 411 -51.52 -20.65 2.57
CA GLU D 411 -52.48 -19.54 2.55
C GLU D 411 -53.05 -19.23 3.93
N GLN D 412 -52.89 -20.16 4.87
CA GLN D 412 -53.38 -19.93 6.21
C GLN D 412 -52.31 -19.37 7.11
N VAL D 413 -51.05 -19.42 6.68
CA VAL D 413 -50.05 -18.63 7.35
C VAL D 413 -50.22 -17.20 6.89
N LEU D 414 -50.63 -17.01 5.63
CA LEU D 414 -50.73 -15.65 5.14
C LEU D 414 -51.90 -14.89 5.74
N GLN D 415 -52.97 -15.59 6.07
CA GLN D 415 -54.11 -14.88 6.61
C GLN D 415 -54.08 -15.11 8.12
N ALA D 416 -53.10 -15.90 8.56
CA ALA D 416 -52.75 -15.89 9.96
C ALA D 416 -52.17 -14.51 10.23
N HIS D 417 -51.36 -14.04 9.29
CA HIS D 417 -50.75 -12.71 9.41
C HIS D 417 -51.69 -11.55 9.19
N LEU D 418 -52.68 -11.68 8.31
CA LEU D 418 -53.54 -10.53 8.04
C LEU D 418 -54.74 -10.46 8.97
N SER D 419 -54.91 -11.50 9.78
CA SER D 419 -55.93 -11.54 10.83
C SER D 419 -55.63 -10.72 12.08
N LEU D 420 -54.64 -9.85 12.02
CA LEU D 420 -54.20 -9.16 13.23
C LEU D 420 -54.75 -7.73 13.37
N PRO D 421 -54.88 -7.24 14.63
CA PRO D 421 -55.47 -5.92 14.92
C PRO D 421 -54.74 -4.89 14.06
N SER D 422 -55.45 -4.42 13.05
CA SER D 422 -54.83 -4.03 11.80
C SER D 422 -54.51 -2.56 11.53
N ASP D 423 -55.13 -1.63 12.23
CA ASP D 423 -54.66 -0.25 12.13
C ASP D 423 -53.81 -0.04 13.36
N ARG D 424 -53.34 -1.16 13.88
CA ARG D 424 -52.53 -1.17 15.07
C ARG D 424 -51.47 -2.23 14.85
N THR D 425 -51.27 -2.57 13.59
CA THR D 425 -50.20 -3.47 13.19
C THR D 425 -49.24 -2.80 12.22
N ILE D 426 -47.94 -2.91 12.50
CA ILE D 426 -46.94 -2.55 11.51
C ILE D 426 -46.19 -3.82 11.18
N TYR D 427 -46.10 -4.13 9.90
CA TYR D 427 -45.41 -5.33 9.44
C TYR D 427 -43.96 -5.07 9.04
N PHE D 428 -43.04 -5.78 9.67
CA PHE D 428 -41.66 -5.72 9.28
C PHE D 428 -41.36 -6.93 8.41
N ILE D 429 -41.28 -6.74 7.10
CA ILE D 429 -40.92 -7.86 6.23
C ILE D 429 -39.41 -8.03 6.18
N ILE D 430 -38.90 -9.04 6.88
CA ILE D 430 -37.47 -9.16 7.04
C ILE D 430 -36.82 -10.31 6.26
N ARG D 431 -37.58 -11.20 5.63
CA ARG D 431 -36.90 -12.21 4.83
C ARG D 431 -37.29 -12.16 3.37
N ASN D 432 -38.54 -12.44 3.04
CA ASN D 432 -38.90 -12.41 1.62
C ASN D 432 -39.62 -11.13 1.30
N PRO D 433 -38.91 -10.16 0.72
CA PRO D 433 -39.53 -8.84 0.55
C PRO D 433 -40.59 -8.87 -0.53
N PHE D 434 -40.73 -9.97 -1.24
CA PHE D 434 -41.75 -10.02 -2.28
C PHE D 434 -43.13 -10.06 -1.65
N ASP D 435 -43.23 -10.72 -0.50
CA ASP D 435 -44.47 -10.83 0.26
C ASP D 435 -45.19 -9.52 0.55
N ALA D 436 -44.55 -8.39 0.34
CA ALA D 436 -45.14 -7.11 0.65
C ALA D 436 -46.41 -6.87 -0.18
N LYS D 437 -46.50 -7.56 -1.30
CA LYS D 437 -47.71 -7.55 -2.13
C LYS D 437 -48.89 -8.19 -1.41
N PHE D 438 -48.61 -9.19 -0.56
CA PHE D 438 -49.65 -9.93 0.16
C PHE D 438 -50.14 -9.26 1.43
N PHE D 439 -49.73 -8.02 1.64
CA PHE D 439 -50.21 -7.27 2.79
C PHE D 439 -50.67 -5.89 2.30
N PRO D 440 -51.55 -5.86 1.28
CA PRO D 440 -51.91 -4.59 0.64
C PRO D 440 -52.73 -3.72 1.58
N GLY D 441 -52.61 -2.40 1.46
CA GLY D 441 -53.32 -1.48 2.33
C GLY D 441 -52.76 -1.41 3.74
N ARG D 442 -51.84 -2.32 4.07
CA ARG D 442 -51.28 -2.43 5.41
C ARG D 442 -50.08 -1.53 5.62
N SER D 443 -49.74 -1.25 6.88
CA SER D 443 -48.52 -0.52 7.18
C SER D 443 -47.33 -1.48 7.14
N VAL D 444 -46.41 -1.16 6.25
CA VAL D 444 -45.35 -2.08 5.93
C VAL D 444 -43.96 -1.48 5.97
N VAL D 445 -43.06 -2.19 6.65
CA VAL D 445 -41.64 -1.91 6.60
C VAL D 445 -40.89 -3.09 6.02
N ILE D 446 -40.12 -2.82 4.96
CA ILE D 446 -39.26 -3.82 4.35
C ILE D 446 -37.81 -3.52 4.70
N THR D 447 -37.12 -4.47 5.31
CA THR D 447 -35.76 -4.19 5.72
C THR D 447 -34.76 -4.72 4.72
N HIS D 448 -35.14 -5.79 4.05
CA HIS D 448 -34.27 -6.54 3.16
C HIS D 448 -33.20 -7.24 3.94
N SER D 449 -33.37 -7.33 5.26
CA SER D 449 -32.38 -8.01 6.08
C SER D 449 -32.87 -8.36 7.47
N THR D 450 -32.39 -9.47 7.99
CA THR D 450 -32.67 -9.89 9.34
C THR D 450 -31.66 -9.42 10.39
N LYS D 451 -30.63 -8.69 9.97
CA LYS D 451 -29.54 -8.33 10.89
C LYS D 451 -30.02 -7.25 11.85
N PRO D 452 -29.57 -7.32 13.09
CA PRO D 452 -29.92 -6.36 14.14
C PRO D 452 -29.72 -4.93 13.70
N ILE D 453 -28.66 -4.60 12.97
CA ILE D 453 -28.47 -3.22 12.48
C ILE D 453 -29.60 -2.80 11.54
N SER D 454 -30.15 -3.75 10.78
CA SER D 454 -31.23 -3.40 9.85
C SER D 454 -32.53 -3.16 10.61
N VAL D 455 -32.88 -4.10 11.47
CA VAL D 455 -34.02 -3.94 12.33
C VAL D 455 -33.91 -2.62 13.07
N TYR D 456 -32.73 -2.37 13.64
CA TYR D 456 -32.43 -1.13 14.34
C TYR D 456 -32.69 0.11 13.50
N LYS D 457 -32.20 0.12 12.27
CA LYS D 457 -32.39 1.27 11.39
C LYS D 457 -33.84 1.39 10.91
N SER D 458 -34.56 0.28 10.86
CA SER D 458 -35.96 0.33 10.46
C SER D 458 -36.79 0.99 11.56
N PHE D 459 -36.45 0.72 12.83
CA PHE D 459 -37.09 1.45 13.91
C PHE D 459 -36.79 2.94 13.82
N GLN D 460 -35.56 3.32 13.50
CA GLN D 460 -35.25 4.74 13.39
C GLN D 460 -35.96 5.39 12.21
N HIS D 461 -36.24 4.60 11.18
CA HIS D 461 -36.82 5.14 9.96
C HIS D 461 -38.30 5.29 10.20
N LEU D 462 -38.82 4.38 11.04
CA LEU D 462 -40.22 4.33 11.43
C LEU D 462 -40.57 5.50 12.35
N LEU D 463 -39.66 5.81 13.27
CA LEU D 463 -39.82 6.94 14.17
C LEU D 463 -39.43 8.25 13.48
N GLY D 464 -38.91 8.17 12.27
CA GLY D 464 -38.50 9.35 11.54
C GLY D 464 -39.37 9.59 10.33
ZN ZN E . 30.66 6.97 4.43
ZN ZN F . 35.63 7.17 -2.63
ZN ZN G . 34.86 15.31 19.17
ZN ZN H . 10.18 -13.64 -22.49
ZN ZN I . 33.72 -9.57 -43.46
ZN ZN J . 1.94 -5.96 -36.89
ZN ZN K . 9.07 -13.77 -30.98
ZN ZN L . 31.95 3.99 0.11
ZN ZN M . 26.56 -27.56 10.66
ZN ZN N . 25.04 25.85 7.47
ZN ZN O . -6.87 10.60 -30.71
ZN ZN P . -1.72 16.84 -34.01
ZN ZN Q . -15.60 -0.79 -41.10
ZN ZN R . 7.68 27.36 2.05
ZN ZN S . 23.19 48.80 -15.68
ZN ZN T . 15.11 31.42 4.62
ZN ZN U . -3.46 15.11 -28.61
ZN ZN V . -13.86 38.26 -14.38
ZN ZN W . -29.41 27.06 -9.91
ZN ZN X . 8.31 -16.45 33.71
ZN ZN Y . -24.99 -19.77 -6.07
ZN ZN Z . -26.93 -26.26 -0.62
ZN ZN AA . -35.82 -14.54 -18.47
ZN ZN BA . 7.43 -22.63 16.52
ZN ZN CA . -36.68 -18.40 -19.73
ZN ZN DA . 5.34 -30.86 -20.70
ZN ZN EA . 9.23 -24.47 24.55
ZN ZN FA . -37.20 -4.52 -2.33
ZN ZN GA . -0.36 1.77 33.95
ZN ZN HA . -7.89 0.80 38.28
ZN ZN IA . 15.02 -0.15 41.49
ZN ZN JA . -27.53 8.58 5.93
ZN ZN KA . -5.57 3.86 32.30
ZN ZN LA . -4.14 34.25 21.76
ZN ZN MA . -34.93 6.06 3.67
#